data_6CUT
#
_entry.id   6CUT
#
_cell.length_a   82.225
_cell.length_b   107.434
_cell.length_c   159.251
_cell.angle_alpha   90.000
_cell.angle_beta   90.000
_cell.angle_gamma   90.000
#
_symmetry.space_group_name_H-M   'P 21 21 21'
#
loop_
_entity.id
_entity.type
_entity.pdbx_description
1 polymer 'Tryptophan synthase beta chain 1'
2 non-polymer '(2S,3S)-3-hydroxy-2-[(E)-({3-hydroxy-2-methyl-5-[(phosphonooxy)methyl]pyridin-4-yl}methylidene)amino]-4-methylpentanoic acid (non-preferred name)'
3 non-polymer 'SODIUM ION'
4 water water
#
_entity_poly.entity_id   1
_entity_poly.type   'polypeptide(L)'
_entity_poly.pdbx_seq_one_letter_code
;MWFGEFGGQYVPETLVGPLKELEKAYKRFKDDEEFNRQLNYYLKTWAGRPTPLYYAKRLTEKIGGAKIYLKREDLVHGGA
HKTNNAIGQAPLAKLMGKTRLIAETGAGQHGVATAMAGALLGMKVDIYMGAEDVERQKMNVFRMKLLGANVIPVNSGSRT
AKDAINEALRDWEATFEYTHYLIGSVVGPHPYPTIVRDFQSVIGREAKAQILEAEGQLPDVIVACVGGGSNAMGIFYPFV
NDKKVKLVGVEAGGKGLESGKHSASLNAGQVGVLHGMLSYFLQDEEGQIKPSHSIAPGLDYPGVGPEHAYLKKIQRAEYV
TVTDEEALKAFHELSRTEGIIPALESAHAVAYAMKLAKEMSRDEIIIVNLSGRGDKDLDIVLKASGNV
;
_entity_poly.pdbx_strand_id   A,B,C,D
#
# COMPACT_ATOMS: atom_id res chain seq x y z
N MET A 1 -36.56 11.52 26.67
CA MET A 1 -37.68 10.53 26.76
C MET A 1 -38.60 10.59 25.55
N TRP A 2 -38.81 11.80 25.03
CA TRP A 2 -39.77 12.03 23.97
C TRP A 2 -39.07 12.44 22.69
N PHE A 3 -39.60 11.94 21.57
CA PHE A 3 -39.19 12.38 20.25
C PHE A 3 -40.45 12.97 19.64
N GLY A 4 -40.63 14.26 19.85
CA GLY A 4 -41.91 14.89 19.57
C GLY A 4 -42.93 14.24 20.47
N GLU A 5 -43.98 13.70 19.88
CA GLU A 5 -45.05 13.07 20.64
C GLU A 5 -44.80 11.57 20.93
N PHE A 6 -43.75 11.01 20.34
CA PHE A 6 -43.49 9.57 20.44
C PHE A 6 -42.44 9.26 21.50
N GLY A 7 -42.54 8.08 22.08
CA GLY A 7 -41.56 7.59 23.05
C GLY A 7 -42.22 7.29 24.38
N GLY A 8 -41.63 7.80 25.45
CA GLY A 8 -42.22 7.70 26.78
C GLY A 8 -41.70 6.51 27.55
N GLN A 9 -42.40 6.19 28.63
CA GLN A 9 -41.97 5.20 29.59
C GLN A 9 -43.20 4.49 30.20
N TYR A 10 -43.88 3.71 29.37
CA TYR A 10 -45.16 3.10 29.74
C TYR A 10 -44.97 1.68 30.26
N VAL A 11 -44.62 1.60 31.54
CA VAL A 11 -44.29 0.34 32.18
C VAL A 11 -45.00 0.28 33.53
N PRO A 12 -45.06 -0.92 34.14
CA PRO A 12 -45.54 -0.98 35.52
C PRO A 12 -44.64 -0.17 36.44
N GLU A 13 -45.22 0.38 37.52
CA GLU A 13 -44.49 1.24 38.46
C GLU A 13 -43.23 0.58 39.03
N THR A 14 -43.25 -0.75 39.13
CA THR A 14 -42.10 -1.50 39.61
C THR A 14 -40.83 -1.32 38.76
N LEU A 15 -40.99 -0.99 37.48
CA LEU A 15 -39.86 -0.75 36.59
C LEU A 15 -39.39 0.71 36.54
N VAL A 16 -40.14 1.63 37.15
CA VAL A 16 -39.79 3.05 37.12
C VAL A 16 -38.47 3.29 37.85
N GLY A 17 -38.28 2.61 38.98
CA GLY A 17 -37.02 2.68 39.73
C GLY A 17 -35.80 2.27 38.90
N PRO A 18 -35.75 1.00 38.45
CA PRO A 18 -34.63 0.54 37.64
C PRO A 18 -34.37 1.37 36.37
N LEU A 19 -35.41 1.90 35.74
CA LEU A 19 -35.23 2.74 34.56
C LEU A 19 -34.58 4.07 34.91
N LYS A 20 -34.99 4.65 36.04
CA LYS A 20 -34.36 5.88 36.56
C LYS A 20 -32.89 5.63 36.88
N GLU A 21 -32.60 4.48 37.49
CA GLU A 21 -31.22 4.09 37.81
C GLU A 21 -30.39 3.86 36.55
N LEU A 22 -31.01 3.28 35.52
CA LEU A 22 -30.34 3.09 34.23
C LEU A 22 -30.06 4.43 33.58
N GLU A 23 -31.04 5.33 33.60
CA GLU A 23 -30.87 6.67 33.05
C GLU A 23 -29.77 7.44 33.78
N LYS A 24 -29.72 7.30 35.10
CA LYS A 24 -28.71 7.96 35.92
C LYS A 24 -27.32 7.43 35.57
N ALA A 25 -27.18 6.10 35.53
CA ALA A 25 -25.91 5.46 35.20
C ALA A 25 -25.44 5.80 33.79
N TYR A 26 -26.37 5.77 32.82
CA TYR A 26 -26.02 6.16 31.46
C TYR A 26 -25.56 7.61 31.42
N LYS A 27 -26.32 8.50 32.04
CA LYS A 27 -25.93 9.92 32.15
C LYS A 27 -24.51 10.07 32.70
N ARG A 28 -24.19 9.30 33.74
CA ARG A 28 -22.87 9.33 34.37
C ARG A 28 -21.74 8.81 33.46
N PHE A 29 -21.94 7.65 32.85
CA PHE A 29 -20.86 6.98 32.10
C PHE A 29 -20.79 7.34 30.61
N LYS A 30 -21.88 7.89 30.06
CA LYS A 30 -21.98 8.20 28.62
C LYS A 30 -20.78 8.97 28.06
N ASP A 31 -20.35 10.01 28.78
CA ASP A 31 -19.21 10.84 28.35
C ASP A 31 -18.00 10.64 29.27
N ASP A 32 -17.99 9.55 30.02
CA ASP A 32 -16.90 9.25 30.95
C ASP A 32 -15.70 8.68 30.19
N GLU A 33 -14.50 9.12 30.58
CA GLU A 33 -13.27 8.75 29.88
C GLU A 33 -13.01 7.25 29.88
N GLU A 34 -12.97 6.63 31.06
CA GLU A 34 -12.65 5.20 31.18
C GLU A 34 -13.68 4.32 30.49
N PHE A 35 -14.97 4.62 30.68
CA PHE A 35 -16.05 3.86 30.03
C PHE A 35 -15.87 3.87 28.52
N ASN A 36 -15.66 5.06 27.96
CA ASN A 36 -15.48 5.21 26.52
C ASN A 36 -14.18 4.61 26.00
N ARG A 37 -13.11 4.67 26.79
CA ARG A 37 -11.83 4.04 26.41
C ARG A 37 -12.03 2.53 26.25
N GLN A 38 -12.61 1.92 27.28
CA GLN A 38 -12.96 0.50 27.27
C GLN A 38 -13.84 0.13 26.07
N LEU A 39 -14.86 0.93 25.83
CA LEU A 39 -15.82 0.65 24.79
C LEU A 39 -15.15 0.70 23.41
N ASN A 40 -14.36 1.74 23.18
CA ASN A 40 -13.67 1.91 21.91
C ASN A 40 -12.61 0.81 21.74
N TYR A 41 -11.95 0.45 22.84
CA TYR A 41 -10.99 -0.65 22.85
C TYR A 41 -11.67 -1.98 22.47
N TYR A 42 -12.83 -2.27 23.06
CA TYR A 42 -13.59 -3.46 22.69
C TYR A 42 -14.07 -3.39 21.25
N LEU A 43 -14.58 -2.23 20.84
CA LEU A 43 -15.08 -2.09 19.46
C LEU A 43 -13.98 -2.32 18.45
N LYS A 44 -12.77 -1.83 18.76
CA LYS A 44 -11.63 -1.98 17.87
C LYS A 44 -11.07 -3.40 17.85
N THR A 45 -10.67 -3.91 19.01
CA THR A 45 -9.87 -5.13 19.05
C THR A 45 -10.72 -6.39 19.09
N TRP A 46 -11.93 -6.30 19.64
CA TRP A 46 -12.80 -7.46 19.77
C TRP A 46 -13.86 -7.51 18.65
N ALA A 47 -14.52 -6.38 18.39
CA ALA A 47 -15.57 -6.33 17.37
C ALA A 47 -15.07 -6.02 15.96
N GLY A 48 -13.88 -5.44 15.85
CA GLY A 48 -13.23 -5.18 14.56
C GLY A 48 -13.59 -3.87 13.87
N ARG A 49 -13.96 -2.84 14.63
CA ARG A 49 -14.26 -1.52 14.08
C ARG A 49 -12.95 -0.76 13.82
N PRO A 50 -12.90 0.11 12.80
CA PRO A 50 -14.02 0.46 11.95
C PRO A 50 -14.31 -0.56 10.87
N THR A 51 -15.57 -0.66 10.47
CA THR A 51 -15.91 -1.47 9.31
C THR A 51 -15.71 -0.62 8.06
N PRO A 52 -15.40 -1.27 6.92
CA PRO A 52 -15.14 -0.50 5.70
C PRO A 52 -16.40 0.05 5.03
N LEU A 53 -16.20 1.07 4.21
CA LEU A 53 -17.21 1.57 3.30
C LEU A 53 -16.79 1.12 1.91
N TYR A 54 -17.61 0.28 1.29
CA TYR A 54 -17.24 -0.39 0.06
C TYR A 54 -17.98 0.21 -1.11
N TYR A 55 -17.25 0.55 -2.18
CA TYR A 55 -17.85 1.00 -3.43
C TYR A 55 -18.25 -0.22 -4.26
N ALA A 56 -19.56 -0.46 -4.38
CA ALA A 56 -20.07 -1.55 -5.21
C ALA A 56 -20.01 -1.14 -6.68
N LYS A 57 -18.80 -1.16 -7.24
CA LYS A 57 -18.55 -0.68 -8.60
C LYS A 57 -19.30 -1.47 -9.68
N ARG A 58 -19.25 -2.80 -9.60
CA ARG A 58 -19.90 -3.64 -10.60
C ARG A 58 -21.42 -3.48 -10.56
N LEU A 59 -21.99 -3.44 -9.35
CA LEU A 59 -23.42 -3.23 -9.19
C LEU A 59 -23.82 -1.86 -9.73
N THR A 60 -23.04 -0.84 -9.39
CA THR A 60 -23.29 0.54 -9.85
C THR A 60 -23.32 0.64 -11.39
N GLU A 61 -22.28 0.14 -12.04
CA GLU A 61 -22.14 0.22 -13.49
C GLU A 61 -23.17 -0.65 -14.23
N LYS A 62 -23.61 -1.72 -13.58
CA LYS A 62 -24.66 -2.56 -14.12
C LYS A 62 -26.02 -1.83 -14.15
N ILE A 63 -26.30 -1.08 -13.09
CA ILE A 63 -27.54 -0.32 -13.00
C ILE A 63 -27.46 0.96 -13.83
N GLY A 64 -26.28 1.56 -13.88
CA GLY A 64 -26.00 2.69 -14.77
C GLY A 64 -26.49 4.03 -14.27
N GLY A 65 -26.62 4.16 -12.96
CA GLY A 65 -27.08 5.41 -12.34
C GLY A 65 -26.15 5.83 -11.22
N ALA A 66 -26.72 6.16 -10.06
CA ALA A 66 -25.94 6.67 -8.93
C ALA A 66 -24.95 5.65 -8.39
N LYS A 67 -23.87 6.16 -7.79
CA LYS A 67 -22.88 5.32 -7.13
C LYS A 67 -23.46 4.68 -5.87
N ILE A 68 -23.28 3.37 -5.75
CA ILE A 68 -23.76 2.61 -4.61
C ILE A 68 -22.58 2.22 -3.72
N TYR A 69 -22.56 2.80 -2.51
CA TYR A 69 -21.60 2.43 -1.49
C TYR A 69 -22.31 1.58 -0.43
N LEU A 70 -21.59 0.59 0.10
CA LEU A 70 -22.09 -0.27 1.17
C LEU A 70 -21.28 -0.06 2.45
N LYS A 71 -21.96 0.32 3.54
CA LYS A 71 -21.34 0.38 4.86
C LYS A 71 -21.36 -1.04 5.43
N ARG A 72 -20.18 -1.62 5.66
CA ARG A 72 -20.01 -3.07 5.84
C ARG A 72 -20.16 -3.55 7.29
N GLU A 73 -21.35 -3.34 7.87
CA GLU A 73 -21.65 -3.88 9.20
C GLU A 73 -21.72 -5.41 9.21
N ASP A 74 -21.81 -6.02 8.03
CA ASP A 74 -21.71 -7.48 7.90
C ASP A 74 -20.37 -8.04 8.42
N LEU A 75 -19.34 -7.20 8.50
CA LEU A 75 -18.01 -7.62 8.94
C LEU A 75 -17.76 -7.46 10.44
N VAL A 76 -18.69 -6.84 11.15
CA VAL A 76 -18.58 -6.72 12.60
C VAL A 76 -18.62 -8.11 13.20
N HIS A 77 -17.87 -8.31 14.28
CA HIS A 77 -17.86 -9.58 15.02
C HIS A 77 -19.29 -9.99 15.39
N GLY A 78 -19.65 -11.21 15.03
CA GLY A 78 -21.02 -11.68 15.22
C GLY A 78 -21.82 -11.71 13.93
N GLY A 79 -21.42 -10.89 12.95
CA GLY A 79 -22.07 -10.85 11.64
C GLY A 79 -23.15 -9.80 11.46
N ALA A 80 -23.28 -8.89 12.41
CA ALA A 80 -24.25 -7.81 12.32
C ALA A 80 -23.93 -6.62 13.19
N HIS A 81 -24.63 -5.52 12.95
CA HIS A 81 -24.48 -4.29 13.73
C HIS A 81 -24.84 -4.46 15.22
N LYS A 82 -25.59 -5.50 15.57
CA LYS A 82 -26.10 -5.68 16.93
C LYS A 82 -25.02 -5.64 18.00
N THR A 83 -23.84 -6.13 17.65
CA THR A 83 -22.70 -6.13 18.55
C THR A 83 -22.34 -4.75 19.09
N ASN A 84 -22.48 -3.71 18.26
CA ASN A 84 -22.17 -2.33 18.67
C ASN A 84 -22.94 -1.96 19.94
N ASN A 85 -24.21 -2.34 19.98
CA ASN A 85 -25.10 -2.03 21.11
C ASN A 85 -24.86 -2.99 22.28
N ALA A 86 -24.68 -4.28 22.00
CA ALA A 86 -24.44 -5.26 23.05
C ALA A 86 -23.20 -4.93 23.89
N ILE A 87 -22.11 -4.56 23.21
CA ILE A 87 -20.86 -4.26 23.91
C ILE A 87 -20.87 -2.86 24.52
N GLY A 88 -21.81 -2.02 24.10
CA GLY A 88 -22.06 -0.75 24.78
C GLY A 88 -22.77 -0.96 26.11
N GLN A 89 -23.84 -1.74 26.09
CA GLN A 89 -24.71 -1.92 27.26
C GLN A 89 -24.17 -2.90 28.31
N ALA A 90 -23.53 -3.97 27.88
CA ALA A 90 -23.10 -5.02 28.82
C ALA A 90 -22.13 -4.47 29.89
N PRO A 91 -21.08 -3.74 29.47
CA PRO A 91 -20.19 -3.18 30.50
C PRO A 91 -20.86 -2.12 31.39
N LEU A 92 -21.84 -1.39 30.86
CA LEU A 92 -22.63 -0.47 31.67
C LEU A 92 -23.36 -1.24 32.76
N ALA A 93 -23.95 -2.37 32.40
CA ALA A 93 -24.63 -3.25 33.36
C ALA A 93 -23.69 -3.72 34.46
N LYS A 94 -22.47 -4.12 34.08
CA LYS A 94 -21.46 -4.56 35.04
C LYS A 94 -21.11 -3.45 36.03
N LEU A 95 -20.89 -2.24 35.52
CA LEU A 95 -20.63 -1.06 36.35
C LEU A 95 -21.76 -0.74 37.31
N MET A 96 -23.01 -1.04 36.91
CA MET A 96 -24.17 -0.90 37.80
C MET A 96 -24.32 -2.04 38.80
N GLY A 97 -23.41 -3.02 38.77
CA GLY A 97 -23.42 -4.14 39.73
C GLY A 97 -24.22 -5.35 39.27
N LYS A 98 -24.66 -5.37 38.01
CA LYS A 98 -25.46 -6.48 37.50
C LYS A 98 -24.57 -7.67 37.14
N THR A 99 -25.07 -8.88 37.37
CA THR A 99 -24.33 -10.11 37.06
C THR A 99 -25.01 -10.97 35.98
N ARG A 100 -26.18 -10.54 35.52
CA ARG A 100 -26.96 -11.30 34.56
C ARG A 100 -27.52 -10.36 33.49
N LEU A 101 -27.46 -10.80 32.24
CA LEU A 101 -28.07 -10.08 31.13
C LEU A 101 -29.23 -10.92 30.63
N ILE A 102 -30.35 -10.27 30.34
CA ILE A 102 -31.42 -10.89 29.55
C ILE A 102 -31.65 -10.06 28.30
N ALA A 103 -32.14 -10.71 27.25
CA ALA A 103 -32.42 -10.05 25.99
C ALA A 103 -33.45 -10.83 25.19
N GLU A 104 -34.12 -10.09 24.31
CA GLU A 104 -35.02 -10.67 23.33
C GLU A 104 -34.24 -10.94 22.06
N THR A 105 -34.75 -11.82 21.20
CA THR A 105 -34.20 -11.91 19.85
C THR A 105 -35.21 -12.57 18.91
N GLY A 106 -35.16 -12.16 17.64
CA GLY A 106 -36.02 -12.70 16.59
C GLY A 106 -35.17 -13.42 15.56
N ALA A 107 -34.29 -12.69 14.89
CA ALA A 107 -33.35 -13.28 13.94
C ALA A 107 -32.21 -14.02 14.64
N GLY A 108 -32.00 -13.73 15.92
CA GLY A 108 -30.99 -14.42 16.71
C GLY A 108 -29.68 -13.67 16.78
N GLN A 109 -29.51 -12.64 15.95
CA GLN A 109 -28.25 -11.91 15.89
C GLN A 109 -28.05 -11.10 17.16
N HIS A 110 -29.13 -10.54 17.71
CA HIS A 110 -29.01 -9.77 18.95
C HIS A 110 -28.78 -10.70 20.14
N GLY A 111 -29.44 -11.85 20.11
CA GLY A 111 -29.20 -12.89 21.10
C GLY A 111 -27.75 -13.33 21.08
N VAL A 112 -27.21 -13.59 19.89
CA VAL A 112 -25.80 -13.96 19.75
C VAL A 112 -24.92 -12.83 20.26
N ALA A 113 -25.21 -11.60 19.84
CA ALA A 113 -24.43 -10.45 20.25
C ALA A 113 -24.45 -10.27 21.78
N THR A 114 -25.62 -10.46 22.39
CA THR A 114 -25.75 -10.40 23.83
C THR A 114 -24.98 -11.53 24.52
N ALA A 115 -25.11 -12.76 23.99
CA ALA A 115 -24.36 -13.90 24.50
C ALA A 115 -22.85 -13.72 24.38
N MET A 116 -22.39 -13.17 23.25
CA MET A 116 -20.98 -12.86 23.05
C MET A 116 -20.48 -11.84 24.08
N ALA A 117 -21.22 -10.76 24.24
CA ALA A 117 -20.85 -9.71 25.19
C ALA A 117 -20.84 -10.24 26.62
N GLY A 118 -21.85 -11.02 26.97
CA GLY A 118 -21.91 -11.66 28.28
C GLY A 118 -20.77 -12.63 28.54
N ALA A 119 -20.41 -13.42 27.54
CA ALA A 119 -19.28 -14.35 27.65
C ALA A 119 -17.98 -13.59 27.89
N LEU A 120 -17.71 -12.61 27.03
CA LEU A 120 -16.56 -11.71 27.17
C LEU A 120 -16.42 -11.17 28.59
N LEU A 121 -17.52 -10.66 29.14
CA LEU A 121 -17.52 -10.02 30.46
C LEU A 121 -17.78 -10.97 31.63
N GLY A 122 -18.01 -12.25 31.34
CA GLY A 122 -18.22 -13.26 32.37
C GLY A 122 -19.56 -13.17 33.08
N MET A 123 -20.58 -12.68 32.38
CA MET A 123 -21.92 -12.55 32.96
C MET A 123 -22.82 -13.70 32.52
N LYS A 124 -23.83 -14.00 33.32
CA LYS A 124 -24.84 -14.99 32.96
C LYS A 124 -25.77 -14.40 31.91
N VAL A 125 -26.24 -15.22 30.98
CA VAL A 125 -27.05 -14.74 29.86
C VAL A 125 -28.23 -15.66 29.59
N ASP A 126 -29.44 -15.10 29.69
CA ASP A 126 -30.67 -15.79 29.30
C ASP A 126 -31.32 -15.04 28.13
N ILE A 127 -31.58 -15.75 27.04
CA ILE A 127 -32.17 -15.14 25.85
C ILE A 127 -33.60 -15.66 25.65
N TYR A 128 -34.54 -14.73 25.59
CA TYR A 128 -35.93 -15.04 25.27
C TYR A 128 -36.11 -15.00 23.75
N MET A 129 -36.62 -16.09 23.18
CA MET A 129 -36.77 -16.21 21.74
C MET A 129 -38.09 -16.92 21.45
N GLY A 130 -38.85 -16.41 20.50
CA GLY A 130 -40.12 -17.03 20.12
C GLY A 130 -39.90 -18.41 19.52
N ALA A 131 -40.79 -19.35 19.84
CA ALA A 131 -40.66 -20.73 19.36
C ALA A 131 -40.56 -20.82 17.83
N GLU A 132 -41.36 -20.02 17.13
CA GLU A 132 -41.29 -19.95 15.66
C GLU A 132 -39.91 -19.51 15.20
N ASP A 133 -39.34 -18.53 15.88
CA ASP A 133 -38.01 -18.01 15.56
C ASP A 133 -36.90 -18.99 15.89
N VAL A 134 -37.05 -19.73 16.98
CA VAL A 134 -36.10 -20.77 17.35
C VAL A 134 -35.93 -21.76 16.19
N GLU A 135 -37.05 -22.15 15.57
CA GLU A 135 -37.06 -23.19 14.54
C GLU A 135 -36.50 -22.75 13.18
N ARG A 136 -36.45 -21.45 12.90
CA ARG A 136 -36.01 -20.95 11.59
C ARG A 136 -34.67 -20.21 11.57
N GLN A 137 -34.09 -19.94 12.74
CA GLN A 137 -32.76 -19.36 12.82
C GLN A 137 -31.92 -20.20 13.80
N LYS A 138 -32.06 -21.52 13.69
CA LYS A 138 -31.46 -22.48 14.64
C LYS A 138 -29.93 -22.48 14.67
N MET A 139 -29.30 -21.94 13.63
CA MET A 139 -27.85 -21.76 13.61
C MET A 139 -27.45 -20.80 14.73
N ASN A 140 -28.18 -19.69 14.85
CA ASN A 140 -27.94 -18.71 15.92
C ASN A 140 -28.30 -19.24 17.31
N VAL A 141 -29.32 -20.10 17.39
CA VAL A 141 -29.68 -20.75 18.66
C VAL A 141 -28.49 -21.55 19.20
N PHE A 142 -27.81 -22.28 18.32
CA PHE A 142 -26.66 -23.08 18.74
C PHE A 142 -25.46 -22.21 19.06
N ARG A 143 -25.27 -21.13 18.30
CA ARG A 143 -24.22 -20.16 18.60
C ARG A 143 -24.40 -19.63 20.02
N MET A 144 -25.63 -19.24 20.36
CA MET A 144 -25.95 -18.75 21.70
C MET A 144 -25.60 -19.77 22.79
N LYS A 145 -26.00 -21.02 22.58
CA LYS A 145 -25.71 -22.09 23.52
C LYS A 145 -24.21 -22.33 23.66
N LEU A 146 -23.49 -22.33 22.55
CA LEU A 146 -22.04 -22.52 22.56
C LEU A 146 -21.32 -21.38 23.28
N LEU A 147 -21.92 -20.19 23.23
CA LEU A 147 -21.44 -19.02 23.96
C LEU A 147 -21.77 -19.05 25.46
N GLY A 148 -22.49 -20.07 25.91
CA GLY A 148 -22.81 -20.23 27.32
C GLY A 148 -24.12 -19.58 27.74
N ALA A 149 -24.90 -19.09 26.78
CA ALA A 149 -26.19 -18.49 27.08
C ALA A 149 -27.26 -19.57 27.11
N ASN A 150 -28.33 -19.31 27.86
CA ASN A 150 -29.48 -20.18 27.88
C ASN A 150 -30.59 -19.57 27.04
N VAL A 151 -31.06 -20.33 26.04
CA VAL A 151 -32.16 -19.86 25.20
C VAL A 151 -33.47 -20.40 25.77
N ILE A 152 -34.35 -19.48 26.13
CA ILE A 152 -35.64 -19.80 26.73
C ILE A 152 -36.72 -19.62 25.67
N PRO A 153 -37.21 -20.74 25.09
CA PRO A 153 -38.26 -20.59 24.07
C PRO A 153 -39.56 -20.00 24.66
N VAL A 154 -40.15 -19.04 23.96
CA VAL A 154 -41.38 -18.39 24.41
C VAL A 154 -42.55 -18.92 23.58
N ASN A 155 -43.52 -19.51 24.27
CA ASN A 155 -44.67 -20.14 23.62
C ASN A 155 -45.94 -19.28 23.69
N SER A 156 -45.90 -18.20 24.48
CA SER A 156 -47.08 -17.36 24.69
C SER A 156 -47.40 -16.50 23.47
N GLY A 157 -48.66 -16.09 23.36
CA GLY A 157 -49.14 -15.29 22.24
C GLY A 157 -48.83 -15.92 20.88
N SER A 158 -48.26 -15.13 19.98
CA SER A 158 -47.91 -15.59 18.63
C SER A 158 -46.49 -16.19 18.53
N ARG A 159 -45.85 -16.45 19.67
CA ARG A 159 -44.55 -17.13 19.70
C ARG A 159 -43.48 -16.47 18.81
N THR A 160 -43.43 -15.14 18.84
CA THR A 160 -42.52 -14.35 17.99
C THR A 160 -41.76 -13.31 18.83
N ALA A 161 -41.01 -12.43 18.16
CA ALA A 161 -40.23 -11.39 18.84
C ALA A 161 -41.03 -10.54 19.82
N LYS A 162 -42.27 -10.19 19.47
CA LYS A 162 -43.10 -9.38 20.36
C LYS A 162 -43.34 -10.11 21.67
N ASP A 163 -43.54 -11.43 21.57
CA ASP A 163 -43.82 -12.26 22.73
C ASP A 163 -42.57 -12.49 23.58
N ALA A 164 -41.43 -12.66 22.91
CA ALA A 164 -40.13 -12.73 23.60
C ALA A 164 -39.91 -11.49 24.46
N ILE A 165 -40.21 -10.32 23.90
CA ILE A 165 -40.05 -9.06 24.63
C ILE A 165 -40.99 -9.02 25.83
N ASN A 166 -42.22 -9.49 25.66
CA ASN A 166 -43.19 -9.54 26.77
C ASN A 166 -42.67 -10.35 27.96
N GLU A 167 -42.07 -11.51 27.68
CA GLU A 167 -41.51 -12.35 28.73
C GLU A 167 -40.28 -11.72 29.36
N ALA A 168 -39.44 -11.07 28.56
CA ALA A 168 -38.25 -10.40 29.04
C ALA A 168 -38.59 -9.28 30.06
N LEU A 169 -39.62 -8.49 29.73
CA LEU A 169 -40.05 -7.41 30.62
C LEU A 169 -40.54 -7.96 31.97
N ARG A 170 -41.30 -9.04 31.94
CA ARG A 170 -41.78 -9.69 33.16
C ARG A 170 -40.63 -10.27 34.00
N ASP A 171 -39.65 -10.86 33.32
CA ASP A 171 -38.45 -11.35 33.99
C ASP A 171 -37.74 -10.21 34.67
N TRP A 172 -37.49 -9.13 33.93
CA TRP A 172 -36.77 -7.98 34.43
C TRP A 172 -37.45 -7.34 35.65
N GLU A 173 -38.77 -7.31 35.63
CA GLU A 173 -39.55 -6.77 36.74
C GLU A 173 -39.27 -7.52 38.07
N ALA A 174 -39.05 -8.83 37.98
CA ALA A 174 -38.74 -9.64 39.15
C ALA A 174 -37.25 -9.65 39.51
N THR A 175 -36.37 -9.50 38.50
CA THR A 175 -34.94 -9.75 38.68
C THR A 175 -34.03 -8.53 38.53
N PHE A 176 -34.59 -7.32 38.50
CA PHE A 176 -33.82 -6.12 38.14
C PHE A 176 -32.67 -5.77 39.09
N GLU A 177 -32.73 -6.24 40.33
CA GLU A 177 -31.65 -5.99 41.30
C GLU A 177 -30.29 -6.45 40.79
N TYR A 178 -30.26 -7.60 40.10
CA TYR A 178 -29.02 -8.17 39.55
C TYR A 178 -29.02 -8.36 38.02
N THR A 179 -30.15 -8.13 37.37
CA THR A 179 -30.30 -8.37 35.94
C THR A 179 -30.44 -7.07 35.16
N HIS A 180 -29.71 -6.97 34.04
CA HIS A 180 -29.90 -5.89 33.08
C HIS A 180 -30.65 -6.43 31.87
N TYR A 181 -31.71 -5.75 31.47
CA TYR A 181 -32.44 -6.11 30.26
C TYR A 181 -31.77 -5.39 29.09
N LEU A 182 -30.99 -6.14 28.31
CA LEU A 182 -30.23 -5.60 27.19
C LEU A 182 -31.10 -5.61 25.94
N ILE A 183 -31.84 -4.52 25.73
CA ILE A 183 -32.73 -4.38 24.58
C ILE A 183 -31.90 -4.17 23.31
N GLY A 184 -32.35 -4.80 22.23
CA GLY A 184 -31.56 -4.91 20.99
C GLY A 184 -31.94 -4.00 19.84
N SER A 185 -32.94 -3.16 20.01
CA SER A 185 -33.23 -2.14 19.00
C SER A 185 -33.61 -0.82 19.69
N VAL A 186 -33.93 0.20 18.90
CA VAL A 186 -34.26 1.53 19.42
C VAL A 186 -35.72 1.60 19.84
N VAL A 187 -36.11 0.66 20.69
CA VAL A 187 -37.49 0.44 21.12
C VAL A 187 -37.50 0.31 22.63
N GLY A 188 -38.68 0.14 23.21
CA GLY A 188 -38.81 -0.01 24.64
C GLY A 188 -38.97 1.33 25.31
N PRO A 189 -39.02 1.34 26.65
CA PRO A 189 -39.16 2.59 27.39
C PRO A 189 -37.86 3.37 27.40
N HIS A 190 -37.95 4.69 27.57
CA HIS A 190 -36.80 5.54 27.84
C HIS A 190 -36.05 4.94 29.04
N PRO A 191 -34.71 4.87 29.00
CA PRO A 191 -33.86 5.53 28.01
C PRO A 191 -33.35 4.64 26.86
N TYR A 192 -33.98 3.50 26.62
CA TYR A 192 -33.45 2.54 25.66
C TYR A 192 -33.40 3.04 24.21
N PRO A 193 -34.46 3.69 23.72
CA PRO A 193 -34.34 4.19 22.34
C PRO A 193 -33.16 5.14 22.13
N THR A 194 -32.87 5.98 23.13
CA THR A 194 -31.75 6.90 23.07
C THR A 194 -30.40 6.17 23.21
N ILE A 195 -30.31 5.26 24.17
CA ILE A 195 -29.07 4.54 24.43
C ILE A 195 -28.64 3.70 23.23
N VAL A 196 -29.56 2.93 22.67
CA VAL A 196 -29.25 2.07 21.54
C VAL A 196 -28.82 2.91 20.34
N ARG A 197 -29.54 3.99 20.08
CA ARG A 197 -29.19 4.89 18.98
C ARG A 197 -27.79 5.46 19.17
N ASP A 198 -27.46 5.85 20.41
CA ASP A 198 -26.14 6.38 20.72
C ASP A 198 -25.03 5.38 20.47
N PHE A 199 -25.24 4.12 20.84
CA PHE A 199 -24.25 3.08 20.61
C PHE A 199 -24.16 2.63 19.15
N GLN A 200 -25.23 2.85 18.38
CA GLN A 200 -25.18 2.53 16.96
C GLN A 200 -24.68 3.71 16.10
N SER A 201 -24.68 4.91 16.66
CA SER A 201 -24.23 6.11 15.95
C SER A 201 -22.80 6.03 15.41
N VAL A 202 -21.98 5.18 16.00
CA VAL A 202 -20.64 4.94 15.48
C VAL A 202 -20.66 4.56 13.97
N ILE A 203 -21.71 3.87 13.54
CA ILE A 203 -21.82 3.50 12.13
C ILE A 203 -21.81 4.74 11.23
N GLY A 204 -22.65 5.72 11.56
CA GLY A 204 -22.80 6.91 10.75
C GLY A 204 -21.62 7.85 10.83
N ARG A 205 -21.01 7.95 12.01
CA ARG A 205 -19.80 8.79 12.16
C ARG A 205 -18.66 8.24 11.32
N GLU A 206 -18.48 6.92 11.33
CA GLU A 206 -17.49 6.29 10.45
C GLU A 206 -17.84 6.50 8.99
N ALA A 207 -19.11 6.22 8.63
CA ALA A 207 -19.55 6.36 7.24
C ALA A 207 -19.34 7.78 6.72
N LYS A 208 -19.59 8.77 7.57
CA LYS A 208 -19.39 10.18 7.23
C LYS A 208 -17.92 10.43 6.90
N ALA A 209 -17.04 10.00 7.79
CA ALA A 209 -15.60 10.17 7.57
C ALA A 209 -15.16 9.43 6.31
N GLN A 210 -15.69 8.24 6.11
CA GLN A 210 -15.27 7.39 5.00
C GLN A 210 -15.75 7.91 3.63
N ILE A 211 -16.95 8.47 3.58
CA ILE A 211 -17.47 8.99 2.31
C ILE A 211 -16.78 10.31 1.92
N LEU A 212 -16.37 11.08 2.92
CA LEU A 212 -15.56 12.28 2.66
C LEU A 212 -14.19 11.91 2.09
N GLU A 213 -13.60 10.80 2.58
CA GLU A 213 -12.35 10.29 2.01
C GLU A 213 -12.53 9.82 0.57
N ALA A 214 -13.56 9.00 0.35
CA ALA A 214 -13.78 8.40 -0.96
C ALA A 214 -14.25 9.38 -2.04
N GLU A 215 -15.10 10.34 -1.67
CA GLU A 215 -15.77 11.20 -2.66
C GLU A 215 -15.65 12.72 -2.43
N GLY A 216 -15.18 13.13 -1.25
CA GLY A 216 -14.99 14.56 -0.95
C GLY A 216 -16.27 15.32 -0.67
N GLN A 217 -17.35 14.59 -0.40
CA GLN A 217 -18.67 15.18 -0.18
C GLN A 217 -19.55 14.21 0.56
N LEU A 218 -20.59 14.73 1.21
CA LEU A 218 -21.59 13.90 1.87
C LEU A 218 -22.43 13.21 0.80
N PRO A 219 -23.05 12.06 1.15
CA PRO A 219 -23.87 11.38 0.16
C PRO A 219 -25.17 12.13 -0.14
N ASP A 220 -25.78 11.80 -1.27
CA ASP A 220 -27.09 12.35 -1.62
C ASP A 220 -28.20 11.62 -0.88
N VAL A 221 -28.04 10.30 -0.72
CA VAL A 221 -29.01 9.46 -0.02
C VAL A 221 -28.34 8.40 0.86
N ILE A 222 -28.87 8.22 2.07
CA ILE A 222 -28.50 7.09 2.93
C ILE A 222 -29.72 6.18 3.03
N VAL A 223 -29.53 4.89 2.74
CA VAL A 223 -30.61 3.92 2.74
C VAL A 223 -30.31 2.83 3.77
N ALA A 224 -31.29 2.49 4.60
CA ALA A 224 -31.13 1.44 5.60
C ALA A 224 -32.45 0.74 5.86
N CYS A 225 -32.41 -0.56 6.08
CA CYS A 225 -33.61 -1.29 6.45
C CYS A 225 -34.03 -0.91 7.88
N VAL A 226 -35.32 -1.03 8.14
CA VAL A 226 -35.91 -0.64 9.42
C VAL A 226 -36.79 -1.76 9.95
N GLY A 227 -36.33 -2.40 11.03
CA GLY A 227 -37.19 -3.29 11.82
C GLY A 227 -37.68 -2.47 12.99
N GLY A 228 -37.01 -2.61 14.13
CA GLY A 228 -37.20 -1.68 15.24
C GLY A 228 -36.56 -0.34 14.93
N GLY A 229 -35.48 -0.39 14.16
CA GLY A 229 -34.86 0.82 13.61
C GLY A 229 -33.46 1.19 14.06
N SER A 230 -32.72 0.27 14.70
CA SER A 230 -31.42 0.61 15.29
C SER A 230 -30.28 0.81 14.28
N ASN A 231 -30.15 -0.07 13.29
CA ASN A 231 -29.10 0.11 12.28
C ASN A 231 -29.35 1.38 11.48
N ALA A 232 -30.63 1.65 11.18
CA ALA A 232 -31.02 2.88 10.48
C ALA A 232 -30.67 4.12 11.30
N MET A 233 -31.07 4.15 12.56
CA MET A 233 -30.74 5.30 13.43
C MET A 233 -29.23 5.46 13.57
N GLY A 234 -28.51 4.35 13.63
CA GLY A 234 -27.06 4.38 13.77
C GLY A 234 -26.38 5.13 12.64
N ILE A 235 -26.77 4.80 11.41
CA ILE A 235 -26.20 5.46 10.23
C ILE A 235 -26.87 6.83 9.95
N PHE A 236 -28.16 6.97 10.27
CA PHE A 236 -28.89 8.24 10.07
C PHE A 236 -28.42 9.36 10.97
N TYR A 237 -28.26 9.05 12.27
CA TYR A 237 -28.19 10.07 13.30
C TYR A 237 -27.13 11.16 13.06
N PRO A 238 -25.90 10.77 12.68
CA PRO A 238 -24.87 11.78 12.47
C PRO A 238 -25.10 12.69 11.25
N PHE A 239 -26.04 12.32 10.38
CA PHE A 239 -26.37 13.14 9.21
C PHE A 239 -27.66 13.95 9.36
N VAL A 240 -28.35 13.80 10.49
CA VAL A 240 -29.66 14.42 10.67
C VAL A 240 -29.60 15.94 10.47
N ASN A 241 -28.51 16.57 10.91
CA ASN A 241 -28.34 18.02 10.78
C ASN A 241 -27.71 18.45 9.44
N ASP A 242 -27.32 17.49 8.60
CA ASP A 242 -26.88 17.78 7.23
C ASP A 242 -28.11 17.74 6.31
N LYS A 243 -28.70 18.91 6.07
CA LYS A 243 -30.02 19.02 5.44
C LYS A 243 -30.10 18.44 4.02
N LYS A 244 -29.00 18.46 3.29
CA LYS A 244 -29.00 17.98 1.90
C LYS A 244 -29.01 16.45 1.78
N VAL A 245 -28.75 15.75 2.88
CA VAL A 245 -28.67 14.28 2.86
C VAL A 245 -30.05 13.66 3.11
N LYS A 246 -30.59 13.01 2.08
CA LYS A 246 -31.86 12.31 2.19
C LYS A 246 -31.65 11.02 2.97
N LEU A 247 -32.61 10.71 3.84
CA LEU A 247 -32.54 9.52 4.68
C LEU A 247 -33.76 8.67 4.36
N VAL A 248 -33.53 7.45 3.90
CA VAL A 248 -34.59 6.56 3.49
C VAL A 248 -34.54 5.28 4.32
N GLY A 249 -35.62 5.03 5.06
CA GLY A 249 -35.77 3.81 5.84
C GLY A 249 -36.63 2.82 5.07
N VAL A 250 -36.18 1.58 4.99
CA VAL A 250 -36.86 0.57 4.19
C VAL A 250 -37.47 -0.48 5.12
N GLU A 251 -38.80 -0.53 5.13
CA GLU A 251 -39.53 -1.53 5.92
C GLU A 251 -39.87 -2.74 5.06
N ALA A 252 -40.20 -3.84 5.73
CA ALA A 252 -40.55 -5.08 5.05
C ALA A 252 -41.94 -4.97 4.46
N GLY A 253 -42.02 -5.06 3.14
CA GLY A 253 -43.28 -5.08 2.42
C GLY A 253 -43.91 -6.46 2.39
N GLY A 254 -43.15 -7.48 2.77
CA GLY A 254 -43.65 -8.85 2.84
C GLY A 254 -44.16 -9.36 1.51
N LYS A 255 -45.35 -9.97 1.53
CA LYS A 255 -46.01 -10.43 0.31
C LYS A 255 -46.74 -9.30 -0.42
N GLY A 256 -46.65 -8.08 0.12
CA GLY A 256 -47.32 -6.91 -0.45
C GLY A 256 -48.13 -6.20 0.63
N LEU A 257 -48.18 -4.88 0.56
CA LEU A 257 -48.93 -4.08 1.55
C LEU A 257 -50.40 -4.48 1.59
N GLU A 258 -51.00 -4.64 0.41
CA GLU A 258 -52.43 -4.98 0.29
C GLU A 258 -52.75 -6.41 0.74
N SER A 259 -51.76 -7.28 0.80
CA SER A 259 -51.94 -8.65 1.29
C SER A 259 -52.06 -8.72 2.82
N GLY A 260 -51.63 -7.67 3.51
CA GLY A 260 -51.68 -7.64 4.98
C GLY A 260 -50.62 -8.48 5.66
N LYS A 261 -49.67 -9.02 4.88
CA LYS A 261 -48.59 -9.84 5.41
C LYS A 261 -47.28 -9.08 5.19
N HIS A 262 -46.94 -8.25 6.17
CA HIS A 262 -45.79 -7.35 6.09
C HIS A 262 -45.39 -6.91 7.49
N SER A 263 -44.37 -6.04 7.59
CA SER A 263 -43.98 -5.43 8.87
C SER A 263 -43.76 -3.93 8.71
N ALA A 264 -44.54 -3.32 7.82
CA ALA A 264 -44.42 -1.90 7.50
C ALA A 264 -45.18 -1.04 8.51
N SER A 265 -44.62 -0.93 9.71
CA SER A 265 -45.25 -0.20 10.80
C SER A 265 -45.45 1.29 10.49
N LEU A 266 -44.39 1.93 10.01
CA LEU A 266 -44.47 3.35 9.66
C LEU A 266 -45.42 3.60 8.50
N ASN A 267 -45.35 2.75 7.48
CA ASN A 267 -46.14 2.96 6.26
C ASN A 267 -47.60 2.56 6.43
N ALA A 268 -47.85 1.42 7.08
CA ALA A 268 -49.20 0.87 7.20
C ALA A 268 -49.76 0.82 8.63
N GLY A 269 -48.95 1.13 9.63
CA GLY A 269 -49.36 0.99 11.02
C GLY A 269 -50.12 2.19 11.57
N GLN A 270 -50.55 2.06 12.81
CA GLN A 270 -51.29 3.11 13.51
C GLN A 270 -50.57 3.42 14.81
N VAL A 271 -50.87 4.56 15.41
CA VAL A 271 -50.23 4.94 16.67
C VAL A 271 -50.76 4.03 17.79
N GLY A 272 -49.89 3.70 18.73
CA GLY A 272 -50.23 2.80 19.82
C GLY A 272 -49.14 2.73 20.88
N VAL A 273 -49.41 1.95 21.92
CA VAL A 273 -48.48 1.80 23.04
C VAL A 273 -48.22 0.31 23.26
N LEU A 274 -46.96 -0.07 23.18
CA LEU A 274 -46.55 -1.44 23.47
C LEU A 274 -45.08 -1.46 23.86
N HIS A 275 -44.74 -2.38 24.75
CA HIS A 275 -43.37 -2.55 25.25
C HIS A 275 -42.77 -1.25 25.78
N GLY A 276 -43.59 -0.43 26.41
CA GLY A 276 -43.11 0.78 27.08
C GLY A 276 -42.99 2.03 26.23
N MET A 277 -43.42 1.97 24.97
CA MET A 277 -43.26 3.11 24.07
C MET A 277 -44.55 3.46 23.34
N LEU A 278 -44.73 4.75 23.12
CA LEU A 278 -45.75 5.28 22.24
C LEU A 278 -45.10 5.46 20.87
N SER A 279 -45.58 4.71 19.87
CA SER A 279 -45.01 4.75 18.53
C SER A 279 -46.02 4.17 17.53
N TYR A 280 -45.56 3.77 16.36
CA TYR A 280 -46.41 3.11 15.37
C TYR A 280 -46.32 1.60 15.47
N PHE A 281 -47.47 0.94 15.43
CA PHE A 281 -47.57 -0.50 15.52
C PHE A 281 -48.59 -1.01 14.51
N LEU A 282 -48.38 -2.20 13.97
CA LEU A 282 -49.39 -2.86 13.15
C LEU A 282 -50.52 -3.29 14.07
N GLN A 283 -51.68 -2.65 13.93
CA GLN A 283 -52.83 -2.87 14.82
C GLN A 283 -54.12 -3.17 14.06
N ASP A 284 -54.88 -4.14 14.55
CA ASP A 284 -56.22 -4.46 14.01
C ASP A 284 -57.26 -3.47 14.54
N GLU A 285 -58.51 -3.64 14.10
CA GLU A 285 -59.61 -2.73 14.42
C GLU A 285 -59.89 -2.58 15.92
N GLU A 286 -59.72 -3.67 16.67
CA GLU A 286 -60.01 -3.69 18.11
C GLU A 286 -58.76 -3.49 18.97
N GLY A 287 -57.87 -2.58 18.54
CA GLY A 287 -56.69 -2.21 19.31
C GLY A 287 -55.69 -3.31 19.65
N GLN A 288 -55.71 -4.40 18.88
CA GLN A 288 -54.78 -5.52 19.10
C GLN A 288 -53.72 -5.54 18.01
N ILE A 289 -52.57 -6.13 18.34
CA ILE A 289 -51.40 -6.12 17.44
C ILE A 289 -51.52 -7.20 16.37
N LYS A 290 -51.54 -6.78 15.10
CA LYS A 290 -51.49 -7.71 13.98
C LYS A 290 -50.17 -8.48 13.99
N PRO A 291 -50.21 -9.78 13.64
CA PRO A 291 -48.96 -10.53 13.50
C PRO A 291 -48.20 -10.07 12.26
N SER A 292 -46.96 -9.68 12.44
CA SER A 292 -46.13 -9.21 11.34
C SER A 292 -45.61 -10.39 10.53
N HIS A 293 -45.18 -10.10 9.29
CA HIS A 293 -44.47 -11.07 8.47
C HIS A 293 -43.36 -10.42 7.65
N SER A 294 -42.24 -11.12 7.53
CA SER A 294 -41.25 -10.82 6.51
C SER A 294 -40.42 -12.07 6.23
N ILE A 295 -39.95 -12.17 4.98
CA ILE A 295 -38.98 -13.21 4.65
C ILE A 295 -37.71 -13.03 5.49
N ALA A 296 -37.38 -11.78 5.82
CA ALA A 296 -36.27 -11.46 6.71
C ALA A 296 -36.72 -11.50 8.17
N PRO A 297 -36.26 -12.51 8.94
CA PRO A 297 -36.73 -12.65 10.33
C PRO A 297 -36.49 -11.44 11.21
N GLY A 298 -35.40 -10.71 10.95
CA GLY A 298 -35.03 -9.55 11.75
C GLY A 298 -35.91 -8.32 11.57
N LEU A 299 -36.74 -8.32 10.52
CA LEU A 299 -37.71 -7.27 10.30
C LEU A 299 -39.10 -7.66 10.80
N ASP A 300 -39.22 -8.85 11.38
CA ASP A 300 -40.50 -9.38 11.84
C ASP A 300 -40.77 -8.90 13.25
N TYR A 301 -41.04 -7.60 13.37
CA TYR A 301 -41.46 -6.97 14.62
C TYR A 301 -42.59 -5.99 14.27
N PRO A 302 -43.76 -6.13 14.91
CA PRO A 302 -44.93 -5.31 14.54
C PRO A 302 -44.83 -3.81 14.82
N GLY A 303 -43.76 -3.36 15.46
CA GLY A 303 -43.59 -1.95 15.77
C GLY A 303 -42.35 -1.32 15.19
N VAL A 304 -42.09 -0.09 15.62
CA VAL A 304 -40.93 0.65 15.18
C VAL A 304 -40.59 1.68 16.26
N GLY A 305 -39.30 1.98 16.40
CA GLY A 305 -38.84 2.91 17.42
C GLY A 305 -39.43 4.30 17.28
N PRO A 306 -39.59 5.03 18.39
CA PRO A 306 -40.25 6.32 18.37
C PRO A 306 -39.46 7.41 17.64
N GLU A 307 -38.14 7.29 17.56
CA GLU A 307 -37.35 8.31 16.87
C GLU A 307 -37.60 8.29 15.36
N HIS A 308 -37.91 7.11 14.80
CA HIS A 308 -38.32 7.02 13.41
C HIS A 308 -39.72 7.58 13.19
N ALA A 309 -40.63 7.29 14.12
CA ALA A 309 -41.96 7.89 14.10
C ALA A 309 -41.84 9.40 14.01
N TYR A 310 -40.93 9.95 14.83
CA TYR A 310 -40.67 11.39 14.85
C TYR A 310 -40.09 11.92 13.54
N LEU A 311 -39.07 11.23 13.02
CA LEU A 311 -38.41 11.64 11.77
C LEU A 311 -39.37 11.61 10.57
N LYS A 312 -40.25 10.60 10.55
CA LYS A 312 -41.31 10.57 9.55
C LYS A 312 -42.27 11.74 9.74
N LYS A 313 -42.69 11.98 10.98
CA LYS A 313 -43.66 13.04 11.29
C LYS A 313 -43.15 14.40 10.79
N ILE A 314 -41.89 14.72 11.06
CA ILE A 314 -41.30 15.99 10.61
C ILE A 314 -40.73 15.92 9.18
N GLN A 315 -40.89 14.77 8.53
CA GLN A 315 -40.49 14.55 7.14
C GLN A 315 -38.98 14.73 6.89
N ARG A 316 -38.17 14.48 7.92
CA ARG A 316 -36.71 14.51 7.79
C ARG A 316 -36.23 13.25 7.10
N ALA A 317 -36.91 12.13 7.36
CA ALA A 317 -36.64 10.87 6.68
C ALA A 317 -37.87 10.38 5.94
N GLU A 318 -37.64 9.70 4.83
CA GLU A 318 -38.70 9.06 4.04
C GLU A 318 -38.67 7.57 4.37
N TYR A 319 -39.85 6.96 4.45
CA TYR A 319 -39.93 5.54 4.72
C TYR A 319 -40.69 4.84 3.62
N VAL A 320 -40.07 3.79 3.09
CA VAL A 320 -40.59 3.05 1.94
C VAL A 320 -40.64 1.57 2.30
N THR A 321 -41.17 0.77 1.38
CA THR A 321 -41.22 -0.67 1.56
C THR A 321 -40.67 -1.41 0.34
N VAL A 322 -40.16 -2.60 0.60
CA VAL A 322 -39.64 -3.51 -0.41
C VAL A 322 -40.24 -4.87 -0.10
N THR A 323 -40.72 -5.57 -1.12
CA THR A 323 -41.34 -6.89 -0.92
C THR A 323 -40.30 -7.98 -0.69
N ASP A 324 -40.78 -9.13 -0.23
CA ASP A 324 -39.94 -10.33 -0.09
C ASP A 324 -39.22 -10.65 -1.40
N GLU A 325 -39.99 -10.66 -2.49
CA GLU A 325 -39.46 -10.96 -3.83
C GLU A 325 -38.31 -10.02 -4.22
N GLU A 326 -38.50 -8.72 -4.02
CA GLU A 326 -37.49 -7.70 -4.35
C GLU A 326 -36.23 -7.85 -3.49
N ALA A 327 -36.42 -8.13 -2.19
CA ALA A 327 -35.29 -8.35 -1.28
C ALA A 327 -34.50 -9.59 -1.69
N LEU A 328 -35.22 -10.65 -2.07
CA LEU A 328 -34.60 -11.89 -2.48
C LEU A 328 -33.76 -11.71 -3.74
N LYS A 329 -34.29 -10.98 -4.72
CA LYS A 329 -33.54 -10.66 -5.93
C LYS A 329 -32.25 -9.90 -5.61
N ALA A 330 -32.33 -8.97 -4.67
CA ALA A 330 -31.17 -8.19 -4.23
C ALA A 330 -30.13 -9.05 -3.53
N PHE A 331 -30.58 -10.02 -2.74
CA PHE A 331 -29.72 -10.96 -2.07
C PHE A 331 -28.86 -11.70 -3.10
N HIS A 332 -29.52 -12.26 -4.11
CA HIS A 332 -28.82 -12.96 -5.18
C HIS A 332 -27.93 -12.02 -6.00
N GLU A 333 -28.44 -10.82 -6.30
CA GLU A 333 -27.71 -9.88 -7.13
C GLU A 333 -26.40 -9.44 -6.47
N LEU A 334 -26.46 -9.10 -5.17
CA LEU A 334 -25.26 -8.69 -4.45
C LEU A 334 -24.25 -9.82 -4.37
N SER A 335 -24.74 -11.01 -4.07
CA SER A 335 -23.90 -12.19 -3.94
C SER A 335 -23.11 -12.46 -5.23
N ARG A 336 -23.82 -12.45 -6.35
CA ARG A 336 -23.20 -12.73 -7.66
C ARG A 336 -22.34 -11.60 -8.21
N THR A 337 -22.73 -10.35 -7.92
CA THR A 337 -22.12 -9.20 -8.56
C THR A 337 -20.93 -8.64 -7.77
N GLU A 338 -21.00 -8.70 -6.45
CA GLU A 338 -19.94 -8.16 -5.58
C GLU A 338 -19.27 -9.20 -4.67
N GLY A 339 -19.75 -10.45 -4.69
CA GLY A 339 -19.22 -11.47 -3.80
C GLY A 339 -19.44 -11.21 -2.33
N ILE A 340 -20.55 -10.53 -2.02
CA ILE A 340 -20.96 -10.29 -0.65
C ILE A 340 -22.36 -10.87 -0.44
N ILE A 341 -22.49 -11.81 0.50
CA ILE A 341 -23.77 -12.41 0.82
C ILE A 341 -24.40 -11.63 1.97
N PRO A 342 -25.46 -10.84 1.69
CA PRO A 342 -26.02 -10.00 2.72
C PRO A 342 -27.11 -10.68 3.53
N ALA A 343 -27.38 -10.17 4.72
CA ALA A 343 -28.56 -10.58 5.49
C ALA A 343 -29.82 -10.21 4.70
N LEU A 344 -30.86 -11.03 4.80
CA LEU A 344 -32.11 -10.72 4.11
C LEU A 344 -32.69 -9.37 4.54
N GLU A 345 -32.44 -8.99 5.79
CA GLU A 345 -32.83 -7.68 6.31
C GLU A 345 -32.16 -6.59 5.48
N SER A 346 -30.83 -6.67 5.38
CA SER A 346 -30.02 -5.70 4.63
C SER A 346 -30.37 -5.70 3.14
N ALA A 347 -30.76 -6.86 2.62
CA ALA A 347 -31.15 -6.98 1.22
C ALA A 347 -32.35 -6.10 0.85
N HIS A 348 -33.20 -5.77 1.83
CA HIS A 348 -34.28 -4.81 1.60
C HIS A 348 -33.73 -3.44 1.25
N ALA A 349 -32.72 -3.00 2.00
CA ALA A 349 -32.05 -1.73 1.73
C ALA A 349 -31.35 -1.75 0.38
N VAL A 350 -30.67 -2.85 0.07
CA VAL A 350 -29.97 -2.99 -1.19
C VAL A 350 -30.97 -2.92 -2.34
N ALA A 351 -32.07 -3.66 -2.21
CA ALA A 351 -33.14 -3.69 -3.20
C ALA A 351 -33.66 -2.29 -3.51
N TYR A 352 -33.97 -1.52 -2.48
CA TYR A 352 -34.46 -0.17 -2.69
C TYR A 352 -33.39 0.75 -3.30
N ALA A 353 -32.16 0.62 -2.83
CA ALA A 353 -31.04 1.41 -3.36
C ALA A 353 -30.83 1.17 -4.86
N MET A 354 -31.03 -0.06 -5.31
CA MET A 354 -30.89 -0.42 -6.72
C MET A 354 -31.97 0.25 -7.58
N LYS A 355 -33.19 0.27 -7.09
CA LYS A 355 -34.30 0.96 -7.75
C LYS A 355 -34.04 2.46 -7.79
N LEU A 356 -33.58 3.00 -6.68
CA LEU A 356 -33.33 4.44 -6.53
C LEU A 356 -32.15 4.90 -7.39
N ALA A 357 -31.10 4.09 -7.46
CA ALA A 357 -29.90 4.43 -8.22
C ALA A 357 -30.20 4.58 -9.71
N LYS A 358 -31.07 3.73 -10.24
CA LYS A 358 -31.46 3.80 -11.65
C LYS A 358 -32.09 5.16 -11.99
N GLU A 359 -32.91 5.67 -11.08
CA GLU A 359 -33.57 6.96 -11.26
C GLU A 359 -32.67 8.18 -11.04
N MET A 360 -31.44 7.96 -10.54
CA MET A 360 -30.53 9.04 -10.18
C MET A 360 -29.34 9.17 -11.12
N SER A 361 -28.65 10.29 -11.02
CA SER A 361 -27.52 10.62 -11.88
C SER A 361 -26.24 9.90 -11.44
N ARG A 362 -25.35 9.65 -12.41
CA ARG A 362 -24.11 8.92 -12.17
C ARG A 362 -23.14 9.64 -11.22
N ASP A 363 -23.27 10.97 -11.13
CA ASP A 363 -22.44 11.76 -10.20
C ASP A 363 -22.96 11.73 -8.75
N GLU A 364 -24.20 11.29 -8.54
CA GLU A 364 -24.78 11.22 -7.21
C GLU A 364 -24.36 9.95 -6.44
N ILE A 365 -24.52 10.00 -5.12
CA ILE A 365 -23.98 8.98 -4.21
C ILE A 365 -25.04 8.44 -3.27
N ILE A 366 -25.13 7.11 -3.20
CA ILE A 366 -26.00 6.43 -2.25
C ILE A 366 -25.15 5.57 -1.32
N ILE A 367 -25.35 5.73 -0.01
CA ILE A 367 -24.77 4.81 0.96
C ILE A 367 -25.87 3.91 1.50
N VAL A 368 -25.63 2.60 1.42
CA VAL A 368 -26.53 1.60 1.95
C VAL A 368 -25.89 0.99 3.19
N ASN A 369 -26.63 0.94 4.29
CA ASN A 369 -26.18 0.23 5.47
C ASN A 369 -26.37 -1.28 5.28
N LEU A 370 -25.28 -2.01 5.10
CA LEU A 370 -25.35 -3.46 5.01
C LEU A 370 -25.28 -3.99 6.44
N SER A 371 -26.43 -4.12 7.07
CA SER A 371 -26.55 -4.37 8.49
C SER A 371 -25.99 -5.73 8.94
N GLY A 372 -26.04 -6.74 8.07
CA GLY A 372 -25.51 -8.05 8.44
C GLY A 372 -25.11 -8.92 7.27
N ARG A 373 -24.43 -10.03 7.59
CA ARG A 373 -24.09 -11.07 6.62
C ARG A 373 -25.20 -12.12 6.56
N GLY A 374 -25.25 -12.86 5.46
CA GLY A 374 -26.37 -13.73 5.13
C GLY A 374 -26.23 -15.21 5.44
N ASP A 375 -25.17 -15.58 6.15
CA ASP A 375 -24.94 -16.97 6.53
C ASP A 375 -26.13 -17.58 7.30
N LYS A 376 -26.77 -16.76 8.12
CA LYS A 376 -27.94 -17.17 8.90
C LYS A 376 -29.18 -17.48 8.03
N ASP A 377 -29.25 -16.89 6.84
CA ASP A 377 -30.44 -16.95 5.99
C ASP A 377 -30.36 -17.96 4.83
N LEU A 378 -29.38 -18.85 4.86
CA LEU A 378 -29.13 -19.74 3.71
C LEU A 378 -30.30 -20.70 3.47
N ASP A 379 -30.90 -21.19 4.55
CA ASP A 379 -32.09 -22.05 4.45
C ASP A 379 -33.32 -21.29 3.95
N ILE A 380 -33.50 -20.08 4.44
CA ILE A 380 -34.66 -19.28 4.04
C ILE A 380 -34.60 -18.93 2.55
N VAL A 381 -33.40 -18.62 2.05
CA VAL A 381 -33.21 -18.28 0.65
C VAL A 381 -33.41 -19.50 -0.26
N LEU A 382 -33.00 -20.67 0.24
CA LEU A 382 -33.22 -21.93 -0.46
C LEU A 382 -34.71 -22.17 -0.73
N LYS A 383 -35.53 -21.94 0.29
CA LYS A 383 -36.97 -22.16 0.19
C LYS A 383 -37.69 -21.12 -0.68
N ALA A 384 -37.25 -19.87 -0.63
CA ALA A 384 -37.91 -18.78 -1.34
C ALA A 384 -37.56 -18.68 -2.83
N SER A 385 -36.62 -19.49 -3.30
CA SER A 385 -36.24 -19.50 -4.72
C SER A 385 -37.39 -19.94 -5.60
N MET B 1 12.35 -21.50 -5.98
CA MET B 1 12.09 -22.92 -6.38
C MET B 1 12.05 -23.82 -5.13
N TRP B 2 13.13 -23.79 -4.36
CA TRP B 2 13.31 -24.71 -3.24
C TRP B 2 13.41 -23.96 -1.92
N PHE B 3 13.03 -24.64 -0.85
CA PHE B 3 13.29 -24.21 0.52
C PHE B 3 14.16 -25.30 1.13
N GLY B 4 15.47 -25.07 1.14
CA GLY B 4 16.42 -26.15 1.33
C GLY B 4 16.20 -27.16 0.23
N GLU B 5 15.96 -28.41 0.59
CA GLU B 5 15.68 -29.46 -0.40
C GLU B 5 14.22 -29.53 -0.81
N PHE B 6 13.34 -28.86 -0.07
CA PHE B 6 11.90 -29.04 -0.24
C PHE B 6 11.32 -28.09 -1.27
N GLY B 7 10.16 -28.47 -1.80
CA GLY B 7 9.45 -27.65 -2.77
C GLY B 7 9.70 -28.13 -4.18
N GLY B 8 10.24 -27.27 -5.02
CA GLY B 8 10.58 -27.62 -6.38
C GLY B 8 9.36 -27.70 -7.28
N GLN B 9 9.54 -28.32 -8.43
CA GLN B 9 8.57 -28.27 -9.51
C GLN B 9 8.62 -29.57 -10.29
N TYR B 10 7.96 -30.59 -9.76
CA TYR B 10 8.01 -31.94 -10.32
C TYR B 10 6.69 -32.28 -10.97
N VAL B 11 6.55 -31.86 -12.22
CA VAL B 11 5.26 -31.90 -12.92
C VAL B 11 5.40 -32.47 -14.32
N PRO B 12 4.28 -32.88 -14.93
CA PRO B 12 4.35 -33.28 -16.34
C PRO B 12 4.84 -32.12 -17.20
N GLU B 13 5.49 -32.44 -18.31
CA GLU B 13 6.13 -31.43 -19.16
C GLU B 13 5.12 -30.40 -19.68
N THR B 14 3.86 -30.82 -19.84
CA THR B 14 2.78 -29.90 -20.22
C THR B 14 2.56 -28.75 -19.23
N LEU B 15 2.86 -28.96 -17.94
CA LEU B 15 2.64 -27.91 -16.95
C LEU B 15 3.83 -26.96 -16.77
N VAL B 16 4.98 -27.28 -17.37
CA VAL B 16 6.19 -26.49 -17.19
C VAL B 16 6.03 -25.09 -17.78
N GLY B 17 5.48 -25.02 -18.99
CA GLY B 17 5.21 -23.75 -19.65
C GLY B 17 4.26 -22.84 -18.87
N PRO B 18 3.07 -23.35 -18.53
CA PRO B 18 2.10 -22.60 -17.71
C PRO B 18 2.67 -22.11 -16.37
N LEU B 19 3.41 -22.98 -15.69
CA LEU B 19 4.05 -22.60 -14.41
C LEU B 19 5.12 -21.52 -14.60
N LYS B 20 5.85 -21.57 -15.72
CA LYS B 20 6.85 -20.55 -16.03
C LYS B 20 6.19 -19.20 -16.33
N GLU B 21 5.06 -19.22 -17.04
CA GLU B 21 4.31 -17.99 -17.31
C GLU B 21 3.80 -17.37 -16.02
N LEU B 22 3.38 -18.21 -15.08
CA LEU B 22 2.94 -17.76 -13.77
C LEU B 22 4.08 -17.11 -12.98
N GLU B 23 5.25 -17.76 -12.97
CA GLU B 23 6.44 -17.21 -12.32
C GLU B 23 6.79 -15.82 -12.85
N LYS B 24 6.78 -15.69 -14.18
CA LYS B 24 7.13 -14.43 -14.84
C LYS B 24 6.10 -13.34 -14.55
N ALA B 25 4.83 -13.70 -14.61
CA ALA B 25 3.75 -12.76 -14.30
C ALA B 25 3.84 -12.30 -12.84
N TYR B 26 4.04 -13.25 -11.93
CA TYR B 26 4.17 -12.92 -10.52
C TYR B 26 5.35 -12.00 -10.26
N LYS B 27 6.51 -12.37 -10.79
CA LYS B 27 7.71 -11.54 -10.71
C LYS B 27 7.46 -10.13 -11.24
N ARG B 28 6.71 -10.02 -12.34
CA ARG B 28 6.33 -8.73 -12.92
C ARG B 28 5.43 -7.89 -11.99
N PHE B 29 4.42 -8.52 -11.40
CA PHE B 29 3.40 -7.77 -10.67
C PHE B 29 3.57 -7.72 -9.14
N LYS B 30 4.37 -8.60 -8.55
CA LYS B 30 4.43 -8.72 -7.08
C LYS B 30 4.81 -7.42 -6.37
N ASP B 31 5.72 -6.66 -6.95
CA ASP B 31 6.12 -5.36 -6.42
C ASP B 31 5.59 -4.19 -7.25
N ASP B 32 4.69 -4.46 -8.20
CA ASP B 32 4.10 -3.40 -9.03
C ASP B 32 3.21 -2.52 -8.14
N GLU B 33 3.48 -1.22 -8.17
CA GLU B 33 2.78 -0.27 -7.29
C GLU B 33 1.26 -0.23 -7.52
N GLU B 34 0.81 -0.36 -8.77
CA GLU B 34 -0.63 -0.36 -9.05
C GLU B 34 -1.31 -1.68 -8.67
N PHE B 35 -0.68 -2.81 -8.99
CA PHE B 35 -1.18 -4.11 -8.58
C PHE B 35 -1.39 -4.13 -7.05
N ASN B 36 -0.40 -3.62 -6.31
CA ASN B 36 -0.46 -3.60 -4.85
C ASN B 36 -1.44 -2.56 -4.32
N ARG B 37 -1.56 -1.42 -4.99
CA ARG B 37 -2.56 -0.42 -4.62
C ARG B 37 -3.97 -1.01 -4.74
N GLN B 38 -4.22 -1.69 -5.86
CA GLN B 38 -5.51 -2.33 -6.10
C GLN B 38 -5.79 -3.46 -5.10
N LEU B 39 -4.78 -4.29 -4.86
CA LEU B 39 -4.90 -5.37 -3.89
C LEU B 39 -5.19 -4.84 -2.47
N ASN B 40 -4.43 -3.83 -2.05
CA ASN B 40 -4.63 -3.24 -0.74
C ASN B 40 -6.01 -2.59 -0.64
N TYR B 41 -6.49 -2.03 -1.75
CA TYR B 41 -7.80 -1.39 -1.80
C TYR B 41 -8.91 -2.42 -1.61
N TYR B 42 -8.81 -3.56 -2.28
CA TYR B 42 -9.76 -4.67 -2.08
C TYR B 42 -9.65 -5.23 -0.66
N LEU B 43 -8.42 -5.47 -0.20
CA LEU B 43 -8.22 -5.98 1.15
C LEU B 43 -8.85 -5.06 2.20
N LYS B 44 -8.73 -3.75 2.01
CA LYS B 44 -9.30 -2.78 2.93
C LYS B 44 -10.84 -2.68 2.84
N THR B 45 -11.34 -2.28 1.68
CA THR B 45 -12.74 -1.91 1.56
C THR B 45 -13.67 -3.10 1.36
N TRP B 46 -13.15 -4.21 0.81
CA TRP B 46 -13.95 -5.39 0.53
C TRP B 46 -13.76 -6.48 1.59
N ALA B 47 -12.51 -6.80 1.92
CA ALA B 47 -12.23 -7.87 2.89
C ALA B 47 -12.23 -7.38 4.33
N GLY B 48 -12.01 -6.08 4.54
CA GLY B 48 -12.04 -5.49 5.88
C GLY B 48 -10.74 -5.53 6.66
N ARG B 49 -9.60 -5.56 5.97
CA ARG B 49 -8.30 -5.51 6.64
C ARG B 49 -8.02 -4.06 7.02
N PRO B 50 -7.27 -3.80 8.09
CA PRO B 50 -6.63 -4.83 8.92
C PRO B 50 -7.58 -5.49 9.89
N THR B 51 -7.32 -6.76 10.18
CA THR B 51 -8.00 -7.42 11.28
C THR B 51 -7.32 -7.04 12.59
N PRO B 52 -8.07 -6.97 13.69
CA PRO B 52 -7.49 -6.62 14.99
C PRO B 52 -6.60 -7.71 15.60
N LEU B 53 -5.74 -7.27 16.53
CA LEU B 53 -5.01 -8.15 17.40
C LEU B 53 -5.64 -7.98 18.78
N TYR B 54 -6.28 -9.05 19.26
CA TYR B 54 -7.12 -8.98 20.44
C TYR B 54 -6.42 -9.62 21.64
N TYR B 55 -6.35 -8.88 22.75
CA TYR B 55 -5.81 -9.40 24.00
C TYR B 55 -6.90 -10.20 24.74
N ALA B 56 -6.72 -11.52 24.81
CA ALA B 56 -7.69 -12.39 25.46
C ALA B 56 -7.47 -12.37 26.96
N LYS B 57 -8.03 -11.35 27.64
CA LYS B 57 -7.76 -11.09 29.05
C LYS B 57 -8.28 -12.20 29.99
N ARG B 58 -9.55 -12.59 29.82
CA ARG B 58 -10.15 -13.63 30.66
C ARG B 58 -9.42 -14.96 30.52
N LEU B 59 -9.10 -15.32 29.27
CA LEU B 59 -8.40 -16.57 29.01
C LEU B 59 -7.00 -16.53 29.60
N THR B 60 -6.31 -15.41 29.42
CA THR B 60 -4.98 -15.21 29.99
C THR B 60 -4.98 -15.39 31.52
N GLU B 61 -5.92 -14.72 32.18
CA GLU B 61 -6.08 -14.81 33.64
C GLU B 61 -6.36 -16.22 34.11
N LYS B 62 -7.29 -16.87 33.43
CA LYS B 62 -7.74 -18.22 33.75
C LYS B 62 -6.59 -19.23 33.67
N ILE B 63 -5.69 -19.03 32.72
CA ILE B 63 -4.55 -19.95 32.55
C ILE B 63 -3.39 -19.55 33.46
N GLY B 64 -3.27 -18.27 33.80
CA GLY B 64 -2.33 -17.81 34.82
C GLY B 64 -0.87 -17.74 34.40
N GLY B 65 -0.62 -17.67 33.10
CA GLY B 65 0.73 -17.61 32.56
C GLY B 65 0.87 -16.47 31.57
N ALA B 66 1.40 -16.79 30.38
CA ALA B 66 1.67 -15.78 29.35
C ALA B 66 0.41 -15.04 28.89
N LYS B 67 0.60 -13.81 28.45
CA LYS B 67 -0.45 -13.04 27.81
C LYS B 67 -0.77 -13.67 26.45
N ILE B 68 -2.05 -13.94 26.22
CA ILE B 68 -2.50 -14.57 24.99
C ILE B 68 -3.21 -13.53 24.12
N TYR B 69 -2.63 -13.26 22.96
CA TYR B 69 -3.23 -12.39 21.96
C TYR B 69 -3.75 -13.23 20.80
N LEU B 70 -4.88 -12.82 20.24
CA LEU B 70 -5.48 -13.49 19.09
C LEU B 70 -5.49 -12.60 17.85
N LYS B 71 -4.81 -13.04 16.80
CA LYS B 71 -4.88 -12.35 15.51
C LYS B 71 -6.19 -12.77 14.86
N ARG B 72 -7.09 -11.80 14.68
CA ARG B 72 -8.49 -12.09 14.39
C ARG B 72 -8.81 -12.23 12.90
N GLU B 73 -8.23 -13.25 12.26
CA GLU B 73 -8.57 -13.57 10.87
C GLU B 73 -10.01 -14.08 10.70
N ASP B 74 -10.63 -14.48 11.80
CA ASP B 74 -12.05 -14.82 11.81
C ASP B 74 -12.94 -13.64 11.36
N LEU B 75 -12.40 -12.42 11.39
CA LEU B 75 -13.17 -11.24 10.98
C LEU B 75 -13.01 -10.85 9.52
N VAL B 76 -12.10 -11.50 8.79
CA VAL B 76 -11.94 -11.23 7.37
C VAL B 76 -13.24 -11.61 6.66
N HIS B 77 -13.61 -10.85 5.63
CA HIS B 77 -14.76 -11.17 4.80
C HIS B 77 -14.69 -12.62 4.34
N GLY B 78 -15.75 -13.38 4.58
CA GLY B 78 -15.76 -14.81 4.28
C GLY B 78 -15.53 -15.66 5.51
N GLY B 79 -14.92 -15.09 6.54
CA GLY B 79 -14.76 -15.78 7.82
C GLY B 79 -13.48 -16.57 7.97
N ALA B 80 -12.51 -16.33 7.09
CA ALA B 80 -11.24 -17.04 7.16
C ALA B 80 -10.16 -16.32 6.38
N HIS B 81 -8.91 -16.63 6.73
CA HIS B 81 -7.74 -16.05 6.05
C HIS B 81 -7.68 -16.36 4.55
N LYS B 82 -8.40 -17.40 4.11
CA LYS B 82 -8.34 -17.82 2.70
C LYS B 82 -8.55 -16.69 1.70
N THR B 83 -9.42 -15.76 2.06
CA THR B 83 -9.71 -14.58 1.25
C THR B 83 -8.47 -13.76 0.86
N ASN B 84 -7.49 -13.67 1.75
CA ASN B 84 -6.27 -12.88 1.48
C ASN B 84 -5.54 -13.40 0.23
N ASN B 85 -5.53 -14.72 0.06
CA ASN B 85 -4.87 -15.38 -1.05
C ASN B 85 -5.76 -15.36 -2.29
N ALA B 86 -7.07 -15.55 -2.11
CA ALA B 86 -7.99 -15.55 -3.26
C ALA B 86 -7.97 -14.21 -3.99
N ILE B 87 -8.02 -13.12 -3.23
CA ILE B 87 -8.04 -11.77 -3.82
C ILE B 87 -6.66 -11.28 -4.25
N GLY B 88 -5.61 -11.95 -3.80
CA GLY B 88 -4.27 -11.76 -4.35
C GLY B 88 -4.12 -12.38 -5.73
N GLN B 89 -4.51 -13.65 -5.85
CA GLN B 89 -4.31 -14.43 -7.07
C GLN B 89 -5.29 -14.07 -8.18
N ALA B 90 -6.55 -13.82 -7.84
CA ALA B 90 -7.58 -13.63 -8.86
C ALA B 90 -7.28 -12.42 -9.77
N PRO B 91 -6.89 -11.26 -9.21
CA PRO B 91 -6.52 -10.15 -10.10
C PRO B 91 -5.23 -10.39 -10.90
N LEU B 92 -4.30 -11.15 -10.34
CA LEU B 92 -3.10 -11.57 -11.09
C LEU B 92 -3.52 -12.40 -12.31
N ALA B 93 -4.37 -13.38 -12.08
CA ALA B 93 -4.93 -14.20 -13.16
C ALA B 93 -5.59 -13.34 -14.23
N LYS B 94 -6.39 -12.36 -13.81
CA LYS B 94 -7.09 -11.47 -14.74
C LYS B 94 -6.09 -10.66 -15.58
N LEU B 95 -5.05 -10.14 -14.93
CA LEU B 95 -3.97 -9.43 -15.61
C LEU B 95 -3.17 -10.33 -16.58
N MET B 96 -3.14 -11.63 -16.31
CA MET B 96 -2.53 -12.60 -17.22
C MET B 96 -3.43 -12.97 -18.40
N GLY B 97 -4.63 -12.41 -18.45
CA GLY B 97 -5.57 -12.65 -19.55
C GLY B 97 -6.47 -13.85 -19.32
N LYS B 98 -6.50 -14.35 -18.08
CA LYS B 98 -7.34 -15.52 -17.76
C LYS B 98 -8.77 -15.07 -17.49
N THR B 99 -9.72 -15.90 -17.92
CA THR B 99 -11.14 -15.62 -17.76
C THR B 99 -11.81 -16.58 -16.78
N ARG B 100 -11.07 -17.56 -16.29
CA ARG B 100 -11.65 -18.65 -15.52
C ARG B 100 -10.73 -19.01 -14.34
N LEU B 101 -11.32 -19.22 -13.18
CA LEU B 101 -10.61 -19.70 -12.01
C LEU B 101 -11.10 -21.09 -11.69
N ILE B 102 -10.17 -22.01 -11.43
CA ILE B 102 -10.50 -23.29 -10.83
C ILE B 102 -9.80 -23.40 -9.48
N ALA B 103 -10.37 -24.19 -8.57
CA ALA B 103 -9.78 -24.41 -7.27
C ALA B 103 -10.25 -25.71 -6.64
N GLU B 104 -9.40 -26.25 -5.77
CA GLU B 104 -9.70 -27.37 -4.90
C GLU B 104 -10.30 -26.84 -3.61
N THR B 105 -11.09 -27.67 -2.94
CA THR B 105 -11.50 -27.33 -1.57
C THR B 105 -11.94 -28.56 -0.77
N GLY B 106 -11.80 -28.46 0.55
CA GLY B 106 -12.24 -29.51 1.50
C GLY B 106 -13.17 -28.93 2.55
N ALA B 107 -12.67 -28.01 3.35
CA ALA B 107 -13.50 -27.26 4.30
C ALA B 107 -14.44 -26.27 3.61
N GLY B 108 -14.25 -26.06 2.30
CA GLY B 108 -15.17 -25.24 1.52
C GLY B 108 -14.89 -23.76 1.64
N GLN B 109 -14.00 -23.38 2.57
CA GLN B 109 -13.68 -21.97 2.76
C GLN B 109 -12.85 -21.43 1.62
N HIS B 110 -11.95 -22.24 1.06
CA HIS B 110 -11.16 -21.80 -0.09
C HIS B 110 -12.04 -21.75 -1.35
N GLY B 111 -12.94 -22.71 -1.46
CA GLY B 111 -13.97 -22.69 -2.50
C GLY B 111 -14.78 -21.41 -2.42
N VAL B 112 -15.28 -21.09 -1.22
CA VAL B 112 -16.05 -19.87 -1.03
C VAL B 112 -15.20 -18.65 -1.32
N ALA B 113 -13.99 -18.63 -0.77
CA ALA B 113 -13.06 -17.52 -0.98
C ALA B 113 -12.82 -17.29 -2.48
N THR B 114 -12.55 -18.37 -3.21
CA THR B 114 -12.35 -18.30 -4.65
C THR B 114 -13.62 -17.84 -5.36
N ALA B 115 -14.77 -18.38 -4.95
CA ALA B 115 -16.05 -17.96 -5.52
C ALA B 115 -16.32 -16.47 -5.28
N MET B 116 -15.99 -15.99 -4.09
CA MET B 116 -16.15 -14.57 -3.75
C MET B 116 -15.28 -13.70 -4.63
N ALA B 117 -14.00 -14.04 -4.72
CA ALA B 117 -13.04 -13.28 -5.55
C ALA B 117 -13.46 -13.28 -7.02
N GLY B 118 -13.93 -14.42 -7.49
CA GLY B 118 -14.37 -14.56 -8.88
C GLY B 118 -15.60 -13.74 -9.18
N ALA B 119 -16.55 -13.72 -8.23
CA ALA B 119 -17.73 -12.89 -8.36
C ALA B 119 -17.31 -11.43 -8.46
N LEU B 120 -16.47 -11.00 -7.51
CA LEU B 120 -15.99 -9.63 -7.45
C LEU B 120 -15.31 -9.20 -8.75
N LEU B 121 -14.49 -10.09 -9.31
CA LEU B 121 -13.71 -9.77 -10.51
C LEU B 121 -14.35 -10.21 -11.82
N GLY B 122 -15.57 -10.73 -11.76
CA GLY B 122 -16.31 -11.10 -12.97
C GLY B 122 -15.72 -12.28 -13.74
N MET B 123 -15.05 -13.18 -13.03
CA MET B 123 -14.44 -14.36 -13.66
C MET B 123 -15.27 -15.60 -13.35
N LYS B 124 -15.39 -16.49 -14.33
CA LYS B 124 -16.05 -17.78 -14.15
C LYS B 124 -15.31 -18.57 -13.09
N VAL B 125 -16.05 -19.32 -12.26
CA VAL B 125 -15.43 -20.11 -11.19
C VAL B 125 -15.96 -21.54 -11.15
N ASP B 126 -15.03 -22.49 -11.28
CA ASP B 126 -15.34 -23.92 -11.16
C ASP B 126 -14.54 -24.46 -9.99
N ILE B 127 -15.24 -25.02 -9.01
CA ILE B 127 -14.60 -25.53 -7.79
C ILE B 127 -14.69 -27.06 -7.78
N TYR B 128 -13.52 -27.71 -7.77
N TYR B 128 -13.53 -27.72 -7.75
CA TYR B 128 -13.45 -29.15 -7.64
CA TYR B 128 -13.48 -29.17 -7.59
C TYR B 128 -13.49 -29.54 -6.16
C TYR B 128 -13.52 -29.51 -6.10
N MET B 129 -14.29 -30.55 -5.85
N MET B 129 -14.40 -30.43 -5.73
CA MET B 129 -14.50 -30.99 -4.49
CA MET B 129 -14.62 -30.75 -4.32
C MET B 129 -14.89 -32.46 -4.51
C MET B 129 -14.94 -32.22 -4.12
N GLY B 130 -14.30 -33.24 -3.61
N GLY B 130 -14.60 -32.75 -2.95
CA GLY B 130 -14.60 -34.67 -3.49
CA GLY B 130 -14.86 -34.15 -2.63
C GLY B 130 -16.09 -34.94 -3.34
C GLY B 130 -16.21 -34.31 -1.97
N ALA B 131 -16.59 -35.97 -4.03
N ALA B 131 -16.89 -35.41 -2.29
CA ALA B 131 -18.02 -36.30 -3.96
CA ALA B 131 -18.24 -35.66 -1.80
C ALA B 131 -18.49 -36.67 -2.56
C ALA B 131 -18.33 -35.55 -0.28
N GLU B 132 -17.58 -37.20 -1.74
N GLU B 132 -17.41 -36.20 0.42
CA GLU B 132 -17.85 -37.43 -0.32
CA GLU B 132 -17.41 -36.16 1.88
C GLU B 132 -17.84 -36.11 0.44
C GLU B 132 -17.49 -34.73 2.36
N ASP B 133 -16.90 -35.23 0.09
N ASP B 133 -16.61 -33.89 1.82
CA ASP B 133 -16.77 -33.92 0.73
CA ASP B 133 -16.55 -32.48 2.19
C ASP B 133 -17.92 -32.96 0.45
C ASP B 133 -17.86 -31.77 1.87
N VAL B 134 -18.52 -33.04 -0.74
N VAL B 134 -18.53 -32.23 0.81
CA VAL B 134 -19.66 -32.18 -1.07
CA VAL B 134 -19.81 -31.66 0.40
C VAL B 134 -20.92 -32.54 -0.26
C VAL B 134 -20.80 -31.67 1.56
N GLU B 135 -21.08 -33.83 0.06
N GLU B 135 -20.81 -32.76 2.31
CA GLU B 135 -22.15 -34.29 0.93
CA GLU B 135 -21.80 -33.00 3.35
C GLU B 135 -21.84 -33.99 2.42
C GLU B 135 -21.51 -32.25 4.65
N ARG B 136 -20.57 -33.86 2.73
N ARG B 136 -20.30 -32.41 5.17
CA ARG B 136 -20.10 -33.55 4.09
CA ARG B 136 -19.97 -31.86 6.50
C ARG B 136 -20.33 -32.08 4.48
C ARG B 136 -19.66 -30.37 6.44
N GLN B 137 -20.44 -31.20 3.50
N GLN B 137 -20.00 -29.76 5.32
CA GLN B 137 -20.52 -29.76 3.77
CA GLN B 137 -19.88 -28.32 5.16
C GLN B 137 -21.47 -29.03 2.81
C GLN B 137 -20.87 -27.92 4.07
N LYS B 138 -22.77 -29.11 3.10
N LYS B 138 -21.94 -28.69 3.97
CA LYS B 138 -23.81 -28.52 2.27
CA LYS B 138 -22.92 -28.56 2.89
C LYS B 138 -23.90 -26.99 2.38
C LYS B 138 -23.44 -27.14 2.75
N MET B 139 -23.40 -26.41 3.48
N MET B 139 -23.13 -26.29 3.72
CA MET B 139 -23.50 -24.96 3.71
CA MET B 139 -23.56 -24.90 3.66
C MET B 139 -22.60 -24.17 2.76
C MET B 139 -22.57 -24.08 2.82
N ASN B 140 -21.30 -24.49 2.79
CA ASN B 140 -20.32 -23.84 1.94
C ASN B 140 -20.59 -24.13 0.45
N VAL B 141 -21.12 -25.31 0.16
CA VAL B 141 -21.50 -25.65 -1.21
C VAL B 141 -22.57 -24.68 -1.71
N PHE B 142 -23.60 -24.47 -0.89
CA PHE B 142 -24.67 -23.54 -1.24
C PHE B 142 -24.17 -22.09 -1.30
N ARG B 143 -23.24 -21.74 -0.42
CA ARG B 143 -22.57 -20.43 -0.49
C ARG B 143 -21.88 -20.25 -1.84
N MET B 144 -21.11 -21.26 -2.25
CA MET B 144 -20.41 -21.23 -3.53
C MET B 144 -21.38 -21.04 -4.70
N LYS B 145 -22.50 -21.76 -4.67
CA LYS B 145 -23.50 -21.66 -5.74
C LYS B 145 -24.17 -20.28 -5.74
N LEU B 146 -24.47 -19.74 -4.56
CA LEU B 146 -25.05 -18.40 -4.43
C LEU B 146 -24.12 -17.33 -5.03
N LEU B 147 -22.82 -17.57 -4.91
CA LEU B 147 -21.80 -16.65 -5.44
C LEU B 147 -21.58 -16.80 -6.95
N GLY B 148 -22.28 -17.73 -7.59
CA GLY B 148 -22.20 -17.92 -9.03
C GLY B 148 -21.18 -18.96 -9.48
N ALA B 149 -20.54 -19.63 -8.53
CA ALA B 149 -19.54 -20.64 -8.87
C ALA B 149 -20.21 -21.98 -9.11
N ASN B 150 -19.54 -22.83 -9.89
CA ASN B 150 -20.03 -24.18 -10.15
C ASN B 150 -19.20 -25.16 -9.32
N VAL B 151 -19.88 -26.02 -8.58
CA VAL B 151 -19.21 -26.99 -7.72
C VAL B 151 -19.25 -28.34 -8.42
N ILE B 152 -18.08 -28.79 -8.89
CA ILE B 152 -17.96 -30.05 -9.61
C ILE B 152 -17.64 -31.16 -8.62
N PRO B 153 -18.54 -32.15 -8.47
CA PRO B 153 -18.28 -33.25 -7.56
C PRO B 153 -17.28 -34.22 -8.15
N VAL B 154 -16.30 -34.66 -7.35
CA VAL B 154 -15.25 -35.54 -7.83
C VAL B 154 -15.56 -37.00 -7.47
N ASN B 155 -15.82 -37.80 -8.49
CA ASN B 155 -16.11 -39.23 -8.34
C ASN B 155 -14.97 -40.06 -8.91
N SER B 156 -13.80 -39.98 -8.26
CA SER B 156 -12.62 -40.74 -8.66
C SER B 156 -11.66 -40.84 -7.48
N GLY B 157 -11.19 -42.06 -7.21
CA GLY B 157 -10.29 -42.30 -6.09
C GLY B 157 -11.02 -42.28 -4.75
N SER B 158 -10.38 -41.69 -3.75
CA SER B 158 -10.94 -41.61 -2.39
C SER B 158 -11.94 -40.46 -2.21
N ARG B 159 -12.15 -39.65 -3.25
CA ARG B 159 -13.20 -38.63 -3.28
C ARG B 159 -13.11 -37.68 -2.07
N THR B 160 -11.95 -37.05 -1.91
CA THR B 160 -11.72 -36.08 -0.83
C THR B 160 -10.74 -34.99 -1.30
N ALA B 161 -10.30 -34.13 -0.38
CA ALA B 161 -9.46 -32.98 -0.71
C ALA B 161 -8.26 -33.33 -1.61
N LYS B 162 -7.60 -34.45 -1.32
CA LYS B 162 -6.49 -34.94 -2.13
C LYS B 162 -6.91 -35.24 -3.58
N ASP B 163 -8.10 -35.81 -3.77
CA ASP B 163 -8.59 -36.18 -5.10
C ASP B 163 -9.27 -35.03 -5.84
N ALA B 164 -9.71 -34.02 -5.09
CA ALA B 164 -10.18 -32.77 -5.67
C ALA B 164 -9.02 -32.06 -6.37
N ILE B 165 -7.86 -32.04 -5.71
CA ILE B 165 -6.63 -31.49 -6.28
C ILE B 165 -6.20 -32.27 -7.53
N ASN B 166 -6.35 -33.59 -7.49
CA ASN B 166 -6.00 -34.45 -8.63
C ASN B 166 -6.79 -34.09 -9.89
N GLU B 167 -8.09 -33.87 -9.73
CA GLU B 167 -8.97 -33.51 -10.85
C GLU B 167 -8.69 -32.11 -11.36
N ALA B 168 -8.45 -31.18 -10.44
CA ALA B 168 -8.13 -29.80 -10.80
C ALA B 168 -6.88 -29.71 -11.68
N LEU B 169 -5.86 -30.50 -11.36
CA LEU B 169 -4.62 -30.53 -12.15
C LEU B 169 -4.85 -30.99 -13.59
N ARG B 170 -5.66 -32.03 -13.76
CA ARG B 170 -6.02 -32.54 -15.08
C ARG B 170 -6.77 -31.49 -15.91
N ASP B 171 -7.73 -30.83 -15.27
CA ASP B 171 -8.46 -29.71 -15.87
C ASP B 171 -7.49 -28.61 -16.32
N TRP B 172 -6.62 -28.20 -15.41
CA TRP B 172 -5.69 -27.09 -15.68
C TRP B 172 -4.71 -27.43 -16.80
N GLU B 173 -4.31 -28.70 -16.87
CA GLU B 173 -3.43 -29.15 -17.92
C GLU B 173 -4.05 -28.90 -19.31
N ALA B 174 -5.36 -29.08 -19.42
CA ALA B 174 -6.09 -28.85 -20.68
C ALA B 174 -6.53 -27.40 -20.91
N THR B 175 -6.66 -26.59 -19.85
CA THR B 175 -7.33 -25.29 -19.96
C THR B 175 -6.48 -24.06 -19.57
N PHE B 176 -5.18 -24.26 -19.33
CA PHE B 176 -4.33 -23.20 -18.77
C PHE B 176 -4.25 -21.92 -19.60
N GLU B 177 -4.51 -22.02 -20.91
CA GLU B 177 -4.53 -20.86 -21.79
C GLU B 177 -5.45 -19.76 -21.26
N TYR B 178 -6.62 -20.15 -20.77
CA TYR B 178 -7.60 -19.20 -20.23
C TYR B 178 -7.96 -19.41 -18.75
N THR B 179 -7.38 -20.43 -18.11
CA THR B 179 -7.73 -20.80 -16.75
C THR B 179 -6.56 -20.65 -15.78
N HIS B 180 -6.81 -19.97 -14.67
CA HIS B 180 -5.85 -19.94 -13.57
C HIS B 180 -6.25 -20.94 -12.50
N TYR B 181 -5.30 -21.81 -12.12
CA TYR B 181 -5.53 -22.73 -11.00
C TYR B 181 -5.21 -22.00 -9.70
N LEU B 182 -6.25 -21.59 -8.99
CA LEU B 182 -6.11 -20.82 -7.76
C LEU B 182 -5.95 -21.77 -6.58
N ILE B 183 -4.69 -22.13 -6.31
CA ILE B 183 -4.35 -23.03 -5.21
C ILE B 183 -4.50 -22.31 -3.88
N GLY B 184 -5.07 -23.02 -2.91
CA GLY B 184 -5.53 -22.42 -1.65
C GLY B 184 -4.64 -22.57 -0.44
N SER B 185 -3.51 -23.26 -0.58
CA SER B 185 -2.53 -23.30 0.50
C SER B 185 -1.10 -23.21 -0.07
N VAL B 186 -0.12 -23.23 0.82
CA VAL B 186 1.28 -23.07 0.42
C VAL B 186 1.89 -24.38 -0.08
N VAL B 187 1.19 -25.01 -1.02
CA VAL B 187 1.53 -26.34 -1.52
C VAL B 187 1.53 -26.29 -3.05
N GLY B 188 1.93 -27.39 -3.66
CA GLY B 188 1.94 -27.49 -5.11
C GLY B 188 3.30 -27.10 -5.66
N PRO B 189 3.44 -27.15 -6.98
CA PRO B 189 4.70 -26.80 -7.61
C PRO B 189 5.02 -25.31 -7.49
N HIS B 190 6.30 -24.98 -7.47
CA HIS B 190 6.74 -23.58 -7.59
C HIS B 190 6.05 -22.98 -8.82
N PRO B 191 5.50 -21.77 -8.73
CA PRO B 191 5.75 -20.80 -7.66
C PRO B 191 4.65 -20.70 -6.61
N TYR B 192 3.77 -21.69 -6.51
CA TYR B 192 2.60 -21.55 -5.66
C TYR B 192 2.90 -21.41 -4.16
N PRO B 193 3.79 -22.24 -3.60
CA PRO B 193 4.08 -22.04 -2.16
C PRO B 193 4.58 -20.63 -1.83
N THR B 194 5.40 -20.07 -2.71
CA THR B 194 5.89 -18.70 -2.52
C THR B 194 4.76 -17.67 -2.68
N ILE B 195 3.97 -17.80 -3.73
CA ILE B 195 2.88 -16.86 -4.00
C ILE B 195 1.88 -16.82 -2.85
N VAL B 196 1.42 -18.00 -2.42
CA VAL B 196 0.42 -18.05 -1.37
C VAL B 196 0.98 -17.49 -0.05
N ARG B 197 2.22 -17.82 0.27
CA ARG B 197 2.88 -17.27 1.47
C ARG B 197 2.98 -15.75 1.40
N ASP B 198 3.32 -15.22 0.22
CA ASP B 198 3.42 -13.78 0.04
C ASP B 198 2.06 -13.09 0.25
N PHE B 199 0.99 -13.64 -0.31
CA PHE B 199 -0.34 -13.06 -0.12
C PHE B 199 -0.87 -13.23 1.30
N GLN B 200 -0.45 -14.26 2.02
CA GLN B 200 -0.82 -14.41 3.43
C GLN B 200 0.06 -13.63 4.41
N SER B 201 1.21 -13.15 3.95
CA SER B 201 2.14 -12.44 4.81
C SER B 201 1.58 -11.16 5.42
N VAL B 202 0.52 -10.61 4.83
CA VAL B 202 -0.18 -9.47 5.42
C VAL B 202 -0.61 -9.75 6.88
N ILE B 203 -0.96 -10.99 7.20
CA ILE B 203 -1.36 -11.34 8.56
C ILE B 203 -0.24 -11.01 9.53
N GLY B 204 0.96 -11.51 9.24
CA GLY B 204 2.13 -11.29 10.07
C GLY B 204 2.59 -9.86 10.08
N ARG B 205 2.48 -9.17 8.95
CA ARG B 205 2.92 -7.77 8.89
C ARG B 205 2.02 -6.90 9.77
N GLU B 206 0.72 -7.14 9.73
CA GLU B 206 -0.22 -6.46 10.64
C GLU B 206 0.05 -6.85 12.10
N ALA B 207 0.14 -8.15 12.37
CA ALA B 207 0.34 -8.63 13.75
C ALA B 207 1.59 -8.07 14.40
N LYS B 208 2.68 -7.96 13.64
CA LYS B 208 3.93 -7.39 14.13
C LYS B 208 3.76 -5.92 14.49
N ALA B 209 3.17 -5.14 13.59
CA ALA B 209 2.92 -3.72 13.84
C ALA B 209 1.97 -3.56 15.03
N GLN B 210 0.98 -4.44 15.11
CA GLN B 210 -0.02 -4.37 16.18
C GLN B 210 0.53 -4.75 17.55
N ILE B 211 1.39 -5.75 17.62
CA ILE B 211 1.98 -6.14 18.90
C ILE B 211 3.04 -5.14 19.36
N LEU B 212 3.77 -4.54 18.41
CA LEU B 212 4.70 -3.46 18.76
C LEU B 212 3.97 -2.22 19.30
N GLU B 213 2.81 -1.91 18.74
CA GLU B 213 1.97 -0.83 19.24
C GLU B 213 1.41 -1.13 20.64
N ALA B 214 0.91 -2.36 20.82
CA ALA B 214 0.24 -2.75 22.07
C ALA B 214 1.17 -2.99 23.25
N GLU B 215 2.30 -3.64 23.00
CA GLU B 215 3.20 -4.08 24.07
C GLU B 215 4.60 -3.48 23.98
N GLY B 216 4.91 -2.77 22.90
CA GLY B 216 6.24 -2.18 22.71
C GLY B 216 7.35 -3.19 22.48
N GLN B 217 6.98 -4.43 22.14
CA GLN B 217 7.97 -5.49 21.94
C GLN B 217 7.40 -6.61 21.08
N LEU B 218 8.30 -7.43 20.55
CA LEU B 218 7.91 -8.60 19.78
C LEU B 218 7.38 -9.68 20.71
N PRO B 219 6.57 -10.60 20.17
CA PRO B 219 6.09 -11.73 20.96
C PRO B 219 7.18 -12.75 21.24
N ASP B 220 6.97 -13.55 22.27
CA ASP B 220 7.88 -14.64 22.59
C ASP B 220 7.57 -15.86 21.74
N VAL B 221 6.28 -16.09 21.49
CA VAL B 221 5.85 -17.22 20.67
C VAL B 221 4.70 -16.82 19.75
N ILE B 222 4.70 -17.40 18.55
CA ILE B 222 3.57 -17.32 17.64
C ILE B 222 3.07 -18.75 17.40
N VAL B 223 1.78 -18.95 17.57
CA VAL B 223 1.17 -20.27 17.40
C VAL B 223 0.09 -20.24 16.32
N ALA B 224 0.17 -21.14 15.36
CA ALA B 224 -0.83 -21.21 14.29
C ALA B 224 -1.06 -22.66 13.91
N CYS B 225 -2.29 -22.99 13.55
CA CYS B 225 -2.58 -24.32 13.05
C CYS B 225 -1.97 -24.48 11.66
N VAL B 226 -1.70 -25.73 11.30
CA VAL B 226 -1.05 -26.06 10.04
C VAL B 226 -1.81 -27.20 9.37
N GLY B 227 -2.48 -26.89 8.26
CA GLY B 227 -3.03 -27.91 7.37
C GLY B 227 -2.01 -28.04 6.28
N GLY B 228 -2.26 -27.37 5.16
CA GLY B 228 -1.23 -27.18 4.14
C GLY B 228 -0.19 -26.19 4.62
N GLY B 229 -0.62 -25.21 5.42
CA GLY B 229 0.31 -24.30 6.09
C GLY B 229 0.26 -22.81 5.76
N SER B 230 -0.78 -22.35 5.09
CA SER B 230 -0.81 -20.95 4.60
C SER B 230 -1.03 -19.90 5.69
N ASN B 231 -1.97 -20.13 6.60
CA ASN B 231 -2.21 -19.16 7.68
C ASN B 231 -0.98 -19.09 8.58
N ALA B 232 -0.34 -20.24 8.82
CA ALA B 232 0.89 -20.29 9.62
C ALA B 232 2.05 -19.54 8.95
N MET B 233 2.29 -19.80 7.67
CA MET B 233 3.34 -19.07 6.94
C MET B 233 3.00 -17.58 6.90
N GLY B 234 1.72 -17.26 6.75
CA GLY B 234 1.28 -15.87 6.69
C GLY B 234 1.69 -15.08 7.93
N ILE B 235 1.50 -15.69 9.09
CA ILE B 235 1.83 -15.00 10.34
C ILE B 235 3.30 -15.21 10.72
N PHE B 236 3.87 -16.37 10.40
CA PHE B 236 5.29 -16.64 10.70
C PHE B 236 6.26 -15.71 9.92
N TYR B 237 6.01 -15.59 8.62
CA TYR B 237 7.05 -15.13 7.69
C TYR B 237 7.72 -13.81 8.09
N PRO B 238 6.94 -12.79 8.47
CA PRO B 238 7.61 -11.52 8.83
C PRO B 238 8.42 -11.56 10.12
N PHE B 239 8.25 -12.61 10.93
CA PHE B 239 9.03 -12.78 12.16
C PHE B 239 10.22 -13.76 12.00
N VAL B 240 10.38 -14.37 10.82
CA VAL B 240 11.40 -15.40 10.63
C VAL B 240 12.81 -14.91 11.02
N ASN B 241 13.13 -13.67 10.68
CA ASN B 241 14.45 -13.11 10.97
C ASN B 241 14.56 -12.43 12.34
N ASP B 242 13.49 -12.48 13.13
CA ASP B 242 13.54 -12.03 14.53
C ASP B 242 13.85 -13.24 15.40
N LYS B 243 15.13 -13.46 15.66
CA LYS B 243 15.62 -14.68 16.31
C LYS B 243 14.94 -14.99 17.65
N LYS B 244 14.54 -13.94 18.36
CA LYS B 244 13.84 -14.04 19.65
C LYS B 244 12.46 -14.71 19.60
N VAL B 245 11.81 -14.70 18.42
CA VAL B 245 10.42 -15.14 18.32
C VAL B 245 10.34 -16.63 17.97
N LYS B 246 9.77 -17.40 18.89
CA LYS B 246 9.54 -18.82 18.65
C LYS B 246 8.32 -18.99 17.75
N LEU B 247 8.40 -19.95 16.84
CA LEU B 247 7.30 -20.22 15.92
C LEU B 247 6.86 -21.66 16.15
N VAL B 248 5.56 -21.85 16.39
CA VAL B 248 5.01 -23.16 16.65
C VAL B 248 3.83 -23.43 15.73
N GLY B 249 3.94 -24.47 14.91
CA GLY B 249 2.85 -24.88 14.05
C GLY B 249 2.15 -26.08 14.67
N VAL B 250 0.82 -26.05 14.69
CA VAL B 250 0.01 -27.09 15.32
C VAL B 250 -0.75 -27.91 14.27
N GLU B 251 -0.40 -29.18 14.16
CA GLU B 251 -1.05 -30.09 13.23
C GLU B 251 -2.16 -30.88 13.92
N ALA B 252 -3.02 -31.47 13.10
CA ALA B 252 -4.15 -32.25 13.60
C ALA B 252 -3.67 -33.60 14.07
N GLY B 253 -3.72 -33.81 15.39
CA GLY B 253 -3.42 -35.11 15.99
C GLY B 253 -4.58 -36.08 15.87
N GLY B 254 -5.74 -35.61 15.46
CA GLY B 254 -6.88 -36.47 15.17
C GLY B 254 -7.31 -37.27 16.38
N LYS B 255 -7.50 -38.58 16.18
CA LYS B 255 -7.83 -39.50 17.27
C LYS B 255 -6.58 -40.03 18.00
N GLY B 256 -5.43 -39.41 17.71
CA GLY B 256 -4.16 -39.79 18.33
C GLY B 256 -3.20 -40.29 17.27
N LEU B 257 -1.93 -39.93 17.41
CA LEU B 257 -0.92 -40.31 16.42
C LEU B 257 -0.78 -41.82 16.27
N GLU B 258 -1.01 -42.55 17.37
CA GLU B 258 -0.95 -44.01 17.37
C GLU B 258 -2.11 -44.67 16.60
N SER B 259 -3.22 -43.94 16.42
CA SER B 259 -4.40 -44.48 15.74
C SER B 259 -4.26 -44.49 14.21
N GLY B 260 -3.35 -43.70 13.67
CA GLY B 260 -3.28 -43.50 12.23
C GLY B 260 -4.23 -42.43 11.71
N LYS B 261 -5.35 -42.22 12.41
CA LYS B 261 -6.37 -41.26 12.00
C LYS B 261 -6.00 -39.85 12.46
N HIS B 262 -5.22 -39.16 11.64
CA HIS B 262 -4.74 -37.82 11.93
C HIS B 262 -4.26 -37.17 10.63
N SER B 263 -3.76 -35.95 10.71
CA SER B 263 -3.22 -35.29 9.52
C SER B 263 -1.89 -34.61 9.82
N ALA B 264 -1.11 -35.21 10.72
CA ALA B 264 0.16 -34.67 11.18
C ALA B 264 1.29 -35.06 10.23
N SER B 265 1.31 -34.43 9.06
CA SER B 265 2.30 -34.71 8.04
C SER B 265 3.73 -34.47 8.54
N LEU B 266 3.98 -33.34 9.20
CA LEU B 266 5.34 -33.03 9.68
C LEU B 266 5.77 -33.94 10.84
N ASN B 267 4.85 -34.25 11.75
CA ASN B 267 5.18 -35.05 12.92
C ASN B 267 5.26 -36.56 12.66
N ALA B 268 4.43 -37.06 11.73
CA ALA B 268 4.33 -38.50 11.48
C ALA B 268 4.35 -38.91 10.00
N GLY B 269 4.54 -37.96 9.09
CA GLY B 269 4.58 -38.25 7.67
C GLY B 269 5.98 -38.61 7.21
N GLN B 270 6.11 -38.88 5.90
CA GLN B 270 7.40 -39.22 5.30
C GLN B 270 7.63 -38.28 4.12
N VAL B 271 8.88 -37.95 3.85
CA VAL B 271 9.21 -37.09 2.72
C VAL B 271 8.88 -37.82 1.42
N GLY B 272 8.40 -37.08 0.43
CA GLY B 272 8.04 -37.66 -0.86
C GLY B 272 7.56 -36.61 -1.83
N VAL B 273 7.24 -37.05 -3.05
CA VAL B 273 6.77 -36.17 -4.10
C VAL B 273 5.27 -36.38 -4.33
N LEU B 274 4.50 -35.30 -4.19
CA LEU B 274 3.09 -35.33 -4.58
C LEU B 274 2.62 -33.92 -4.92
N HIS B 275 1.66 -33.84 -5.84
CA HIS B 275 1.11 -32.58 -6.31
C HIS B 275 2.19 -31.58 -6.73
N GLY B 276 3.25 -32.11 -7.35
CA GLY B 276 4.32 -31.27 -7.90
C GLY B 276 5.39 -30.77 -6.96
N MET B 277 5.38 -31.22 -5.71
CA MET B 277 6.32 -30.72 -4.70
C MET B 277 6.96 -31.85 -3.90
N LEU B 278 8.17 -31.59 -3.40
CA LEU B 278 8.79 -32.46 -2.41
C LEU B 278 8.48 -31.90 -1.02
N SER B 279 7.80 -32.71 -0.21
CA SER B 279 7.46 -32.33 1.16
C SER B 279 7.07 -33.57 1.97
N TYR B 280 6.55 -33.34 3.18
CA TYR B 280 6.08 -34.44 4.04
C TYR B 280 4.64 -34.80 3.71
N PHE B 281 4.38 -36.10 3.63
CA PHE B 281 3.04 -36.63 3.38
C PHE B 281 2.81 -37.86 4.27
N LEU B 282 1.56 -38.11 4.66
CA LEU B 282 1.22 -39.35 5.35
C LEU B 282 1.27 -40.52 4.36
N GLN B 283 1.97 -41.59 4.75
CA GLN B 283 2.22 -42.73 3.87
C GLN B 283 2.04 -44.06 4.60
N ASP B 284 1.54 -45.06 3.87
CA ASP B 284 1.29 -46.39 4.42
C ASP B 284 2.60 -47.21 4.54
N GLU B 285 2.48 -48.46 4.99
CA GLU B 285 3.64 -49.35 5.12
C GLU B 285 4.39 -49.54 3.81
N GLU B 286 3.64 -49.62 2.70
CA GLU B 286 4.23 -49.75 1.36
C GLU B 286 5.02 -48.50 0.95
N GLY B 287 4.47 -47.32 1.25
CA GLY B 287 5.08 -46.05 0.87
C GLY B 287 4.19 -45.15 0.02
N GLN B 288 2.96 -45.58 -0.25
CA GLN B 288 2.00 -44.77 -1.01
C GLN B 288 1.23 -43.83 -0.08
N ILE B 289 0.64 -42.79 -0.66
CA ILE B 289 -0.12 -41.79 0.09
C ILE B 289 -1.28 -42.44 0.84
N LYS B 290 -1.48 -42.00 2.08
CA LYS B 290 -2.49 -42.56 2.98
C LYS B 290 -3.53 -41.48 3.30
N PRO B 291 -4.82 -41.87 3.41
CA PRO B 291 -5.85 -40.91 3.83
C PRO B 291 -5.60 -40.32 5.21
N SER B 292 -5.92 -39.05 5.37
CA SER B 292 -5.79 -38.37 6.66
C SER B 292 -7.17 -38.25 7.31
N HIS B 293 -7.19 -37.75 8.55
CA HIS B 293 -8.43 -37.43 9.24
C HIS B 293 -8.22 -36.28 10.22
N SER B 294 -9.27 -35.48 10.40
CA SER B 294 -9.34 -34.52 11.48
C SER B 294 -10.80 -34.13 11.69
N ILE B 295 -11.16 -33.83 12.93
CA ILE B 295 -12.47 -33.22 13.20
C ILE B 295 -12.57 -31.87 12.46
N ALA B 296 -11.43 -31.21 12.26
CA ALA B 296 -11.37 -29.96 11.49
C ALA B 296 -11.20 -30.23 10.00
N PRO B 297 -12.25 -29.98 9.18
CA PRO B 297 -12.18 -30.30 7.75
C PRO B 297 -10.97 -29.68 7.04
N GLY B 298 -10.64 -28.45 7.41
CA GLY B 298 -9.53 -27.72 6.80
C GLY B 298 -8.14 -28.27 7.08
N LEU B 299 -8.00 -29.12 8.09
CA LEU B 299 -6.70 -29.75 8.39
C LEU B 299 -6.59 -31.14 7.78
N ASP B 300 -7.63 -31.59 7.08
CA ASP B 300 -7.74 -32.95 6.59
C ASP B 300 -7.14 -33.07 5.17
N TYR B 301 -5.83 -32.86 5.09
CA TYR B 301 -5.05 -33.00 3.84
C TYR B 301 -3.78 -33.77 4.20
N PRO B 302 -3.45 -34.84 3.44
CA PRO B 302 -2.32 -35.69 3.86
C PRO B 302 -0.92 -35.05 3.81
N GLY B 303 -0.77 -33.91 3.12
CA GLY B 303 0.54 -33.26 2.97
C GLY B 303 0.69 -31.94 3.70
N VAL B 304 1.82 -31.28 3.46
CA VAL B 304 2.14 -30.01 4.10
C VAL B 304 3.08 -29.20 3.21
N GLY B 305 3.01 -27.88 3.31
CA GLY B 305 3.82 -26.99 2.48
C GLY B 305 5.31 -27.17 2.69
N PRO B 306 6.11 -27.05 1.60
CA PRO B 306 7.55 -27.29 1.69
C PRO B 306 8.31 -26.30 2.57
N GLU B 307 7.80 -25.08 2.73
CA GLU B 307 8.49 -24.07 3.55
C GLU B 307 8.43 -24.45 5.02
N HIS B 308 7.36 -25.10 5.45
CA HIS B 308 7.30 -25.67 6.80
C HIS B 308 8.26 -26.84 6.98
N ALA B 309 8.35 -27.71 5.97
CA ALA B 309 9.31 -28.81 6.01
C ALA B 309 10.71 -28.24 6.19
N TYR B 310 10.98 -27.15 5.48
CA TYR B 310 12.26 -26.45 5.61
C TYR B 310 12.44 -25.86 7.01
N LEU B 311 11.43 -25.17 7.53
CA LEU B 311 11.55 -24.54 8.85
C LEU B 311 11.71 -25.59 9.94
N LYS B 312 11.06 -26.73 9.77
CA LYS B 312 11.25 -27.88 10.66
C LYS B 312 12.72 -28.33 10.63
N LYS B 313 13.24 -28.55 9.42
CA LYS B 313 14.60 -29.08 9.26
C LYS B 313 15.67 -28.18 9.87
N ILE B 314 15.59 -26.87 9.64
CA ILE B 314 16.57 -25.95 10.22
C ILE B 314 16.24 -25.54 11.66
N GLN B 315 15.16 -26.10 12.21
CA GLN B 315 14.74 -25.88 13.60
C GLN B 315 14.40 -24.41 13.91
N ARG B 316 13.96 -23.67 12.89
CA ARG B 316 13.48 -22.32 13.08
C ARG B 316 12.07 -22.34 13.68
N ALA B 317 11.27 -23.35 13.30
CA ALA B 317 9.94 -23.53 13.86
C ALA B 317 9.79 -24.93 14.44
N GLU B 318 8.98 -25.04 15.48
CA GLU B 318 8.67 -26.30 16.13
C GLU B 318 7.26 -26.71 15.72
N TYR B 319 7.05 -27.99 15.44
CA TYR B 319 5.73 -28.47 15.06
C TYR B 319 5.22 -29.50 16.07
N VAL B 320 3.95 -29.35 16.44
CA VAL B 320 3.34 -30.13 17.50
C VAL B 320 1.97 -30.60 17.02
N THR B 321 1.33 -31.45 17.80
CA THR B 321 -0.02 -31.90 17.47
C THR B 321 -0.98 -31.69 18.63
N VAL B 322 -2.24 -31.57 18.28
CA VAL B 322 -3.34 -31.43 19.22
C VAL B 322 -4.45 -32.36 18.72
N THR B 323 -5.06 -33.10 19.64
CA THR B 323 -6.07 -34.08 19.27
C THR B 323 -7.41 -33.43 18.96
N ASP B 324 -8.28 -34.19 18.30
CA ASP B 324 -9.68 -33.81 18.08
C ASP B 324 -10.33 -33.30 19.37
N GLU B 325 -10.16 -34.05 20.45
CA GLU B 325 -10.77 -33.74 21.73
C GLU B 325 -10.25 -32.44 22.32
N GLU B 326 -8.93 -32.25 22.27
CA GLU B 326 -8.32 -31.02 22.79
C GLU B 326 -8.77 -29.79 22.01
N ALA B 327 -8.89 -29.93 20.69
CA ALA B 327 -9.39 -28.85 19.84
C ALA B 327 -10.84 -28.53 20.19
N LEU B 328 -11.64 -29.57 20.39
CA LEU B 328 -13.05 -29.41 20.75
C LEU B 328 -13.17 -28.66 22.08
N LYS B 329 -12.39 -29.06 23.07
CA LYS B 329 -12.36 -28.35 24.36
C LYS B 329 -12.02 -26.87 24.19
N ALA B 330 -11.00 -26.58 23.38
CA ALA B 330 -10.58 -25.18 23.14
C ALA B 330 -11.66 -24.38 22.40
N PHE B 331 -12.38 -25.03 21.49
CA PHE B 331 -13.49 -24.42 20.76
C PHE B 331 -14.55 -23.91 21.75
N HIS B 332 -14.93 -24.76 22.69
CA HIS B 332 -15.90 -24.39 23.74
C HIS B 332 -15.33 -23.34 24.68
N GLU B 333 -14.07 -23.52 25.05
CA GLU B 333 -13.39 -22.61 25.98
C GLU B 333 -13.33 -21.16 25.47
N LEU B 334 -12.91 -20.97 24.23
CA LEU B 334 -12.85 -19.62 23.66
C LEU B 334 -14.24 -18.99 23.52
N SER B 335 -15.22 -19.79 23.09
CA SER B 335 -16.58 -19.31 22.94
C SER B 335 -17.11 -18.78 24.27
N ARG B 336 -16.95 -19.57 25.33
CA ARG B 336 -17.49 -19.24 26.65
C ARG B 336 -16.69 -18.19 27.42
N THR B 337 -15.38 -18.11 27.17
CA THR B 337 -14.51 -17.22 27.93
C THR B 337 -14.27 -15.86 27.26
N GLU B 338 -14.25 -15.83 25.94
CA GLU B 338 -14.00 -14.58 25.21
C GLU B 338 -15.13 -14.12 24.27
N GLY B 339 -16.15 -14.95 24.11
CA GLY B 339 -17.25 -14.65 23.19
C GLY B 339 -16.82 -14.67 21.74
N ILE B 340 -15.87 -15.55 21.41
CA ILE B 340 -15.40 -15.73 20.05
C ILE B 340 -15.50 -17.20 19.71
N ILE B 341 -16.32 -17.53 18.72
CA ILE B 341 -16.46 -18.92 18.26
C ILE B 341 -15.44 -19.15 17.16
N PRO B 342 -14.40 -19.95 17.44
CA PRO B 342 -13.33 -20.14 16.46
C PRO B 342 -13.61 -21.30 15.52
N ALA B 343 -12.97 -21.28 14.36
CA ALA B 343 -13.00 -22.45 13.48
C ALA B 343 -12.32 -23.61 14.22
N LEU B 344 -12.75 -24.84 13.90
CA LEU B 344 -12.15 -26.02 14.52
C LEU B 344 -10.66 -26.15 14.17
N GLU B 345 -10.27 -25.63 13.00
CA GLU B 345 -8.86 -25.57 12.61
C GLU B 345 -8.11 -24.70 13.62
N SER B 346 -8.61 -23.48 13.79
CA SER B 346 -8.04 -22.48 14.70
C SER B 346 -8.02 -22.97 16.15
N ALA B 347 -9.04 -23.72 16.53
CA ALA B 347 -9.13 -24.29 17.88
C ALA B 347 -7.91 -25.14 18.24
N HIS B 348 -7.28 -25.77 17.24
CA HIS B 348 -6.04 -26.51 17.47
C HIS B 348 -4.94 -25.58 17.98
N ALA B 349 -4.80 -24.41 17.36
CA ALA B 349 -3.82 -23.43 17.79
C ALA B 349 -4.14 -22.90 19.19
N VAL B 350 -5.42 -22.63 19.44
CA VAL B 350 -5.84 -22.15 20.75
C VAL B 350 -5.57 -23.21 21.83
N ALA B 351 -5.90 -24.46 21.53
CA ALA B 351 -5.64 -25.56 22.46
C ALA B 351 -4.16 -25.63 22.83
N TYR B 352 -3.27 -25.56 21.85
CA TYR B 352 -1.85 -25.63 22.15
C TYR B 352 -1.34 -24.39 22.90
N ALA B 353 -1.80 -23.20 22.48
CA ALA B 353 -1.44 -21.96 23.16
C ALA B 353 -1.81 -22.00 24.65
N MET B 354 -2.95 -22.60 24.97
CA MET B 354 -3.40 -22.72 26.37
C MET B 354 -2.45 -23.56 27.22
N LYS B 355 -1.98 -24.68 26.67
CA LYS B 355 -0.96 -25.51 27.32
C LYS B 355 0.36 -24.76 27.46
N LEU B 356 0.78 -24.09 26.39
CA LEU B 356 2.05 -23.39 26.37
C LEU B 356 2.06 -22.21 27.34
N ALA B 357 1.00 -21.41 27.33
CA ALA B 357 0.89 -20.24 28.19
C ALA B 357 1.09 -20.60 29.67
N LYS B 358 0.54 -21.74 30.08
CA LYS B 358 0.59 -22.17 31.47
C LYS B 358 2.01 -22.21 32.03
N GLU B 359 2.95 -22.71 31.24
CA GLU B 359 4.35 -22.84 31.67
C GLU B 359 5.24 -21.64 31.31
N MET B 360 4.64 -20.52 30.91
CA MET B 360 5.39 -19.30 30.62
C MET B 360 5.10 -18.20 31.65
N SER B 361 5.98 -17.21 31.70
CA SER B 361 5.85 -16.08 32.62
C SER B 361 4.70 -15.14 32.22
N ARG B 362 4.16 -14.42 33.20
CA ARG B 362 3.10 -13.44 32.97
C ARG B 362 3.54 -12.25 32.11
N ASP B 363 4.83 -11.98 32.08
CA ASP B 363 5.39 -10.90 31.26
C ASP B 363 5.56 -11.30 29.79
N GLU B 364 5.52 -12.60 29.49
CA GLU B 364 5.71 -13.10 28.13
C GLU B 364 4.42 -13.02 27.30
N ILE B 365 4.59 -13.09 25.97
CA ILE B 365 3.51 -12.85 25.03
C ILE B 365 3.41 -13.97 23.99
N ILE B 366 2.19 -14.48 23.82
CA ILE B 366 1.88 -15.44 22.76
C ILE B 366 0.88 -14.79 21.82
N ILE B 367 1.14 -14.86 20.53
CA ILE B 367 0.14 -14.51 19.54
C ILE B 367 -0.34 -15.80 18.90
N VAL B 368 -1.65 -16.03 18.96
CA VAL B 368 -2.29 -17.16 18.31
C VAL B 368 -3.01 -16.67 17.06
N ASN B 369 -2.79 -17.33 15.93
CA ASN B 369 -3.51 -16.98 14.71
C ASN B 369 -4.89 -17.62 14.74
N LEU B 370 -5.92 -16.79 14.88
CA LEU B 370 -7.28 -17.30 14.83
C LEU B 370 -7.73 -17.28 13.37
N SER B 371 -7.36 -18.34 12.66
CA SER B 371 -7.47 -18.37 11.19
C SER B 371 -8.89 -18.25 10.63
N GLY B 372 -9.90 -18.63 11.41
CA GLY B 372 -11.27 -18.45 10.97
C GLY B 372 -12.30 -18.50 12.09
N ARG B 373 -13.56 -18.25 11.72
CA ARG B 373 -14.68 -18.34 12.66
C ARG B 373 -15.34 -19.70 12.54
N GLY B 374 -16.06 -20.08 13.58
CA GLY B 374 -16.58 -21.44 13.70
C GLY B 374 -18.00 -21.68 13.23
N ASP B 375 -18.61 -20.69 12.57
CA ASP B 375 -20.00 -20.82 12.08
C ASP B 375 -20.16 -22.04 11.17
N LYS B 376 -19.16 -22.31 10.34
CA LYS B 376 -19.16 -23.48 9.46
C LYS B 376 -19.15 -24.83 10.20
N ASP B 377 -18.65 -24.83 11.44
CA ASP B 377 -18.41 -26.06 12.21
C ASP B 377 -19.51 -26.41 13.20
N LEU B 378 -20.63 -25.68 13.17
CA LEU B 378 -21.65 -25.83 14.21
C LEU B 378 -22.29 -27.23 14.25
N ASP B 379 -22.61 -27.78 13.09
CA ASP B 379 -23.17 -29.14 13.02
C ASP B 379 -22.18 -30.20 13.51
N ILE B 380 -20.90 -30.01 13.19
CA ILE B 380 -19.85 -30.93 13.62
C ILE B 380 -19.69 -30.92 15.14
N VAL B 381 -19.66 -29.73 15.73
CA VAL B 381 -19.52 -29.60 17.18
C VAL B 381 -20.77 -30.08 17.92
N LEU B 382 -21.94 -29.85 17.31
CA LEU B 382 -23.22 -30.34 17.83
C LEU B 382 -23.24 -31.88 17.96
N LYS B 383 -22.83 -32.55 16.90
CA LYS B 383 -22.75 -34.02 16.89
C LYS B 383 -21.68 -34.54 17.85
N ALA B 384 -20.54 -33.86 17.89
CA ALA B 384 -19.42 -34.24 18.76
C ALA B 384 -19.70 -34.01 20.25
N SER B 385 -20.59 -33.07 20.57
CA SER B 385 -21.02 -32.81 21.95
C SER B 385 -22.34 -33.52 22.23
N MET C 1 -15.50 19.74 -1.52
CA MET C 1 -15.12 21.17 -1.70
C MET C 1 -14.55 21.80 -0.43
N TRP C 2 -15.00 21.32 0.72
CA TRP C 2 -14.64 21.93 2.00
C TRP C 2 -13.89 20.97 2.92
N PHE C 3 -12.97 21.54 3.69
CA PHE C 3 -12.33 20.84 4.80
C PHE C 3 -12.67 21.67 6.02
N GLY C 4 -13.73 21.28 6.72
CA GLY C 4 -14.34 22.14 7.72
C GLY C 4 -14.82 23.40 7.03
N GLU C 5 -14.45 24.56 7.55
CA GLU C 5 -14.83 25.85 6.95
C GLU C 5 -13.83 26.37 5.90
N PHE C 6 -12.74 25.63 5.67
CA PHE C 6 -11.70 26.07 4.73
C PHE C 6 -11.87 25.45 3.35
N GLY C 7 -11.43 26.18 2.33
CA GLY C 7 -11.43 25.70 0.95
C GLY C 7 -12.37 26.52 0.09
N GLY C 8 -13.37 25.87 -0.48
CA GLY C 8 -14.36 26.54 -1.31
C GLY C 8 -13.91 26.70 -2.74
N GLN C 9 -14.62 27.56 -3.47
CA GLN C 9 -14.42 27.73 -4.90
C GLN C 9 -14.65 29.19 -5.28
N TYR C 10 -13.85 30.06 -4.68
CA TYR C 10 -14.06 31.51 -4.77
C TYR C 10 -13.45 32.08 -6.04
N VAL C 11 -14.17 31.90 -7.13
CA VAL C 11 -13.68 32.19 -8.46
C VAL C 11 -14.79 32.90 -9.25
N PRO C 12 -14.42 33.67 -10.29
CA PRO C 12 -15.44 34.16 -11.21
C PRO C 12 -16.41 33.08 -11.68
N GLU C 13 -17.68 33.44 -11.86
CA GLU C 13 -18.72 32.50 -12.28
C GLU C 13 -18.40 31.77 -13.58
N THR C 14 -17.58 32.39 -14.43
CA THR C 14 -17.13 31.80 -15.68
C THR C 14 -16.24 30.57 -15.51
N LEU C 15 -15.55 30.48 -14.37
CA LEU C 15 -14.70 29.33 -14.07
C LEU C 15 -15.41 28.22 -13.28
N VAL C 16 -16.66 28.46 -12.86
CA VAL C 16 -17.43 27.44 -12.14
C VAL C 16 -17.74 26.25 -13.04
N GLY C 17 -18.12 26.52 -14.29
CA GLY C 17 -18.37 25.47 -15.28
C GLY C 17 -17.18 24.55 -15.50
N PRO C 18 -16.02 25.12 -15.91
CA PRO C 18 -14.75 24.39 -16.07
C PRO C 18 -14.33 23.54 -14.87
N LEU C 19 -14.56 24.07 -13.66
CA LEU C 19 -14.21 23.34 -12.44
C LEU C 19 -15.16 22.16 -12.19
N LYS C 20 -16.45 22.37 -12.45
CA LYS C 20 -17.43 21.30 -12.36
C LYS C 20 -17.07 20.14 -13.31
N GLU C 21 -16.52 20.50 -14.48
CA GLU C 21 -16.10 19.51 -15.47
C GLU C 21 -14.76 18.88 -15.12
N LEU C 22 -13.84 19.68 -14.57
CA LEU C 22 -12.59 19.15 -14.05
C LEU C 22 -12.87 18.14 -12.95
N GLU C 23 -13.81 18.48 -12.06
CA GLU C 23 -14.23 17.56 -11.02
C GLU C 23 -14.88 16.29 -11.58
N LYS C 24 -15.79 16.46 -12.54
CA LYS C 24 -16.48 15.32 -13.14
C LYS C 24 -15.49 14.40 -13.85
N ALA C 25 -14.63 14.99 -14.66
CA ALA C 25 -13.57 14.24 -15.35
C ALA C 25 -12.65 13.52 -14.36
N TYR C 26 -12.26 14.21 -13.29
CA TYR C 26 -11.35 13.63 -12.30
C TYR C 26 -11.95 12.41 -11.60
N LYS C 27 -13.19 12.53 -11.17
CA LYS C 27 -13.86 11.47 -10.40
C LYS C 27 -14.15 10.22 -11.25
N ARG C 28 -14.33 10.41 -12.56
CA ARG C 28 -14.43 9.29 -13.48
C ARG C 28 -13.09 8.57 -13.61
N PHE C 29 -12.02 9.33 -13.86
CA PHE C 29 -10.69 8.77 -14.12
C PHE C 29 -9.97 8.24 -12.87
N LYS C 30 -10.37 8.69 -11.68
CA LYS C 30 -9.81 8.18 -10.43
C LYS C 30 -10.20 6.72 -10.18
N ASP C 31 -11.39 6.32 -10.63
CA ASP C 31 -11.86 4.94 -10.50
C ASP C 31 -11.64 4.10 -11.77
N ASP C 32 -10.78 4.59 -12.66
CA ASP C 32 -10.59 3.97 -13.96
C ASP C 32 -9.30 3.15 -13.98
N GLU C 33 -9.41 1.90 -14.38
CA GLU C 33 -8.27 0.98 -14.46
C GLU C 33 -7.19 1.52 -15.38
N GLU C 34 -7.58 1.93 -16.58
CA GLU C 34 -6.63 2.38 -17.60
C GLU C 34 -5.88 3.66 -17.22
N PHE C 35 -6.58 4.65 -16.68
CA PHE C 35 -5.94 5.89 -16.25
C PHE C 35 -4.91 5.66 -15.15
N ASN C 36 -5.24 4.78 -14.20
CA ASN C 36 -4.34 4.47 -13.10
C ASN C 36 -3.17 3.62 -13.56
N ARG C 37 -3.45 2.69 -14.48
CA ARG C 37 -2.39 1.86 -15.07
C ARG C 37 -1.40 2.71 -15.86
N GLN C 38 -1.94 3.65 -16.66
CA GLN C 38 -1.11 4.59 -17.44
C GLN C 38 -0.29 5.48 -16.51
N LEU C 39 -0.94 6.01 -15.47
CA LEU C 39 -0.26 6.87 -14.49
C LEU C 39 0.87 6.13 -13.80
N ASN C 40 0.59 4.93 -13.29
CA ASN C 40 1.59 4.07 -12.66
C ASN C 40 2.75 3.78 -13.63
N TYR C 41 2.42 3.57 -14.89
CA TYR C 41 3.43 3.36 -15.92
C TYR C 41 4.38 4.55 -16.05
N TYR C 42 3.83 5.75 -16.13
CA TYR C 42 4.64 6.98 -16.14
C TYR C 42 5.45 7.13 -14.85
N LEU C 43 4.79 7.00 -13.70
CA LEU C 43 5.48 7.12 -12.39
C LEU C 43 6.64 6.14 -12.28
N LYS C 44 6.42 4.89 -12.70
CA LYS C 44 7.47 3.89 -12.63
C LYS C 44 8.62 4.11 -13.63
N THR C 45 8.30 4.20 -14.92
CA THR C 45 9.31 4.13 -15.97
C THR C 45 9.94 5.49 -16.31
N TRP C 46 9.18 6.57 -16.13
CA TRP C 46 9.65 7.91 -16.45
C TRP C 46 10.10 8.67 -15.21
N ALA C 47 9.31 8.62 -14.14
CA ALA C 47 9.62 9.37 -12.92
C ALA C 47 10.52 8.61 -11.95
N GLY C 48 10.55 7.29 -12.06
CA GLY C 48 11.44 6.43 -11.26
C GLY C 48 10.90 6.01 -9.91
N ARG C 49 9.58 5.99 -9.75
CA ARG C 49 8.95 5.53 -8.52
C ARG C 49 8.97 4.00 -8.45
N PRO C 50 9.02 3.41 -7.26
CA PRO C 50 9.02 4.09 -5.97
C PRO C 50 10.37 4.69 -5.64
N THR C 51 10.35 5.79 -4.90
CA THR C 51 11.58 6.32 -4.32
C THR C 51 11.86 5.51 -3.04
N PRO C 52 13.14 5.34 -2.69
CA PRO C 52 13.47 4.60 -1.48
C PRO C 52 13.16 5.35 -0.18
N LEU C 53 13.10 4.58 0.90
CA LEU C 53 13.08 5.11 2.26
C LEU C 53 14.44 4.82 2.86
N TYR C 54 15.18 5.85 3.19
CA TYR C 54 16.57 5.71 3.59
C TYR C 54 16.78 5.91 5.10
N TYR C 55 17.49 4.99 5.75
CA TYR C 55 17.82 5.13 7.16
C TYR C 55 19.08 5.99 7.31
N ALA C 56 18.90 7.20 7.82
CA ALA C 56 20.01 8.13 8.00
C ALA C 56 20.76 7.77 9.28
N LYS C 57 21.57 6.72 9.18
CA LYS C 57 22.25 6.11 10.32
C LYS C 57 23.19 7.07 11.02
N ARG C 58 24.06 7.72 10.25
CA ARG C 58 25.09 8.61 10.84
C ARG C 58 24.46 9.81 11.52
N LEU C 59 23.50 10.44 10.85
CA LEU C 59 22.77 11.57 11.42
C LEU C 59 22.02 11.18 12.69
N THR C 60 21.39 10.01 12.66
CA THR C 60 20.66 9.47 13.81
C THR C 60 21.58 9.28 15.01
N GLU C 61 22.71 8.62 14.79
CA GLU C 61 23.66 8.30 15.86
C GLU C 61 24.39 9.53 16.36
N LYS C 62 24.59 10.51 15.49
CA LYS C 62 25.23 11.78 15.88
C LYS C 62 24.39 12.50 16.94
N ILE C 63 23.09 12.59 16.71
CA ILE C 63 22.17 13.24 17.63
C ILE C 63 21.88 12.36 18.85
N GLY C 64 21.65 11.07 18.60
CA GLY C 64 21.55 10.08 19.68
C GLY C 64 20.15 9.78 20.14
N GLY C 65 19.16 10.29 19.42
CA GLY C 65 17.75 10.09 19.76
C GLY C 65 17.06 9.19 18.76
N ALA C 66 15.87 9.59 18.34
CA ALA C 66 15.03 8.79 17.44
C ALA C 66 15.71 8.46 16.11
N LYS C 67 15.29 7.35 15.54
CA LYS C 67 15.72 6.93 14.22
C LYS C 67 15.14 7.85 13.18
N ILE C 68 16.00 8.43 12.35
CA ILE C 68 15.59 9.35 11.30
C ILE C 68 15.63 8.64 9.94
N TYR C 69 14.46 8.46 9.34
CA TYR C 69 14.33 7.94 8.00
C TYR C 69 13.98 9.06 7.03
N LEU C 70 14.62 9.05 5.85
CA LEU C 70 14.32 10.03 4.80
C LEU C 70 13.58 9.40 3.63
N LYS C 71 12.38 9.90 3.35
CA LYS C 71 11.63 9.47 2.17
C LYS C 71 12.23 10.26 1.02
N ARG C 72 12.85 9.57 0.06
CA ARG C 72 13.78 10.19 -0.88
C ARG C 72 13.12 10.75 -2.15
N GLU C 73 12.27 11.75 -1.98
CA GLU C 73 11.64 12.41 -3.14
C GLU C 73 12.65 13.21 -3.97
N ASP C 74 13.81 13.50 -3.37
CA ASP C 74 14.94 14.07 -4.08
C ASP C 74 15.39 13.23 -5.29
N LEU C 75 15.01 11.95 -5.33
CA LEU C 75 15.41 11.05 -6.40
C LEU C 75 14.36 10.92 -7.53
N VAL C 76 13.19 11.55 -7.37
CA VAL C 76 12.21 11.60 -8.45
C VAL C 76 12.79 12.38 -9.64
N HIS C 77 12.44 11.94 -10.85
CA HIS C 77 12.82 12.65 -12.07
C HIS C 77 12.44 14.12 -11.93
N GLY C 78 13.41 15.00 -12.12
CA GLY C 78 13.16 16.43 -11.93
C GLY C 78 13.76 16.94 -10.63
N GLY C 79 13.93 16.04 -9.66
CA GLY C 79 14.62 16.37 -8.41
C GLY C 79 13.70 16.83 -7.28
N ALA C 80 12.40 16.69 -7.46
CA ALA C 80 11.44 17.00 -6.40
C ALA C 80 10.13 16.24 -6.58
N HIS C 81 9.34 16.22 -5.52
CA HIS C 81 8.00 15.62 -5.51
C HIS C 81 7.00 16.19 -6.53
N LYS C 82 7.24 17.42 -6.98
CA LYS C 82 6.32 18.11 -7.89
C LYS C 82 5.91 17.29 -9.11
N THR C 83 6.84 16.48 -9.59
CA THR C 83 6.60 15.62 -10.73
C THR C 83 5.39 14.70 -10.56
N ASN C 84 5.18 14.18 -9.35
CA ASN C 84 4.06 13.24 -9.07
C ASN C 84 2.72 13.86 -9.45
N ASN C 85 2.57 15.14 -9.15
CA ASN C 85 1.34 15.88 -9.43
C ASN C 85 1.28 16.31 -10.90
N ALA C 86 2.40 16.77 -11.45
CA ALA C 86 2.45 17.19 -12.85
C ALA C 86 2.08 16.05 -13.79
N ILE C 87 2.64 14.86 -13.56
CA ILE C 87 2.37 13.71 -14.42
C ILE C 87 1.02 13.04 -14.09
N GLY C 88 0.42 13.41 -12.96
CA GLY C 88 -0.98 13.05 -12.70
C GLY C 88 -1.95 13.92 -13.47
N GLN C 89 -1.78 15.24 -13.38
CA GLN C 89 -2.71 16.19 -14.00
C GLN C 89 -2.60 16.30 -15.52
N ALA C 90 -1.38 16.24 -16.06
CA ALA C 90 -1.18 16.50 -17.49
C ALA C 90 -1.90 15.49 -18.39
N PRO C 91 -1.84 14.18 -18.08
CA PRO C 91 -2.63 13.20 -18.85
C PRO C 91 -4.13 13.30 -18.63
N LEU C 92 -4.55 13.70 -17.43
CA LEU C 92 -5.96 14.01 -17.16
C LEU C 92 -6.42 15.13 -18.08
N ALA C 93 -5.60 16.18 -18.17
CA ALA C 93 -5.88 17.30 -19.07
C ALA C 93 -5.97 16.87 -20.54
N LYS C 94 -5.02 16.04 -20.98
CA LYS C 94 -5.01 15.56 -22.36
C LYS C 94 -6.25 14.74 -22.68
N LEU C 95 -6.64 13.87 -21.74
CA LEU C 95 -7.87 13.08 -21.86
C LEU C 95 -9.13 13.95 -21.88
N MET C 96 -9.09 15.09 -21.19
CA MET C 96 -10.19 16.06 -21.23
C MET C 96 -10.23 16.89 -22.52
N GLY C 97 -9.23 16.74 -23.39
CA GLY C 97 -9.22 17.41 -24.69
C GLY C 97 -8.39 18.69 -24.72
N LYS C 98 -7.74 19.00 -23.61
CA LYS C 98 -6.91 20.21 -23.53
C LYS C 98 -5.60 20.02 -24.29
N THR C 99 -5.05 21.11 -24.81
CA THR C 99 -3.83 21.08 -25.62
C THR C 99 -2.69 21.92 -25.04
N ARG C 100 -2.97 22.64 -23.96
CA ARG C 100 -2.01 23.57 -23.37
C ARG C 100 -2.06 23.50 -21.84
N LEU C 101 -0.90 23.69 -21.21
CA LEU C 101 -0.79 23.74 -19.76
C LEU C 101 -0.21 25.07 -19.32
N ILE C 102 -0.82 25.69 -18.31
CA ILE C 102 -0.20 26.84 -17.64
C ILE C 102 0.06 26.48 -16.17
N ALA C 103 1.05 27.14 -15.57
CA ALA C 103 1.39 26.91 -14.18
C ALA C 103 2.19 28.06 -13.58
N GLU C 104 2.18 28.13 -12.25
CA GLU C 104 2.95 29.09 -11.48
C GLU C 104 4.23 28.40 -10.99
N THR C 105 5.24 29.19 -10.64
CA THR C 105 6.41 28.63 -9.96
C THR C 105 7.21 29.67 -9.15
N GLY C 106 7.85 29.19 -8.08
CA GLY C 106 8.74 30.00 -7.24
C GLY C 106 10.14 29.43 -7.20
N ALA C 107 10.28 28.23 -6.65
CA ALA C 107 11.56 27.52 -6.64
C ALA C 107 11.97 27.01 -8.02
N GLY C 108 11.04 27.04 -8.98
CA GLY C 108 11.29 26.55 -10.32
C GLY C 108 11.11 25.04 -10.46
N GLN C 109 10.87 24.33 -9.36
CA GLN C 109 10.71 22.88 -9.44
C GLN C 109 9.36 22.51 -10.07
N HIS C 110 8.31 23.27 -9.78
CA HIS C 110 6.99 22.97 -10.35
C HIS C 110 6.92 23.39 -11.80
N GLY C 111 7.52 24.54 -12.11
CA GLY C 111 7.64 24.99 -13.48
C GLY C 111 8.38 23.96 -14.32
N VAL C 112 9.49 23.46 -13.80
CA VAL C 112 10.26 22.41 -14.47
C VAL C 112 9.44 21.11 -14.60
N ALA C 113 8.77 20.69 -13.53
CA ALA C 113 7.95 19.48 -13.55
C ALA C 113 6.84 19.59 -14.59
N THR C 114 6.18 20.74 -14.64
CA THR C 114 5.13 20.99 -15.61
C THR C 114 5.69 20.99 -17.04
N ALA C 115 6.85 21.62 -17.23
CA ALA C 115 7.55 21.61 -18.52
C ALA C 115 7.93 20.20 -18.96
N MET C 116 8.42 19.39 -18.02
CA MET C 116 8.78 18.00 -18.31
C MET C 116 7.57 17.18 -18.73
N ALA C 117 6.49 17.28 -17.96
CA ALA C 117 5.25 16.57 -18.25
C ALA C 117 4.68 17.00 -19.61
N GLY C 118 4.66 18.31 -19.85
CA GLY C 118 4.24 18.86 -21.13
C GLY C 118 5.05 18.33 -22.30
N ALA C 119 6.38 18.34 -22.15
CA ALA C 119 7.27 17.82 -23.18
C ALA C 119 6.96 16.36 -23.48
N LEU C 120 6.85 15.57 -22.43
CA LEU C 120 6.53 14.13 -22.53
C LEU C 120 5.26 13.88 -23.34
N LEU C 121 4.23 14.69 -23.10
CA LEU C 121 2.91 14.49 -23.70
C LEU C 121 2.65 15.36 -24.93
N GLY C 122 3.66 16.09 -25.39
CA GLY C 122 3.53 16.92 -26.58
C GLY C 122 2.55 18.08 -26.40
N MET C 123 2.56 18.67 -25.21
CA MET C 123 1.71 19.80 -24.88
C MET C 123 2.57 21.06 -24.74
N LYS C 124 2.01 22.20 -25.10
CA LYS C 124 2.72 23.48 -24.92
C LYS C 124 2.58 23.93 -23.47
N VAL C 125 3.64 24.57 -22.95
CA VAL C 125 3.71 24.96 -21.55
C VAL C 125 4.13 26.42 -21.40
N ASP C 126 3.27 27.20 -20.75
CA ASP C 126 3.59 28.57 -20.34
C ASP C 126 3.65 28.60 -18.82
N ILE C 127 4.81 28.92 -18.26
CA ILE C 127 4.98 29.06 -16.81
C ILE C 127 4.99 30.54 -16.43
N TYR C 128 4.20 30.89 -15.42
CA TYR C 128 4.20 32.25 -14.87
C TYR C 128 5.11 32.29 -13.63
N MET C 129 5.99 33.28 -13.57
CA MET C 129 7.03 33.32 -12.53
C MET C 129 7.38 34.75 -12.08
N GLY C 130 7.96 34.88 -10.88
CA GLY C 130 8.38 36.17 -10.31
C GLY C 130 9.87 36.42 -10.43
N ALA C 131 10.23 37.65 -10.78
CA ALA C 131 11.62 38.02 -11.16
C ALA C 131 12.69 37.74 -10.10
N GLU C 132 12.32 37.82 -8.82
CA GLU C 132 13.28 37.56 -7.73
C GLU C 132 13.70 36.10 -7.71
N ASP C 133 12.73 35.21 -7.97
CA ASP C 133 12.97 33.78 -8.05
C ASP C 133 13.72 33.37 -9.32
N VAL C 134 13.53 34.14 -10.39
CA VAL C 134 14.29 33.96 -11.63
C VAL C 134 15.79 34.05 -11.35
N GLU C 135 16.20 35.06 -10.58
CA GLU C 135 17.61 35.30 -10.27
C GLU C 135 18.22 34.21 -9.38
N ARG C 136 17.56 33.88 -8.27
CA ARG C 136 18.13 32.97 -7.27
C ARG C 136 17.92 31.47 -7.55
N GLN C 137 17.09 31.13 -8.54
CA GLN C 137 16.91 29.73 -8.95
C GLN C 137 17.20 29.59 -10.45
N LYS C 138 18.27 30.25 -10.91
CA LYS C 138 18.62 30.37 -12.33
C LYS C 138 18.82 29.04 -13.05
N MET C 139 19.34 28.04 -12.32
CA MET C 139 19.51 26.70 -12.86
C MET C 139 18.20 26.16 -13.44
N ASN C 140 17.11 26.32 -12.68
CA ASN C 140 15.78 25.85 -13.10
C ASN C 140 15.18 26.70 -14.23
N VAL C 141 15.58 27.96 -14.33
CA VAL C 141 15.11 28.82 -15.42
C VAL C 141 15.64 28.32 -16.77
N PHE C 142 16.89 27.84 -16.77
CA PHE C 142 17.52 27.29 -17.98
C PHE C 142 16.83 25.98 -18.36
N ARG C 143 16.52 25.17 -17.36
CA ARG C 143 15.87 23.88 -17.56
C ARG C 143 14.54 24.04 -18.29
N MET C 144 13.71 24.95 -17.81
CA MET C 144 12.37 25.15 -18.38
C MET C 144 12.42 25.51 -19.86
N LYS C 145 13.36 26.38 -20.24
CA LYS C 145 13.53 26.78 -21.63
C LYS C 145 13.99 25.59 -22.47
N LEU C 146 14.97 24.85 -21.96
CA LEU C 146 15.49 23.68 -22.69
C LEU C 146 14.44 22.58 -22.88
N LEU C 147 13.45 22.56 -21.98
CA LEU C 147 12.32 21.63 -22.10
C LEU C 147 11.23 22.07 -23.08
N GLY C 148 11.38 23.26 -23.68
CA GLY C 148 10.42 23.79 -24.63
C GLY C 148 9.27 24.59 -24.03
N ALA C 149 9.38 24.94 -22.74
CA ALA C 149 8.38 25.80 -22.08
C ALA C 149 8.74 27.29 -22.19
N ASN C 150 7.73 28.16 -22.09
CA ASN C 150 7.95 29.61 -22.04
C ASN C 150 7.81 30.16 -20.62
N VAL C 151 8.87 30.76 -20.10
CA VAL C 151 8.89 31.31 -18.73
C VAL C 151 8.47 32.77 -18.75
N ILE C 152 7.19 33.02 -18.48
CA ILE C 152 6.60 34.37 -18.51
C ILE C 152 6.82 35.11 -17.18
N PRO C 153 7.10 36.43 -17.24
CA PRO C 153 7.16 37.23 -16.01
C PRO C 153 5.81 37.81 -15.58
N THR C 160 7.61 37.39 -6.74
CA THR C 160 7.54 36.09 -6.08
C THR C 160 6.27 35.31 -6.46
N ALA C 161 6.13 34.11 -5.91
CA ALA C 161 5.02 33.18 -6.21
C ALA C 161 3.63 33.81 -6.23
N LYS C 162 3.30 34.60 -5.21
CA LYS C 162 1.97 35.20 -5.09
C LYS C 162 1.57 35.98 -6.34
N ASP C 163 2.51 36.77 -6.87
CA ASP C 163 2.29 37.57 -8.07
C ASP C 163 2.22 36.71 -9.34
N ALA C 164 2.99 35.61 -9.35
CA ALA C 164 2.95 34.68 -10.48
C ALA C 164 1.57 34.03 -10.62
N ILE C 165 0.97 33.64 -9.50
CA ILE C 165 -0.33 32.97 -9.47
C ILE C 165 -1.47 33.86 -10.00
N ASN C 166 -1.39 35.16 -9.75
CA ASN C 166 -2.46 36.09 -10.13
C ASN C 166 -2.73 36.09 -11.64
N GLU C 167 -1.66 36.06 -12.43
CA GLU C 167 -1.76 36.10 -13.90
C GLU C 167 -2.38 34.84 -14.50
N ALA C 168 -2.03 33.67 -13.95
CA ALA C 168 -2.49 32.38 -14.47
C ALA C 168 -4.01 32.20 -14.38
N LEU C 169 -4.60 32.71 -13.30
CA LEU C 169 -6.04 32.59 -13.08
C LEU C 169 -6.86 33.34 -14.14
N ARG C 170 -6.43 34.55 -14.48
CA ARG C 170 -7.08 35.34 -15.54
C ARG C 170 -6.84 34.73 -16.91
N ASP C 171 -5.67 34.12 -17.09
CA ASP C 171 -5.34 33.37 -18.31
C ASP C 171 -6.34 32.23 -18.47
N TRP C 172 -6.47 31.41 -17.43
CA TRP C 172 -7.33 30.23 -17.48
C TRP C 172 -8.81 30.58 -17.70
N GLU C 173 -9.26 31.71 -17.16
CA GLU C 173 -10.64 32.19 -17.36
C GLU C 173 -10.97 32.39 -18.84
N ALA C 174 -9.98 32.87 -19.61
CA ALA C 174 -10.14 33.09 -21.05
C ALA C 174 -9.90 31.81 -21.87
N THR C 175 -9.00 30.95 -21.41
CA THR C 175 -8.50 29.83 -22.23
C THR C 175 -8.93 28.43 -21.81
N PHE C 176 -9.78 28.30 -20.79
CA PHE C 176 -10.18 26.99 -20.24
C PHE C 176 -10.62 25.95 -21.29
N GLU C 177 -11.26 26.41 -22.37
CA GLU C 177 -11.75 25.50 -23.43
C GLU C 177 -10.69 24.52 -23.93
N TYR C 178 -9.46 25.02 -24.12
CA TYR C 178 -8.33 24.18 -24.53
C TYR C 178 -7.19 24.11 -23.51
N THR C 179 -7.25 24.93 -22.45
CA THR C 179 -6.17 25.02 -21.46
C THR C 179 -6.56 24.39 -20.12
N HIS C 180 -5.59 23.72 -19.51
CA HIS C 180 -5.72 23.23 -18.13
C HIS C 180 -4.73 23.99 -17.29
N TYR C 181 -5.21 24.57 -16.18
CA TYR C 181 -4.32 25.22 -15.22
C TYR C 181 -3.78 24.16 -14.27
N LEU C 182 -2.49 23.85 -14.40
CA LEU C 182 -1.87 22.79 -13.63
C LEU C 182 -1.29 23.38 -12.35
N ILE C 183 -2.14 23.51 -11.35
CA ILE C 183 -1.75 24.06 -10.04
C ILE C 183 -0.76 23.10 -9.38
N GLY C 184 0.26 23.68 -8.74
CA GLY C 184 1.41 22.92 -8.24
C GLY C 184 1.48 22.64 -6.75
N SER C 185 0.45 23.02 -6.01
CA SER C 185 0.35 22.67 -4.60
C SER C 185 -1.12 22.41 -4.25
N VAL C 186 -1.38 22.07 -2.99
CA VAL C 186 -2.74 21.77 -2.55
C VAL C 186 -3.51 23.05 -2.24
N VAL C 187 -3.53 23.94 -3.22
CA VAL C 187 -4.09 25.28 -3.06
C VAL C 187 -5.01 25.55 -4.24
N GLY C 188 -5.65 26.72 -4.22
CA GLY C 188 -6.56 27.10 -5.27
C GLY C 188 -7.96 26.61 -4.98
N PRO C 189 -8.88 26.83 -5.94
CA PRO C 189 -10.28 26.46 -5.75
C PRO C 189 -10.47 24.96 -5.92
N HIS C 190 -11.51 24.42 -5.29
CA HIS C 190 -11.90 23.04 -5.50
C HIS C 190 -12.02 22.79 -7.01
N PRO C 191 -11.57 21.64 -7.52
CA PRO C 191 -11.09 20.49 -6.74
C PRO C 191 -9.57 20.34 -6.64
N TYR C 192 -8.82 21.42 -6.86
CA TYR C 192 -7.36 21.31 -6.91
C TYR C 192 -6.68 20.85 -5.62
N PRO C 193 -7.11 21.37 -4.46
CA PRO C 193 -6.52 20.86 -3.21
C PRO C 193 -6.69 19.35 -3.03
N THR C 194 -7.83 18.82 -3.46
CA THR C 194 -8.10 17.38 -3.38
C THR C 194 -7.27 16.61 -4.40
N ILE C 195 -7.27 17.08 -5.65
CA ILE C 195 -6.55 16.41 -6.73
C ILE C 195 -5.04 16.35 -6.47
N VAL C 196 -4.46 17.46 -6.02
CA VAL C 196 -3.01 17.52 -5.82
C VAL C 196 -2.62 16.60 -4.66
N ARG C 197 -3.42 16.60 -3.60
CA ARG C 197 -3.21 15.68 -2.46
C ARG C 197 -3.31 14.23 -2.91
N ASP C 198 -4.34 13.89 -3.67
CA ASP C 198 -4.49 12.52 -4.18
C ASP C 198 -3.27 12.06 -4.99
N PHE C 199 -2.77 12.91 -5.88
CA PHE C 199 -1.61 12.56 -6.68
C PHE C 199 -0.31 12.50 -5.87
N GLN C 200 -0.21 13.28 -4.80
CA GLN C 200 0.98 13.23 -3.95
C GLN C 200 0.89 12.09 -2.93
N SER C 201 -0.30 11.51 -2.73
CA SER C 201 -0.51 10.44 -1.73
C SER C 201 0.31 9.19 -2.00
N VAL C 202 0.80 9.04 -3.23
CA VAL C 202 1.75 7.98 -3.55
C VAL C 202 2.97 7.98 -2.60
N ILE C 203 3.39 9.17 -2.19
CA ILE C 203 4.53 9.30 -1.29
C ILE C 203 4.27 8.54 0.01
N GLY C 204 3.14 8.85 0.65
CA GLY C 204 2.77 8.22 1.91
C GLY C 204 2.45 6.74 1.77
N ARG C 205 1.82 6.35 0.66
CA ARG C 205 1.50 4.95 0.44
C ARG C 205 2.78 4.12 0.35
N GLU C 206 3.77 4.63 -0.36
CA GLU C 206 5.07 3.95 -0.44
C GLU C 206 5.77 3.92 0.92
N ALA C 207 5.77 5.08 1.59
CA ALA C 207 6.47 5.24 2.85
C ALA C 207 5.95 4.26 3.90
N LYS C 208 4.64 4.06 3.92
CA LYS C 208 4.00 3.15 4.86
C LYS C 208 4.48 1.72 4.65
N ALA C 209 4.44 1.25 3.40
CA ALA C 209 4.91 -0.09 3.07
C ALA C 209 6.40 -0.22 3.40
N GLN C 210 7.18 0.82 3.11
CA GLN C 210 8.62 0.77 3.33
C GLN C 210 9.02 0.79 4.82
N ILE C 211 8.29 1.50 5.66
CA ILE C 211 8.65 1.56 7.08
C ILE C 211 8.24 0.24 7.75
N LEU C 212 7.17 -0.36 7.27
CA LEU C 212 6.79 -1.69 7.71
C LEU C 212 7.85 -2.73 7.34
N GLU C 213 8.46 -2.60 6.15
CA GLU C 213 9.55 -3.49 5.77
C GLU C 213 10.81 -3.26 6.64
N ALA C 214 11.20 -2.01 6.83
CA ALA C 214 12.42 -1.68 7.59
C ALA C 214 12.31 -1.90 9.09
N GLU C 215 11.19 -1.49 9.68
CA GLU C 215 11.02 -1.47 11.13
C GLU C 215 9.92 -2.38 11.69
N GLY C 216 9.03 -2.87 10.83
CA GLY C 216 7.92 -3.71 11.28
C GLY C 216 6.77 -2.98 11.95
N GLN C 217 6.82 -1.65 11.98
CA GLN C 217 5.76 -0.84 12.60
C GLN C 217 5.66 0.53 11.96
N LEU C 218 4.57 1.23 12.24
CA LEU C 218 4.37 2.57 11.73
C LEU C 218 5.29 3.54 12.46
N PRO C 219 5.59 4.70 11.84
CA PRO C 219 6.43 5.64 12.53
C PRO C 219 5.70 6.33 13.67
N ASP C 220 6.46 6.94 14.56
CA ASP C 220 5.89 7.74 15.64
C ASP C 220 5.57 9.15 15.15
N VAL C 221 6.39 9.66 14.24
CA VAL C 221 6.20 11.00 13.70
C VAL C 221 6.58 11.09 12.23
N ILE C 222 5.79 11.82 11.47
CA ILE C 222 6.13 12.18 10.10
C ILE C 222 6.34 13.69 10.04
N VAL C 223 7.49 14.10 9.53
CA VAL C 223 7.86 15.51 9.45
C VAL C 223 7.98 15.91 7.98
N ALA C 224 7.30 16.98 7.59
CA ALA C 224 7.38 17.49 6.23
C ALA C 224 7.34 19.01 6.24
N CYS C 225 8.10 19.64 5.34
CA CYS C 225 8.02 21.07 5.19
C CYS C 225 6.68 21.44 4.54
N VAL C 226 6.22 22.65 4.82
CA VAL C 226 4.94 23.13 4.30
C VAL C 226 5.10 24.52 3.68
N GLY C 227 4.93 24.58 2.37
CA GLY C 227 4.73 25.84 1.66
C GLY C 227 3.23 25.98 1.46
N GLY C 228 2.75 25.61 0.28
CA GLY C 228 1.31 25.46 0.05
C GLY C 228 0.79 24.19 0.71
N GLY C 229 1.63 23.16 0.78
CA GLY C 229 1.34 21.96 1.56
C GLY C 229 1.29 20.61 0.85
N SER C 230 1.69 20.53 -0.41
CA SER C 230 1.47 19.32 -1.21
C SER C 230 2.36 18.11 -0.82
N ASN C 231 3.66 18.32 -0.61
CA ASN C 231 4.53 17.20 -0.23
C ASN C 231 4.13 16.65 1.16
N ALA C 232 3.72 17.57 2.04
CA ALA C 232 3.24 17.20 3.38
C ALA C 232 1.93 16.41 3.31
N MET C 233 0.93 16.93 2.60
CA MET C 233 -0.32 16.16 2.40
C MET C 233 -0.04 14.81 1.76
N GLY C 234 0.89 14.79 0.81
CA GLY C 234 1.24 13.55 0.12
C GLY C 234 1.71 12.47 1.06
N ILE C 235 2.59 12.84 1.98
CA ILE C 235 3.10 11.87 2.95
C ILE C 235 2.17 11.68 4.15
N PHE C 236 1.48 12.74 4.60
CA PHE C 236 0.55 12.63 5.74
C PHE C 236 -0.67 11.76 5.45
N TYR C 237 -1.29 11.97 4.28
CA TYR C 237 -2.66 11.57 4.08
C TYR C 237 -2.94 10.09 4.31
N PRO C 238 -2.05 9.20 3.86
CA PRO C 238 -2.33 7.78 4.12
C PRO C 238 -2.19 7.37 5.59
N PHE C 239 -1.57 8.21 6.41
CA PHE C 239 -1.46 7.96 7.85
C PHE C 239 -2.50 8.68 8.72
N VAL C 240 -3.36 9.50 8.12
CA VAL C 240 -4.32 10.30 8.91
C VAL C 240 -5.16 9.44 9.84
N ASN C 241 -5.60 8.28 9.35
CA ASN C 241 -6.43 7.36 10.15
C ASN C 241 -5.63 6.42 11.06
N ASP C 242 -4.30 6.51 11.03
CA ASP C 242 -3.44 5.80 11.97
C ASP C 242 -3.18 6.70 13.17
N LYS C 243 -4.06 6.58 14.18
CA LYS C 243 -4.14 7.54 15.28
C LYS C 243 -2.82 7.82 15.99
N LYS C 244 -1.99 6.78 16.14
CA LYS C 244 -0.73 6.91 16.89
C LYS C 244 0.40 7.62 16.14
N VAL C 245 0.23 7.83 14.83
CA VAL C 245 1.23 8.54 14.04
C VAL C 245 1.01 10.04 14.15
N LYS C 246 2.00 10.74 14.74
CA LYS C 246 1.97 12.19 14.81
C LYS C 246 2.40 12.79 13.48
N LEU C 247 1.76 13.88 13.10
CA LEU C 247 2.03 14.54 11.83
C LEU C 247 2.47 15.97 12.12
N VAL C 248 3.69 16.31 11.69
CA VAL C 248 4.26 17.62 11.94
C VAL C 248 4.62 18.35 10.63
N GLY C 249 3.97 19.49 10.39
CA GLY C 249 4.29 20.33 9.24
C GLY C 249 5.19 21.48 9.67
N VAL C 250 6.25 21.73 8.89
CA VAL C 250 7.26 22.72 9.21
C VAL C 250 7.21 23.87 8.20
N GLU C 251 6.75 25.04 8.66
CA GLU C 251 6.70 26.23 7.82
C GLU C 251 7.99 27.02 7.93
N ALA C 252 8.19 27.93 6.98
CA ALA C 252 9.35 28.80 6.96
C ALA C 252 9.24 29.86 8.06
N GLY C 253 10.17 29.80 9.01
CA GLY C 253 10.29 30.79 10.07
C GLY C 253 11.12 32.00 9.66
N GLY C 254 11.80 31.90 8.51
CA GLY C 254 12.51 33.01 7.91
C GLY C 254 13.57 33.61 8.83
N LYS C 255 13.49 34.92 9.04
CA LYS C 255 14.41 35.60 9.96
C LYS C 255 13.92 35.49 11.42
N GLY C 256 12.79 34.82 11.62
CA GLY C 256 12.24 34.59 12.95
C GLY C 256 10.78 35.01 12.97
N LEU C 257 9.96 34.30 13.76
CA LEU C 257 8.54 34.65 13.91
C LEU C 257 8.36 36.07 14.43
N GLU C 258 9.14 36.44 15.45
CA GLU C 258 9.07 37.79 16.03
C GLU C 258 9.41 38.87 15.00
N SER C 259 10.23 38.52 13.99
CA SER C 259 10.63 39.47 12.95
C SER C 259 9.55 39.70 11.88
N GLY C 260 8.58 38.79 11.76
CA GLY C 260 7.55 38.91 10.74
C GLY C 260 7.99 38.55 9.31
N LYS C 261 9.29 38.40 9.07
CA LYS C 261 9.82 38.09 7.75
C LYS C 261 9.91 36.58 7.61
N HIS C 262 8.77 35.97 7.32
CA HIS C 262 8.65 34.52 7.25
C HIS C 262 7.51 34.13 6.30
N SER C 263 7.19 32.84 6.24
CA SER C 263 6.09 32.34 5.42
C SER C 263 5.21 31.36 6.20
N ALA C 264 5.14 31.57 7.52
CA ALA C 264 4.38 30.70 8.42
C ALA C 264 2.92 31.14 8.50
N SER C 265 2.17 30.83 7.45
CA SER C 265 0.75 31.18 7.33
C SER C 265 -0.11 30.52 8.42
N LEU C 266 0.10 29.23 8.66
CA LEU C 266 -0.64 28.50 9.70
C LEU C 266 -0.34 29.04 11.09
N ASN C 267 0.94 29.21 11.39
CA ASN C 267 1.37 29.66 12.70
C ASN C 267 0.81 31.05 13.03
N ALA C 268 1.10 32.01 12.16
CA ALA C 268 0.88 33.42 12.46
C ALA C 268 0.15 34.15 11.33
N GLY C 269 -0.70 33.43 10.61
CA GLY C 269 -1.54 34.04 9.58
C GLY C 269 -2.96 34.19 10.07
N GLN C 270 -3.62 35.22 9.56
CA GLN C 270 -5.06 35.37 9.72
C GLN C 270 -5.74 34.60 8.59
N VAL C 271 -7.05 34.43 8.70
CA VAL C 271 -7.84 33.82 7.64
C VAL C 271 -7.97 34.84 6.50
N GLY C 272 -8.08 34.33 5.27
CA GLY C 272 -8.31 35.18 4.11
C GLY C 272 -8.84 34.38 2.94
N VAL C 273 -9.17 35.07 1.86
CA VAL C 273 -9.60 34.41 0.63
C VAL C 273 -8.76 34.94 -0.52
N LEU C 274 -7.97 34.06 -1.12
CA LEU C 274 -7.12 34.41 -2.24
C LEU C 274 -6.87 33.18 -3.09
N HIS C 275 -6.74 33.41 -4.39
CA HIS C 275 -6.50 32.35 -5.37
C HIS C 275 -7.57 31.26 -5.31
N GLY C 276 -8.81 31.66 -5.02
CA GLY C 276 -9.96 30.75 -5.07
C GLY C 276 -10.22 29.93 -3.82
N MET C 277 -9.44 30.13 -2.76
CA MET C 277 -9.59 29.34 -1.54
C MET C 277 -9.72 30.21 -0.31
N LEU C 278 -10.44 29.70 0.68
CA LEU C 278 -10.48 30.27 2.01
C LEU C 278 -9.54 29.46 2.89
N SER C 279 -8.47 30.10 3.37
CA SER C 279 -7.46 29.45 4.21
C SER C 279 -6.72 30.53 5.01
N TYR C 280 -5.54 30.18 5.55
CA TYR C 280 -4.72 31.15 6.26
C TYR C 280 -3.73 31.84 5.32
N PHE C 281 -3.67 33.17 5.41
CA PHE C 281 -2.77 33.97 4.59
C PHE C 281 -2.06 35.01 5.45
N LEU C 282 -0.76 35.17 5.23
CA LEU C 282 0.02 36.20 5.93
C LEU C 282 -0.49 37.59 5.57
N GLN C 283 -0.78 38.39 6.59
CA GLN C 283 -1.32 39.73 6.40
C GLN C 283 -0.70 40.69 7.39
N ASP C 284 -0.66 41.96 7.03
CA ASP C 284 -0.32 43.02 7.98
C ASP C 284 -1.55 43.30 8.86
N GLU C 285 -1.40 44.20 9.83
CA GLU C 285 -2.50 44.58 10.72
C GLU C 285 -3.65 45.29 9.97
N GLU C 286 -3.31 45.92 8.85
CA GLU C 286 -4.26 46.66 8.03
C GLU C 286 -5.10 45.76 7.11
N GLY C 287 -4.73 44.49 6.99
CA GLY C 287 -5.51 43.53 6.21
C GLY C 287 -5.00 43.24 4.80
N GLN C 288 -3.96 43.95 4.38
CA GLN C 288 -3.32 43.69 3.08
C GLN C 288 -2.43 42.46 3.19
N ILE C 289 -2.32 41.70 2.09
CA ILE C 289 -1.45 40.52 2.08
C ILE C 289 0.02 40.95 2.24
N LYS C 290 0.75 40.22 3.08
CA LYS C 290 2.13 40.55 3.41
C LYS C 290 3.09 39.77 2.52
N PRO C 291 4.16 40.43 2.05
CA PRO C 291 5.20 39.68 1.35
C PRO C 291 5.84 38.63 2.26
N SER C 292 5.90 37.40 1.79
CA SER C 292 6.57 36.34 2.52
C SER C 292 8.08 36.42 2.31
N HIS C 293 8.81 35.73 3.17
CA HIS C 293 10.24 35.50 2.97
C HIS C 293 10.63 34.12 3.44
N SER C 294 11.57 33.51 2.74
CA SER C 294 12.28 32.35 3.23
C SER C 294 13.56 32.22 2.43
N ILE C 295 14.60 31.68 3.07
CA ILE C 295 15.81 31.33 2.34
C ILE C 295 15.50 30.29 1.27
N ALA C 296 14.49 29.46 1.53
CA ALA C 296 14.03 28.44 0.61
C ALA C 296 12.93 29.01 -0.28
N PRO C 297 13.23 29.27 -1.57
CA PRO C 297 12.27 29.94 -2.45
C PRO C 297 10.92 29.21 -2.57
N GLY C 298 10.94 27.89 -2.45
CA GLY C 298 9.73 27.07 -2.53
C GLY C 298 8.73 27.24 -1.39
N LEU C 299 9.19 27.76 -0.25
CA LEU C 299 8.32 28.04 0.88
C LEU C 299 7.89 29.51 0.94
N ASP C 300 8.34 30.30 -0.04
CA ASP C 300 8.13 31.75 -0.04
C ASP C 300 6.80 32.07 -0.72
N TYR C 301 5.71 31.76 -0.01
CA TYR C 301 4.34 31.98 -0.47
C TYR C 301 3.49 32.31 0.77
N PRO C 302 2.72 33.41 0.73
CA PRO C 302 1.99 33.86 1.92
C PRO C 302 0.79 33.02 2.37
N GLY C 303 0.38 32.04 1.57
CA GLY C 303 -0.78 31.19 1.91
C GLY C 303 -0.45 29.75 2.24
N VAL C 304 -1.49 28.96 2.50
CA VAL C 304 -1.37 27.54 2.79
C VAL C 304 -2.67 26.84 2.40
N GLY C 305 -2.56 25.57 2.00
CA GLY C 305 -3.71 24.79 1.55
C GLY C 305 -4.77 24.59 2.61
N PRO C 306 -6.05 24.53 2.20
CA PRO C 306 -7.16 24.45 3.17
C PRO C 306 -7.17 23.16 4.00
N GLU C 307 -6.61 22.07 3.48
CA GLU C 307 -6.62 20.80 4.23
C GLU C 307 -5.68 20.85 5.44
N HIS C 308 -4.57 21.59 5.33
CA HIS C 308 -3.70 21.84 6.50
C HIS C 308 -4.41 22.74 7.51
N ALA C 309 -5.13 23.75 7.02
CA ALA C 309 -5.96 24.59 7.91
C ALA C 309 -6.89 23.72 8.77
N TYR C 310 -7.55 22.77 8.10
CA TYR C 310 -8.45 21.83 8.76
C TYR C 310 -7.73 20.90 9.73
N LEU C 311 -6.61 20.33 9.31
CA LEU C 311 -5.84 19.43 10.15
C LEU C 311 -5.31 20.16 11.40
N LYS C 312 -4.95 21.43 11.24
CA LYS C 312 -4.60 22.28 12.38
C LYS C 312 -5.82 22.45 13.30
N LYS C 313 -6.98 22.74 12.71
CA LYS C 313 -8.19 22.99 13.50
C LYS C 313 -8.57 21.81 14.37
N ILE C 314 -8.68 20.61 13.78
CA ILE C 314 -9.03 19.41 14.55
C ILE C 314 -7.83 18.82 15.33
N GLN C 315 -6.68 19.48 15.25
CA GLN C 315 -5.45 19.07 15.95
C GLN C 315 -4.95 17.67 15.58
N ARG C 316 -5.18 17.25 14.33
CA ARG C 316 -4.65 15.99 13.83
C ARG C 316 -3.16 16.15 13.50
N ALA C 317 -2.79 17.32 13.02
CA ALA C 317 -1.39 17.65 12.75
C ALA C 317 -0.97 18.86 13.56
N GLU C 318 0.30 18.87 13.95
CA GLU C 318 0.93 20.01 14.63
C GLU C 318 1.74 20.76 13.60
N TYR C 319 1.76 22.09 13.70
CA TYR C 319 2.56 22.90 12.79
C TYR C 319 3.58 23.75 13.56
N VAL C 320 4.82 23.69 13.09
CA VAL C 320 5.94 24.35 13.72
C VAL C 320 6.66 25.20 12.68
N THR C 321 7.70 25.91 13.13
CA THR C 321 8.53 26.67 12.22
C THR C 321 10.01 26.42 12.50
N VAL C 322 10.81 26.66 11.47
CA VAL C 322 12.26 26.57 11.54
C VAL C 322 12.81 27.78 10.79
N THR C 323 13.84 28.42 11.34
CA THR C 323 14.42 29.63 10.76
C THR C 323 15.32 29.33 9.56
N ASP C 324 15.64 30.38 8.79
CA ASP C 324 16.60 30.31 7.70
C ASP C 324 17.92 29.65 8.14
N GLU C 325 18.44 30.14 9.26
CA GLU C 325 19.74 29.69 9.79
C GLU C 325 19.70 28.21 10.18
N GLU C 326 18.57 27.78 10.75
CA GLU C 326 18.39 26.37 11.13
C GLU C 326 18.28 25.45 9.91
N ALA C 327 17.56 25.92 8.88
CA ALA C 327 17.45 25.19 7.63
C ALA C 327 18.80 25.11 6.93
N LEU C 328 19.55 26.21 6.96
CA LEU C 328 20.85 26.27 6.32
C LEU C 328 21.84 25.34 7.03
N LYS C 329 21.74 25.30 8.36
CA LYS C 329 22.52 24.37 9.17
C LYS C 329 22.26 22.91 8.77
N ALA C 330 20.99 22.56 8.63
CA ALA C 330 20.59 21.20 8.29
C ALA C 330 20.97 20.82 6.86
N PHE C 331 20.94 21.80 5.96
CA PHE C 331 21.41 21.63 4.59
C PHE C 331 22.87 21.15 4.56
N HIS C 332 23.73 21.82 5.33
CA HIS C 332 25.14 21.45 5.41
C HIS C 332 25.36 20.13 6.13
N GLU C 333 24.65 19.93 7.23
CA GLU C 333 24.76 18.72 8.04
C GLU C 333 24.40 17.45 7.26
N LEU C 334 23.28 17.50 6.54
CA LEU C 334 22.85 16.35 5.76
C LEU C 334 23.84 16.05 4.65
N SER C 335 24.36 17.10 4.00
CA SER C 335 25.33 16.92 2.92
C SER C 335 26.58 16.22 3.43
N ARG C 336 27.09 16.66 4.58
CA ARG C 336 28.35 16.16 5.12
C ARG C 336 28.24 14.82 5.84
N THR C 337 27.06 14.52 6.38
CA THR C 337 26.84 13.34 7.21
C THR C 337 26.29 12.14 6.43
N GLU C 338 25.41 12.43 5.47
CA GLU C 338 24.77 11.37 4.69
C GLU C 338 25.09 11.40 3.19
N GLY C 339 25.88 12.39 2.75
CA GLY C 339 26.18 12.56 1.33
C GLY C 339 24.94 12.80 0.48
N ILE C 340 23.95 13.51 1.04
CA ILE C 340 22.72 13.87 0.33
C ILE C 340 22.54 15.38 0.45
N ILE C 341 22.57 16.09 -0.68
CA ILE C 341 22.32 17.52 -0.71
C ILE C 341 20.82 17.76 -0.84
N PRO C 342 20.17 18.30 0.21
CA PRO C 342 18.73 18.51 0.16
C PRO C 342 18.35 19.87 -0.41
N ALA C 343 17.14 19.96 -0.94
CA ALA C 343 16.52 21.25 -1.25
C ALA C 343 16.43 22.07 0.02
N LEU C 344 16.60 23.39 -0.08
CA LEU C 344 16.48 24.24 1.09
C LEU C 344 15.10 24.15 1.74
N GLU C 345 14.09 23.81 0.95
CA GLU C 345 12.74 23.60 1.46
C GLU C 345 12.77 22.38 2.38
N SER C 346 13.28 21.28 1.83
CA SER C 346 13.40 20.02 2.57
C SER C 346 14.28 20.16 3.82
N ALA C 347 15.30 21.00 3.74
CA ALA C 347 16.19 21.26 4.88
C ALA C 347 15.44 21.80 6.10
N HIS C 348 14.31 22.48 5.90
CA HIS C 348 13.44 22.89 7.01
C HIS C 348 12.90 21.68 7.77
N ALA C 349 12.43 20.66 7.05
CA ALA C 349 11.94 19.44 7.67
C ALA C 349 13.07 18.67 8.34
N VAL C 350 14.23 18.61 7.69
CA VAL C 350 15.39 17.95 8.30
C VAL C 350 15.80 18.68 9.58
N ALA C 351 15.88 20.01 9.53
CA ALA C 351 16.24 20.81 10.70
C ALA C 351 15.31 20.53 11.88
N TYR C 352 14.00 20.51 11.63
CA TYR C 352 13.06 20.22 12.70
C TYR C 352 13.17 18.78 13.20
N ALA C 353 13.33 17.84 12.28
CA ALA C 353 13.50 16.43 12.65
C ALA C 353 14.72 16.23 13.57
N MET C 354 15.80 16.96 13.31
CA MET C 354 16.99 16.92 14.17
C MET C 354 16.71 17.45 15.58
N LYS C 355 15.89 18.49 15.68
CA LYS C 355 15.45 19.00 16.99
C LYS C 355 14.56 17.98 17.67
N LEU C 356 13.59 17.47 16.93
CA LEU C 356 12.60 16.55 17.47
C LEU C 356 13.27 15.24 17.92
N ALA C 357 14.20 14.74 17.12
CA ALA C 357 14.98 13.55 17.48
C ALA C 357 15.68 13.73 18.84
N LYS C 358 16.18 14.93 19.10
CA LYS C 358 16.83 15.27 20.38
C LYS C 358 15.87 15.19 21.58
N GLU C 359 14.56 15.27 21.33
CA GLU C 359 13.53 15.12 22.36
C GLU C 359 12.87 13.72 22.37
N MET C 360 13.44 12.77 21.63
CA MET C 360 12.86 11.41 21.53
C MET C 360 13.96 10.38 21.71
N SER C 361 13.57 9.12 21.86
CA SER C 361 14.52 8.02 22.08
C SER C 361 14.71 7.13 20.84
N ARG C 362 15.75 6.31 20.87
CA ARG C 362 16.16 5.48 19.72
C ARG C 362 15.15 4.43 19.28
N ASP C 363 14.27 4.00 20.18
CA ASP C 363 13.20 3.05 19.81
C ASP C 363 12.05 3.71 19.06
N GLU C 364 12.09 5.04 18.91
CA GLU C 364 11.07 5.77 18.18
C GLU C 364 11.54 6.14 16.77
N ILE C 365 10.58 6.35 15.89
CA ILE C 365 10.84 6.49 14.46
C ILE C 365 10.27 7.78 13.90
N ILE C 366 11.13 8.55 13.25
CA ILE C 366 10.71 9.72 12.51
C ILE C 366 10.93 9.46 11.02
N ILE C 367 9.91 9.71 10.21
CA ILE C 367 10.09 9.78 8.76
C ILE C 367 10.05 11.24 8.36
N VAL C 368 11.11 11.69 7.68
CA VAL C 368 11.18 13.02 7.10
C VAL C 368 10.93 12.90 5.60
N ASN C 369 10.01 13.71 5.09
CA ASN C 369 9.86 13.82 3.63
C ASN C 369 10.97 14.71 3.07
N LEU C 370 11.91 14.09 2.35
CA LEU C 370 12.96 14.85 1.69
C LEU C 370 12.43 15.22 0.32
N SER C 371 11.67 16.31 0.29
CA SER C 371 10.87 16.68 -0.86
C SER C 371 11.67 16.97 -2.14
N GLY C 372 12.92 17.40 -2.01
CA GLY C 372 13.75 17.61 -3.19
C GLY C 372 15.24 17.60 -2.94
N ARG C 373 16.00 17.66 -4.04
CA ARG C 373 17.46 17.79 -3.95
C ARG C 373 17.90 19.24 -4.04
N GLY C 374 19.14 19.50 -3.63
CA GLY C 374 19.63 20.86 -3.45
C GLY C 374 20.43 21.48 -4.59
N ASP C 375 20.52 20.80 -5.73
CA ASP C 375 21.26 21.30 -6.90
C ASP C 375 20.81 22.71 -7.32
N LYS C 376 19.51 22.95 -7.23
CA LYS C 376 18.94 24.26 -7.58
C LYS C 376 19.35 25.38 -6.64
N ASP C 377 19.75 25.04 -5.41
CA ASP C 377 20.02 26.02 -4.36
C ASP C 377 21.49 26.33 -4.15
N LEU C 378 22.36 25.83 -5.02
CA LEU C 378 23.80 26.00 -4.84
C LEU C 378 24.18 27.47 -4.82
N ASP C 379 23.64 28.24 -5.78
CA ASP C 379 23.89 29.68 -5.84
C ASP C 379 23.51 30.39 -4.54
N ILE C 380 22.37 30.02 -3.97
CA ILE C 380 21.88 30.64 -2.74
C ILE C 380 22.82 30.37 -1.57
N VAL C 381 23.23 29.11 -1.42
CA VAL C 381 24.07 28.68 -0.30
C VAL C 381 25.50 29.25 -0.41
N LEU C 382 25.99 29.45 -1.63
CA LEU C 382 27.31 30.07 -1.85
C LEU C 382 27.39 31.53 -1.37
N LYS C 383 26.25 32.22 -1.40
CA LYS C 383 26.14 33.57 -0.87
C LYS C 383 25.51 33.52 0.52
N MET D 1 43.88 -9.73 -15.39
CA MET D 1 44.75 -8.56 -15.70
C MET D 1 44.72 -8.20 -17.19
N TRP D 2 44.60 -9.22 -18.04
CA TRP D 2 44.64 -9.05 -19.48
C TRP D 2 43.30 -9.36 -20.13
N PHE D 3 42.91 -8.49 -21.06
CA PHE D 3 41.79 -8.76 -21.97
C PHE D 3 42.42 -8.90 -23.35
N GLY D 4 42.71 -10.14 -23.73
CA GLY D 4 43.54 -10.40 -24.89
C GLY D 4 44.86 -9.67 -24.76
N GLU D 5 45.10 -8.74 -25.67
CA GLU D 5 46.34 -7.96 -25.71
C GLU D 5 46.28 -6.60 -24.99
N PHE D 6 45.22 -6.38 -24.20
CA PHE D 6 45.00 -5.09 -23.55
C PHE D 6 44.83 -5.25 -22.04
N GLY D 7 45.38 -4.30 -21.28
CA GLY D 7 45.30 -4.33 -19.83
C GLY D 7 46.67 -4.15 -19.18
N GLY D 8 47.02 -5.06 -18.27
CA GLY D 8 48.31 -5.02 -17.59
C GLY D 8 48.31 -4.19 -16.32
N GLN D 9 49.52 -3.94 -15.81
CA GLN D 9 49.71 -3.28 -14.54
C GLN D 9 51.02 -2.50 -14.57
N TYR D 10 51.05 -1.46 -15.40
CA TYR D 10 52.27 -0.70 -15.68
C TYR D 10 52.47 0.42 -14.66
N VAL D 11 53.01 0.05 -13.51
CA VAL D 11 53.21 0.98 -12.41
C VAL D 11 54.62 0.84 -11.85
N PRO D 12 55.13 1.89 -11.20
CA PRO D 12 56.41 1.73 -10.50
C PRO D 12 56.30 0.70 -9.38
N GLU D 13 57.44 0.18 -8.94
CA GLU D 13 57.48 -0.98 -8.02
C GLU D 13 56.75 -0.71 -6.69
N THR D 14 56.76 0.54 -6.26
CA THR D 14 56.12 0.94 -4.99
C THR D 14 54.60 0.72 -4.98
N LEU D 15 53.96 0.71 -6.15
CA LEU D 15 52.51 0.52 -6.25
C LEU D 15 52.08 -0.93 -6.48
N VAL D 16 53.03 -1.83 -6.75
CA VAL D 16 52.69 -3.23 -7.01
C VAL D 16 52.09 -3.90 -5.77
N GLY D 17 52.70 -3.67 -4.62
CA GLY D 17 52.20 -4.18 -3.34
C GLY D 17 50.77 -3.77 -3.03
N PRO D 18 50.49 -2.45 -3.00
CA PRO D 18 49.14 -1.94 -2.77
C PRO D 18 48.09 -2.51 -3.72
N LEU D 19 48.43 -2.62 -5.01
CA LEU D 19 47.52 -3.20 -6.00
C LEU D 19 47.21 -4.68 -5.76
N LYS D 20 48.22 -5.46 -5.38
CA LYS D 20 48.01 -6.87 -5.04
C LYS D 20 47.15 -7.01 -3.78
N GLU D 21 47.33 -6.11 -2.83
CA GLU D 21 46.48 -6.07 -1.63
C GLU D 21 45.04 -5.71 -1.98
N LEU D 22 44.87 -4.77 -2.91
CA LEU D 22 43.53 -4.42 -3.41
C LEU D 22 42.90 -5.61 -4.13
N GLU D 23 43.69 -6.30 -4.95
CA GLU D 23 43.23 -7.49 -5.64
C GLU D 23 42.81 -8.58 -4.63
N LYS D 24 43.68 -8.82 -3.65
CA LYS D 24 43.39 -9.80 -2.61
C LYS D 24 42.13 -9.46 -1.83
N ALA D 25 41.99 -8.20 -1.44
CA ALA D 25 40.80 -7.75 -0.70
C ALA D 25 39.53 -7.87 -1.56
N TYR D 26 39.64 -7.50 -2.83
CA TYR D 26 38.50 -7.60 -3.72
C TYR D 26 38.04 -9.05 -3.92
N LYS D 27 38.98 -9.95 -4.17
CA LYS D 27 38.66 -11.37 -4.34
C LYS D 27 38.04 -11.96 -3.07
N ARG D 28 38.47 -11.48 -1.92
CA ARG D 28 37.93 -11.92 -0.62
C ARG D 28 36.48 -11.46 -0.42
N PHE D 29 36.19 -10.21 -0.78
CA PHE D 29 34.89 -9.60 -0.49
C PHE D 29 33.90 -9.61 -1.68
N LYS D 30 34.40 -9.87 -2.88
CA LYS D 30 33.58 -9.87 -4.11
C LYS D 30 32.29 -10.68 -3.98
N ASP D 31 32.40 -11.89 -3.46
CA ASP D 31 31.24 -12.79 -3.30
C ASP D 31 30.91 -13.06 -1.84
N ASP D 32 31.39 -12.19 -0.94
CA ASP D 32 31.11 -12.31 0.49
C ASP D 32 29.66 -11.92 0.76
N GLU D 33 28.97 -12.70 1.59
CA GLU D 33 27.55 -12.49 1.87
C GLU D 33 27.28 -11.10 2.45
N GLU D 34 28.03 -10.74 3.48
CA GLU D 34 27.82 -9.47 4.18
C GLU D 34 28.21 -8.25 3.32
N PHE D 35 29.32 -8.34 2.61
CA PHE D 35 29.76 -7.24 1.74
C PHE D 35 28.68 -6.90 0.72
N ASN D 36 28.15 -7.94 0.07
CA ASN D 36 27.13 -7.77 -0.95
C ASN D 36 25.76 -7.36 -0.39
N ARG D 37 25.48 -7.79 0.85
CA ARG D 37 24.26 -7.33 1.53
C ARG D 37 24.32 -5.82 1.78
N GLN D 38 25.46 -5.33 2.29
CA GLN D 38 25.65 -3.90 2.55
C GLN D 38 25.60 -3.10 1.25
N LEU D 39 26.26 -3.59 0.22
CA LEU D 39 26.33 -2.89 -1.06
C LEU D 39 24.95 -2.79 -1.70
N ASN D 40 24.22 -3.91 -1.73
CA ASN D 40 22.89 -3.93 -2.32
C ASN D 40 21.94 -3.03 -1.54
N TYR D 41 22.12 -2.99 -0.21
CA TYR D 41 21.32 -2.15 0.67
C TYR D 41 21.55 -0.66 0.39
N TYR D 42 22.81 -0.26 0.27
CA TYR D 42 23.14 1.12 -0.11
C TYR D 42 22.61 1.46 -1.50
N LEU D 43 22.84 0.57 -2.47
CA LEU D 43 22.36 0.81 -3.83
C LEU D 43 20.84 1.03 -3.86
N LYS D 44 20.10 0.25 -3.09
CA LYS D 44 18.65 0.38 -3.04
C LYS D 44 18.19 1.65 -2.32
N THR D 45 18.53 1.76 -1.03
CA THR D 45 17.94 2.79 -0.18
C THR D 45 18.64 4.14 -0.30
N TRP D 46 19.92 4.15 -0.67
CA TRP D 46 20.69 5.40 -0.76
C TRP D 46 20.81 5.91 -2.21
N ALA D 47 21.15 5.02 -3.14
CA ALA D 47 21.32 5.39 -4.55
C ALA D 47 20.02 5.34 -5.36
N GLY D 48 19.07 4.52 -4.91
CA GLY D 48 17.76 4.40 -5.56
C GLY D 48 17.67 3.39 -6.70
N ARG D 49 18.52 2.36 -6.67
CA ARG D 49 18.42 1.26 -7.63
C ARG D 49 17.24 0.35 -7.26
N PRO D 50 16.58 -0.29 -8.23
CA PRO D 50 16.94 -0.24 -9.64
C PRO D 50 16.44 1.03 -10.33
N THR D 51 17.17 1.47 -11.35
CA THR D 51 16.69 2.54 -12.21
C THR D 51 15.74 1.96 -13.26
N PRO D 52 14.74 2.74 -13.70
CA PRO D 52 13.79 2.24 -14.69
C PRO D 52 14.36 2.12 -16.10
N LEU D 53 13.68 1.31 -16.92
CA LEU D 53 13.92 1.24 -18.35
C LEU D 53 12.74 1.90 -19.02
N TYR D 54 12.96 3.03 -19.67
CA TYR D 54 11.89 3.87 -20.17
C TYR D 54 11.71 3.75 -21.69
N TYR D 55 10.48 3.50 -22.14
CA TYR D 55 10.18 3.52 -23.56
C TYR D 55 9.96 4.94 -24.06
N ALA D 56 10.90 5.44 -24.86
CA ALA D 56 10.76 6.79 -25.42
C ALA D 56 9.81 6.73 -26.60
N LYS D 57 8.52 6.68 -26.30
CA LYS D 57 7.47 6.50 -27.29
C LYS D 57 7.40 7.63 -28.32
N ARG D 58 7.34 8.86 -27.83
CA ARG D 58 7.19 10.03 -28.70
C ARG D 58 8.41 10.19 -29.62
N LEU D 59 9.60 9.98 -29.07
CA LEU D 59 10.83 10.04 -29.85
C LEU D 59 10.88 8.90 -30.88
N THR D 60 10.46 7.71 -30.47
CA THR D 60 10.40 6.56 -31.36
C THR D 60 9.49 6.81 -32.57
N GLU D 61 8.30 7.32 -32.32
CA GLU D 61 7.30 7.55 -33.36
C GLU D 61 7.69 8.71 -34.29
N LYS D 62 8.40 9.70 -33.74
CA LYS D 62 8.91 10.81 -34.54
C LYS D 62 9.92 10.33 -35.59
N ILE D 63 10.86 9.51 -35.16
CA ILE D 63 11.86 8.93 -36.05
C ILE D 63 11.19 7.90 -36.98
N GLY D 64 10.26 7.12 -36.42
CA GLY D 64 9.47 6.18 -37.21
C GLY D 64 10.20 4.90 -37.56
N GLY D 65 11.25 4.59 -36.81
CA GLY D 65 12.00 3.36 -36.99
C GLY D 65 11.85 2.46 -35.78
N ALA D 66 12.96 1.92 -35.30
CA ALA D 66 12.97 0.98 -34.18
C ALA D 66 12.62 1.63 -32.83
N LYS D 67 12.15 0.81 -31.90
CA LYS D 67 11.83 1.25 -30.54
C LYS D 67 13.08 1.70 -29.79
N ILE D 68 13.02 2.90 -29.19
CA ILE D 68 14.12 3.43 -28.39
C ILE D 68 13.75 3.35 -26.91
N TYR D 69 14.46 2.50 -26.17
CA TYR D 69 14.35 2.42 -24.72
C TYR D 69 15.56 3.11 -24.09
N LEU D 70 15.35 3.71 -22.93
CA LEU D 70 16.41 4.43 -22.24
C LEU D 70 16.59 3.84 -20.86
N LYS D 71 17.80 3.35 -20.59
CA LYS D 71 18.15 2.88 -19.26
C LYS D 71 18.53 4.11 -18.43
N ARG D 72 17.71 4.40 -17.42
CA ARG D 72 17.70 5.72 -16.77
C ARG D 72 18.70 5.86 -15.61
N GLU D 73 19.99 5.78 -15.92
CA GLU D 73 21.03 6.01 -14.91
C GLU D 73 21.09 7.47 -14.46
N ASP D 74 20.48 8.36 -15.25
CA ASP D 74 20.28 9.74 -14.85
C ASP D 74 19.51 9.90 -13.52
N LEU D 75 18.76 8.88 -13.11
CA LEU D 75 17.98 8.93 -11.88
C LEU D 75 18.72 8.40 -10.64
N VAL D 76 19.92 7.87 -10.82
CA VAL D 76 20.72 7.42 -9.69
C VAL D 76 21.10 8.63 -8.84
N HIS D 77 21.14 8.45 -7.53
CA HIS D 77 21.59 9.49 -6.60
C HIS D 77 22.94 10.03 -7.07
N GLY D 78 23.01 11.35 -7.21
CA GLY D 78 24.21 11.99 -7.77
C GLY D 78 24.02 12.43 -9.21
N GLY D 79 23.11 11.78 -9.93
CA GLY D 79 22.80 12.19 -11.30
C GLY D 79 23.54 11.42 -12.37
N ALA D 80 24.23 10.35 -12.00
CA ALA D 80 24.92 9.50 -12.99
C ALA D 80 25.23 8.11 -12.47
N HIS D 81 25.64 7.24 -13.38
CA HIS D 81 26.06 5.88 -13.07
C HIS D 81 27.25 5.80 -12.10
N LYS D 82 28.03 6.87 -11.98
CA LYS D 82 29.28 6.86 -11.21
C LYS D 82 29.12 6.37 -9.78
N THR D 83 28.00 6.72 -9.17
CA THR D 83 27.70 6.31 -7.81
C THR D 83 27.77 4.78 -7.63
N ASN D 84 27.37 4.01 -8.65
CA ASN D 84 27.42 2.54 -8.55
C ASN D 84 28.81 2.02 -8.20
N ASN D 85 29.82 2.66 -8.77
CA ASN D 85 31.21 2.29 -8.57
C ASN D 85 31.78 2.88 -7.28
N ALA D 86 31.40 4.13 -6.98
CA ALA D 86 31.90 4.80 -5.79
C ALA D 86 31.46 4.09 -4.52
N ILE D 87 30.18 3.69 -4.46
CA ILE D 87 29.65 3.01 -3.28
C ILE D 87 30.05 1.52 -3.24
N GLY D 88 30.52 1.00 -4.37
CA GLY D 88 31.17 -0.31 -4.40
C GLY D 88 32.55 -0.25 -3.78
N GLN D 89 33.35 0.71 -4.24
CA GLN D 89 34.77 0.80 -3.85
C GLN D 89 35.02 1.35 -2.45
N ALA D 90 34.24 2.34 -2.03
CA ALA D 90 34.53 3.05 -0.78
C ALA D 90 34.41 2.16 0.46
N PRO D 91 33.34 1.35 0.56
CA PRO D 91 33.25 0.39 1.67
C PRO D 91 34.33 -0.68 1.63
N LEU D 92 34.80 -1.05 0.44
CA LEU D 92 35.94 -1.96 0.31
C LEU D 92 37.20 -1.30 0.87
N ALA D 93 37.41 -0.03 0.53
CA ALA D 93 38.54 0.75 1.07
C ALA D 93 38.50 0.84 2.59
N LYS D 94 37.29 0.95 3.15
CA LYS D 94 37.11 1.03 4.59
C LYS D 94 37.45 -0.31 5.26
N LEU D 95 37.03 -1.42 4.65
CA LEU D 95 37.39 -2.75 5.12
C LEU D 95 38.91 -3.00 5.10
N MET D 96 39.60 -2.39 4.13
CA MET D 96 41.07 -2.49 4.05
C MET D 96 41.77 -1.57 5.06
N GLY D 97 41.00 -0.79 5.82
CA GLY D 97 41.55 0.09 6.85
C GLY D 97 41.96 1.46 6.34
N LYS D 98 41.50 1.83 5.15
CA LYS D 98 41.83 3.13 4.58
C LYS D 98 40.92 4.18 5.21
N THR D 99 41.45 5.38 5.42
CA THR D 99 40.70 6.48 6.01
C THR D 99 40.44 7.62 5.02
N ARG D 100 41.09 7.56 3.85
CA ARG D 100 41.06 8.65 2.88
C ARG D 100 40.75 8.10 1.49
N LEU D 101 39.96 8.87 0.73
CA LEU D 101 39.69 8.56 -0.68
C LEU D 101 40.22 9.70 -1.55
N ILE D 102 40.96 9.36 -2.60
CA ILE D 102 41.26 10.33 -3.65
C ILE D 102 40.65 9.87 -4.96
N ALA D 103 40.40 10.80 -5.86
CA ALA D 103 39.81 10.48 -7.16
C ALA D 103 40.03 11.61 -8.17
N GLU D 104 40.12 11.21 -9.43
CA GLU D 104 40.12 12.14 -10.56
C GLU D 104 38.67 12.47 -10.90
N THR D 105 38.47 13.58 -11.60
CA THR D 105 37.16 13.87 -12.18
C THR D 105 37.27 14.88 -13.31
N GLY D 106 36.43 14.73 -14.33
CA GLY D 106 36.37 15.67 -15.47
C GLY D 106 35.01 16.33 -15.54
N ALA D 107 33.97 15.53 -15.79
CA ALA D 107 32.59 16.02 -15.72
C ALA D 107 32.18 16.41 -14.29
N GLY D 108 32.90 15.90 -13.29
CA GLY D 108 32.61 16.22 -11.90
C GLY D 108 31.62 15.25 -11.27
N GLN D 109 31.07 14.33 -12.06
CA GLN D 109 30.10 13.38 -11.56
C GLN D 109 30.77 12.33 -10.70
N HIS D 110 31.95 11.87 -11.13
CA HIS D 110 32.70 10.91 -10.33
C HIS D 110 33.25 11.58 -9.07
N GLY D 111 33.65 12.84 -9.20
CA GLY D 111 34.09 13.63 -8.05
C GLY D 111 32.99 13.75 -7.01
N VAL D 112 31.78 14.04 -7.48
CA VAL D 112 30.60 14.11 -6.62
C VAL D 112 30.26 12.73 -6.04
N ALA D 113 30.28 11.70 -6.88
CA ALA D 113 29.97 10.36 -6.39
C ALA D 113 30.96 9.95 -5.29
N THR D 114 32.24 10.26 -5.48
CA THR D 114 33.27 9.92 -4.49
C THR D 114 33.09 10.73 -3.21
N ALA D 115 32.83 12.02 -3.37
CA ALA D 115 32.54 12.90 -2.24
C ALA D 115 31.30 12.43 -1.46
N MET D 116 30.25 12.03 -2.19
CA MET D 116 29.05 11.50 -1.57
C MET D 116 29.31 10.25 -0.76
N ALA D 117 29.98 9.28 -1.37
CA ALA D 117 30.31 8.01 -0.73
C ALA D 117 31.21 8.22 0.50
N GLY D 118 32.19 9.11 0.37
CA GLY D 118 33.08 9.46 1.46
C GLY D 118 32.36 10.14 2.62
N ALA D 119 31.39 10.99 2.30
CA ALA D 119 30.59 11.63 3.34
C ALA D 119 29.78 10.57 4.09
N LEU D 120 29.11 9.71 3.33
CA LEU D 120 28.31 8.63 3.90
C LEU D 120 29.11 7.72 4.83
N LEU D 121 30.33 7.37 4.42
CA LEU D 121 31.18 6.44 5.16
C LEU D 121 32.11 7.12 6.17
N GLY D 122 32.09 8.44 6.25
CA GLY D 122 32.91 9.18 7.23
C GLY D 122 34.39 9.25 6.89
N MET D 123 34.72 9.21 5.61
CA MET D 123 36.11 9.21 5.15
C MET D 123 36.48 10.59 4.58
N LYS D 124 37.76 10.95 4.70
CA LYS D 124 38.27 12.18 4.08
C LYS D 124 38.34 11.99 2.56
N VAL D 125 38.03 13.06 1.82
CA VAL D 125 37.99 12.99 0.35
C VAL D 125 38.72 14.18 -0.29
N ASP D 126 39.73 13.88 -1.11
CA ASP D 126 40.39 14.89 -1.94
C ASP D 126 40.20 14.56 -3.43
N ILE D 127 39.70 15.52 -4.19
CA ILE D 127 39.39 15.31 -5.60
C ILE D 127 40.29 16.15 -6.50
N TYR D 128 40.93 15.49 -7.47
CA TYR D 128 41.77 16.17 -8.47
C TYR D 128 40.94 16.44 -9.72
N MET D 129 40.94 17.70 -10.14
CA MET D 129 40.13 18.17 -11.25
C MET D 129 40.89 19.18 -12.08
N GLY D 130 40.95 18.97 -13.39
CA GLY D 130 41.59 19.91 -14.30
C GLY D 130 40.91 21.27 -14.28
N ALA D 131 41.70 22.33 -14.21
CA ALA D 131 41.18 23.71 -14.12
C ALA D 131 40.11 24.05 -15.18
N GLU D 132 40.28 23.57 -16.41
CA GLU D 132 39.30 23.80 -17.46
C GLU D 132 37.96 23.15 -17.11
N ASP D 133 38.00 21.93 -16.58
CA ASP D 133 36.81 21.22 -16.15
C ASP D 133 36.18 21.87 -14.90
N VAL D 134 37.02 22.46 -14.05
CA VAL D 134 36.54 23.23 -12.90
C VAL D 134 35.62 24.38 -13.36
N GLU D 135 36.03 25.07 -14.43
CA GLU D 135 35.24 26.16 -14.99
C GLU D 135 33.92 25.66 -15.61
N ARG D 136 34.00 24.67 -16.51
CA ARG D 136 32.84 24.27 -17.31
C ARG D 136 31.90 23.24 -16.66
N GLN D 137 32.28 22.71 -15.49
CA GLN D 137 31.40 21.83 -14.71
C GLN D 137 31.34 22.30 -13.25
N LYS D 138 31.23 23.61 -13.07
CA LYS D 138 31.31 24.25 -11.74
C LYS D 138 30.17 23.85 -10.78
N MET D 139 29.01 23.48 -11.33
CA MET D 139 27.90 22.99 -10.49
C MET D 139 28.42 21.83 -9.63
N ASN D 140 29.15 20.92 -10.26
CA ASN D 140 29.70 19.77 -9.56
C ASN D 140 30.84 20.16 -8.62
N VAL D 141 31.59 21.20 -8.95
CA VAL D 141 32.62 21.70 -8.03
C VAL D 141 32.00 22.08 -6.68
N PHE D 142 30.93 22.88 -6.69
CA PHE D 142 30.35 23.32 -5.44
C PHE D 142 29.63 22.19 -4.70
N ARG D 143 29.10 21.20 -5.44
CA ARG D 143 28.51 20.03 -4.81
C ARG D 143 29.56 19.29 -3.98
N MET D 144 30.72 19.06 -4.56
CA MET D 144 31.83 18.40 -3.88
C MET D 144 32.23 19.14 -2.60
N LYS D 145 32.31 20.47 -2.69
CA LYS D 145 32.67 21.29 -1.54
C LYS D 145 31.62 21.20 -0.42
N LEU D 146 30.35 21.22 -0.79
CA LEU D 146 29.27 21.08 0.19
C LEU D 146 29.22 19.70 0.85
N LEU D 147 29.69 18.70 0.10
CA LEU D 147 29.78 17.32 0.60
C LEU D 147 30.99 17.08 1.51
N GLY D 148 31.79 18.11 1.74
CA GLY D 148 32.92 18.01 2.66
C GLY D 148 34.24 17.64 1.99
N ALA D 149 34.23 17.52 0.67
CA ALA D 149 35.44 17.11 -0.07
C ALA D 149 36.29 18.34 -0.39
N ASN D 150 37.58 18.11 -0.62
CA ASN D 150 38.51 19.15 -1.04
C ASN D 150 38.77 19.00 -2.53
N VAL D 151 38.45 20.04 -3.30
CA VAL D 151 38.68 20.03 -4.73
C VAL D 151 40.03 20.67 -5.01
N ILE D 152 40.95 19.90 -5.58
CA ILE D 152 42.29 20.37 -5.90
C ILE D 152 42.38 20.60 -7.42
N PRO D 153 42.42 21.88 -7.84
CA PRO D 153 42.56 22.14 -9.27
C PRO D 153 43.91 21.67 -9.80
N VAL D 154 43.93 21.19 -11.05
CA VAL D 154 45.15 20.75 -11.71
C VAL D 154 45.41 21.66 -12.91
N ASN D 155 46.50 22.41 -12.85
CA ASN D 155 46.85 23.40 -13.88
C ASN D 155 47.87 22.90 -14.90
N SER D 156 48.37 21.68 -14.69
CA SER D 156 49.39 21.10 -15.58
C SER D 156 48.78 20.56 -16.88
N GLY D 157 49.61 20.48 -17.90
CA GLY D 157 49.21 19.94 -19.21
C GLY D 157 48.04 20.68 -19.84
N SER D 158 47.05 19.94 -20.31
CA SER D 158 45.87 20.53 -20.95
C SER D 158 44.73 20.81 -19.94
N ARG D 159 45.02 20.67 -18.65
CA ARG D 159 44.09 21.03 -17.57
C ARG D 159 42.74 20.30 -17.65
N THR D 160 42.81 19.02 -18.01
CA THR D 160 41.62 18.18 -18.16
C THR D 160 41.83 16.88 -17.37
N ALA D 161 40.92 15.91 -17.58
CA ALA D 161 40.94 14.66 -16.84
C ALA D 161 42.29 13.91 -16.85
N LYS D 162 42.96 13.90 -18.00
CA LYS D 162 44.24 13.17 -18.11
C LYS D 162 45.30 13.71 -17.14
N ASP D 163 45.25 15.02 -16.91
CA ASP D 163 46.19 15.68 -16.01
C ASP D 163 45.78 15.43 -14.55
N ALA D 164 44.47 15.41 -14.31
CA ALA D 164 43.93 15.06 -12.99
C ALA D 164 44.36 13.65 -12.55
N ILE D 165 44.33 12.70 -13.48
CA ILE D 165 44.78 11.33 -13.22
C ILE D 165 46.28 11.29 -12.94
N ASN D 166 47.06 12.06 -13.70
CA ASN D 166 48.50 12.16 -13.44
C ASN D 166 48.76 12.56 -11.98
N GLU D 167 48.08 13.62 -11.52
CA GLU D 167 48.26 14.10 -10.15
C GLU D 167 47.77 13.11 -9.10
N ALA D 168 46.63 12.47 -9.38
CA ALA D 168 46.06 11.49 -8.45
C ALA D 168 47.01 10.30 -8.21
N LEU D 169 47.52 9.73 -9.31
CA LEU D 169 48.47 8.61 -9.22
C LEU D 169 49.72 8.98 -8.45
N ARG D 170 50.19 10.22 -8.66
CA ARG D 170 51.33 10.77 -7.94
C ARG D 170 51.07 10.86 -6.44
N ASP D 171 49.89 11.36 -6.08
CA ASP D 171 49.44 11.41 -4.68
C ASP D 171 49.41 10.02 -4.06
N TRP D 172 48.74 9.08 -4.74
CA TRP D 172 48.54 7.73 -4.21
C TRP D 172 49.86 7.02 -3.88
N GLU D 173 50.87 7.18 -4.74
CA GLU D 173 52.17 6.55 -4.54
C GLU D 173 52.79 6.92 -3.20
N ALA D 174 52.56 8.16 -2.76
CA ALA D 174 53.02 8.62 -1.45
C ALA D 174 52.11 8.20 -0.31
N THR D 175 50.80 8.18 -0.54
CA THR D 175 49.81 8.06 0.54
C THR D 175 49.05 6.74 0.62
N PHE D 176 49.47 5.74 -0.16
CA PHE D 176 48.70 4.47 -0.29
C PHE D 176 48.42 3.71 1.01
N GLU D 177 49.23 3.94 2.05
CA GLU D 177 49.05 3.25 3.34
C GLU D 177 47.68 3.51 3.97
N TYR D 178 47.21 4.75 3.86
CA TYR D 178 45.92 5.16 4.45
C TYR D 178 44.91 5.68 3.42
N THR D 179 45.34 5.80 2.16
CA THR D 179 44.51 6.37 1.09
C THR D 179 44.17 5.31 0.05
N HIS D 180 42.90 5.27 -0.36
CA HIS D 180 42.45 4.45 -1.48
C HIS D 180 42.20 5.37 -2.67
N TYR D 181 42.81 5.03 -3.81
CA TYR D 181 42.55 5.76 -5.04
C TYR D 181 41.29 5.18 -5.69
N LEU D 182 40.19 5.93 -5.60
CA LEU D 182 38.91 5.48 -6.15
C LEU D 182 38.80 5.89 -7.63
N ILE D 183 39.34 5.05 -8.51
CA ILE D 183 39.31 5.30 -9.95
C ILE D 183 37.87 5.20 -10.47
N GLY D 184 37.52 6.13 -11.36
CA GLY D 184 36.13 6.37 -11.73
C GLY D 184 35.69 5.85 -13.08
N SER D 185 36.55 5.07 -13.73
CA SER D 185 36.19 4.40 -14.97
C SER D 185 36.97 3.10 -15.10
N VAL D 186 36.73 2.36 -16.17
CA VAL D 186 37.32 1.02 -16.34
C VAL D 186 38.75 1.11 -16.90
N VAL D 187 39.56 1.93 -16.23
CA VAL D 187 40.90 2.28 -16.68
C VAL D 187 41.87 2.08 -15.52
N GLY D 188 43.14 2.36 -15.77
CA GLY D 188 44.17 2.24 -14.76
C GLY D 188 44.74 0.85 -14.76
N PRO D 189 45.69 0.58 -13.84
CA PRO D 189 46.25 -0.75 -13.74
C PRO D 189 45.26 -1.74 -13.14
N HIS D 190 45.40 -3.01 -13.50
CA HIS D 190 44.69 -4.10 -12.82
C HIS D 190 44.87 -3.93 -11.31
N PRO D 191 43.82 -4.09 -10.50
CA PRO D 191 42.52 -4.70 -10.88
C PRO D 191 41.38 -3.72 -11.19
N TYR D 192 41.69 -2.45 -11.40
CA TYR D 192 40.65 -1.42 -11.53
C TYR D 192 39.67 -1.62 -12.69
N PRO D 193 40.17 -1.91 -13.91
CA PRO D 193 39.23 -2.15 -15.02
C PRO D 193 38.21 -3.25 -14.73
N THR D 194 38.65 -4.31 -14.07
CA THR D 194 37.76 -5.41 -13.67
C THR D 194 36.79 -5.01 -12.57
N ILE D 195 37.31 -4.38 -11.52
CA ILE D 195 36.50 -3.99 -10.36
C ILE D 195 35.42 -2.98 -10.75
N VAL D 196 35.80 -1.95 -11.50
CA VAL D 196 34.84 -0.93 -11.91
C VAL D 196 33.75 -1.53 -12.80
N ARG D 197 34.16 -2.37 -13.76
CA ARG D 197 33.19 -3.08 -14.60
C ARG D 197 32.25 -3.95 -13.77
N ASP D 198 32.78 -4.67 -12.78
CA ASP D 198 31.95 -5.49 -11.91
C ASP D 198 30.91 -4.67 -11.16
N PHE D 199 31.30 -3.48 -10.70
CA PHE D 199 30.37 -2.61 -9.97
C PHE D 199 29.36 -1.90 -10.88
N GLN D 200 29.66 -1.80 -12.17
CA GLN D 200 28.72 -1.19 -13.11
C GLN D 200 27.81 -2.20 -13.82
N SER D 201 28.17 -3.49 -13.73
CA SER D 201 27.41 -4.55 -14.39
C SER D 201 25.95 -4.67 -13.92
N VAL D 202 25.67 -4.16 -12.73
CA VAL D 202 24.30 -4.05 -12.24
C VAL D 202 23.35 -3.36 -13.25
N ILE D 203 23.87 -2.35 -13.96
CA ILE D 203 23.09 -1.66 -14.98
C ILE D 203 22.54 -2.63 -16.03
N GLY D 204 23.41 -3.47 -16.58
CA GLY D 204 23.03 -4.41 -17.61
C GLY D 204 22.17 -5.55 -17.11
N ARG D 205 22.42 -6.00 -15.88
CA ARG D 205 21.59 -7.08 -15.29
C ARG D 205 20.15 -6.62 -15.12
N GLU D 206 19.98 -5.40 -14.60
CA GLU D 206 18.66 -4.79 -14.51
C GLU D 206 18.02 -4.61 -15.89
N ALA D 207 18.80 -4.03 -16.82
CA ALA D 207 18.28 -3.71 -18.14
C ALA D 207 17.81 -4.97 -18.84
N LYS D 208 18.57 -6.05 -18.69
CA LYS D 208 18.24 -7.35 -19.28
C LYS D 208 16.91 -7.88 -18.75
N ALA D 209 16.74 -7.89 -17.43
CA ALA D 209 15.49 -8.36 -16.85
C ALA D 209 14.34 -7.41 -17.23
N GLN D 210 14.60 -6.11 -17.28
CA GLN D 210 13.56 -5.13 -17.60
C GLN D 210 13.06 -5.21 -19.06
N ILE D 211 13.97 -5.43 -20.01
CA ILE D 211 13.56 -5.54 -21.41
C ILE D 211 12.85 -6.88 -21.68
N LEU D 212 13.27 -7.94 -21.00
CA LEU D 212 12.56 -9.22 -21.04
C LEU D 212 11.13 -9.06 -20.51
N GLU D 213 10.96 -8.23 -19.50
CA GLU D 213 9.65 -7.99 -18.90
C GLU D 213 8.80 -7.09 -19.80
N ALA D 214 9.40 -6.06 -20.41
CA ALA D 214 8.67 -5.11 -21.25
C ALA D 214 8.33 -5.63 -22.64
N GLU D 215 9.25 -6.38 -23.25
CA GLU D 215 9.11 -6.78 -24.65
C GLU D 215 9.18 -8.28 -24.90
N GLY D 216 9.43 -9.08 -23.86
CA GLY D 216 9.49 -10.54 -24.00
C GLY D 216 10.68 -11.05 -24.82
N GLN D 217 11.69 -10.22 -25.03
CA GLN D 217 12.86 -10.63 -25.80
C GLN D 217 14.04 -9.71 -25.51
N LEU D 218 15.23 -10.14 -25.91
CA LEU D 218 16.45 -9.34 -25.76
C LEU D 218 16.43 -8.19 -26.76
N PRO D 219 17.23 -7.14 -26.51
CA PRO D 219 17.30 -6.07 -27.49
C PRO D 219 18.11 -6.50 -28.72
N ASP D 220 17.85 -5.83 -29.84
CA ASP D 220 18.65 -6.02 -31.04
C ASP D 220 19.97 -5.26 -30.92
N VAL D 221 19.93 -4.10 -30.27
CA VAL D 221 21.12 -3.27 -30.12
C VAL D 221 21.16 -2.59 -28.76
N ILE D 222 22.35 -2.53 -28.16
CA ILE D 222 22.59 -1.70 -26.99
C ILE D 222 23.59 -0.61 -27.37
N VAL D 223 23.24 0.64 -27.06
CA VAL D 223 24.03 1.82 -27.40
C VAL D 223 24.43 2.58 -26.13
N ALA D 224 25.73 2.82 -25.96
CA ALA D 224 26.20 3.58 -24.80
C ALA D 224 27.38 4.42 -25.21
N CYS D 225 27.50 5.61 -24.62
CA CYS D 225 28.66 6.45 -24.86
C CYS D 225 29.86 5.84 -24.14
N VAL D 226 31.05 6.17 -24.65
CA VAL D 226 32.31 5.62 -24.17
C VAL D 226 33.29 6.76 -24.02
N GLY D 227 33.64 7.08 -22.78
CA GLY D 227 34.79 7.90 -22.45
C GLY D 227 35.90 6.92 -22.09
N GLY D 228 36.11 6.71 -20.79
CA GLY D 228 36.95 5.61 -20.31
C GLY D 228 36.28 4.26 -20.56
N GLY D 229 34.95 4.24 -20.47
CA GLY D 229 34.16 3.04 -20.84
C GLY D 229 33.33 2.34 -19.76
N SER D 230 33.17 2.95 -18.59
CA SER D 230 32.50 2.27 -17.46
C SER D 230 30.98 2.06 -17.61
N ASN D 231 30.26 3.08 -18.08
CA ASN D 231 28.81 2.94 -18.22
C ASN D 231 28.48 1.95 -19.35
N ALA D 232 29.28 1.99 -20.42
CA ALA D 232 29.12 1.03 -21.53
C ALA D 232 29.44 -0.40 -21.10
N MET D 233 30.57 -0.61 -20.41
CA MET D 233 30.89 -1.96 -19.91
C MET D 233 29.77 -2.45 -18.99
N GLY D 234 29.29 -1.56 -18.13
CA GLY D 234 28.23 -1.89 -17.17
C GLY D 234 26.99 -2.44 -17.82
N ILE D 235 26.53 -1.78 -18.88
CA ILE D 235 25.35 -2.24 -19.62
C ILE D 235 25.68 -3.38 -20.58
N PHE D 236 26.87 -3.36 -21.21
CA PHE D 236 27.28 -4.40 -22.17
C PHE D 236 27.50 -5.77 -21.53
N TYR D 237 28.18 -5.79 -20.38
CA TYR D 237 28.81 -7.02 -19.89
C TYR D 237 27.86 -8.19 -19.75
N PRO D 238 26.67 -7.96 -19.16
CA PRO D 238 25.72 -9.06 -19.03
C PRO D 238 25.15 -9.57 -20.36
N PHE D 239 25.33 -8.82 -21.45
CA PHE D 239 24.88 -9.28 -22.77
C PHE D 239 25.98 -9.86 -23.65
N VAL D 240 27.22 -9.89 -23.18
CA VAL D 240 28.35 -10.32 -24.04
C VAL D 240 28.16 -11.73 -24.62
N ASN D 241 27.68 -12.65 -23.78
CA ASN D 241 27.45 -14.04 -24.23
C ASN D 241 26.08 -14.24 -24.90
N ASP D 242 25.29 -13.18 -25.06
CA ASP D 242 24.10 -13.21 -25.90
C ASP D 242 24.49 -12.78 -27.32
N LYS D 243 24.81 -13.76 -28.17
CA LYS D 243 25.45 -13.52 -29.46
C LYS D 243 24.66 -12.61 -30.39
N LYS D 244 23.34 -12.68 -30.34
CA LYS D 244 22.46 -11.91 -31.23
C LYS D 244 22.30 -10.44 -30.83
N VAL D 245 22.75 -10.06 -29.64
CA VAL D 245 22.65 -8.67 -29.19
C VAL D 245 23.86 -7.88 -29.70
N LYS D 246 23.59 -6.87 -30.53
CA LYS D 246 24.63 -5.98 -31.02
C LYS D 246 24.98 -4.95 -29.96
N LEU D 247 26.28 -4.72 -29.80
CA LEU D 247 26.79 -3.77 -28.82
C LEU D 247 27.50 -2.64 -29.55
N VAL D 248 27.03 -1.41 -29.35
CA VAL D 248 27.63 -0.24 -29.98
C VAL D 248 28.09 0.77 -28.95
N GLY D 249 29.38 1.06 -28.95
CA GLY D 249 29.94 2.12 -28.13
C GLY D 249 30.10 3.39 -28.96
N VAL D 250 29.74 4.53 -28.37
CA VAL D 250 29.78 5.82 -29.07
C VAL D 250 30.82 6.72 -28.42
N GLU D 251 31.90 7.00 -29.15
CA GLU D 251 32.95 7.88 -28.70
C GLU D 251 32.70 9.32 -29.14
N ALA D 252 33.40 10.25 -28.50
CA ALA D 252 33.29 11.67 -28.83
C ALA D 252 34.01 11.97 -30.15
N GLY D 253 33.23 12.36 -31.16
CA GLY D 253 33.76 12.75 -32.45
C GLY D 253 34.18 14.20 -32.52
N GLY D 254 33.86 14.98 -31.49
CA GLY D 254 34.30 16.37 -31.39
C GLY D 254 33.92 17.21 -32.59
N LYS D 255 34.92 17.73 -33.30
CA LYS D 255 34.69 18.52 -34.51
C LYS D 255 34.80 17.69 -35.79
N GLY D 256 34.78 16.36 -35.65
CA GLY D 256 34.97 15.45 -36.77
C GLY D 256 36.33 14.78 -36.63
N LEU D 257 36.43 13.57 -37.17
CA LEU D 257 37.64 12.76 -37.03
C LEU D 257 38.84 13.31 -37.81
N GLU D 258 38.58 13.99 -38.92
CA GLU D 258 39.66 14.57 -39.74
C GLU D 258 40.27 15.81 -39.07
N SER D 259 39.48 16.49 -38.23
CA SER D 259 39.97 17.66 -37.49
C SER D 259 40.99 17.30 -36.42
N GLY D 260 40.96 16.05 -35.94
CA GLY D 260 41.83 15.63 -34.84
C GLY D 260 41.47 16.27 -33.50
N LYS D 261 40.30 16.90 -33.41
CA LYS D 261 39.80 17.48 -32.17
C LYS D 261 38.63 16.61 -31.71
N HIS D 262 38.97 15.51 -31.07
CA HIS D 262 37.98 14.52 -30.62
C HIS D 262 38.55 13.74 -29.43
N SER D 263 37.80 12.74 -28.96
CA SER D 263 38.32 11.81 -27.95
C SER D 263 38.06 10.37 -28.39
N ALA D 264 38.10 10.14 -29.70
CA ALA D 264 37.82 8.83 -30.27
C ALA D 264 39.07 7.95 -30.23
N SER D 265 39.36 7.41 -29.05
CA SER D 265 40.56 6.60 -28.83
C SER D 265 40.54 5.30 -29.62
N LEU D 266 39.41 4.59 -29.56
CA LEU D 266 39.29 3.31 -30.27
C LEU D 266 39.31 3.47 -31.79
N ASN D 267 38.66 4.52 -32.28
CA ASN D 267 38.51 4.72 -33.71
C ASN D 267 39.73 5.37 -34.37
N ALA D 268 40.46 6.20 -33.63
CA ALA D 268 41.60 6.94 -34.18
C ALA D 268 42.88 6.91 -33.33
N GLY D 269 42.88 6.21 -32.20
CA GLY D 269 44.05 6.19 -31.32
C GLY D 269 45.04 5.12 -31.69
N GLN D 270 46.17 5.10 -30.97
CA GLN D 270 47.20 4.08 -31.15
C GLN D 270 47.38 3.31 -29.84
N VAL D 271 47.82 2.06 -29.95
CA VAL D 271 48.01 1.18 -28.80
C VAL D 271 49.29 1.54 -28.06
N GLY D 272 49.22 1.65 -26.74
CA GLY D 272 50.38 1.97 -25.92
C GLY D 272 50.05 2.08 -24.44
N VAL D 273 51.08 2.32 -23.63
CA VAL D 273 50.91 2.39 -22.18
C VAL D 273 50.55 3.80 -21.73
N LEU D 274 49.40 3.91 -21.05
CA LEU D 274 48.96 5.16 -20.43
C LEU D 274 48.30 4.84 -19.08
N HIS D 275 48.72 5.54 -18.04
CA HIS D 275 48.08 5.44 -16.71
C HIS D 275 47.91 4.01 -16.22
N GLY D 276 48.97 3.21 -16.35
CA GLY D 276 48.97 1.85 -15.81
C GLY D 276 48.40 0.76 -16.70
N MET D 277 47.82 1.14 -17.84
CA MET D 277 47.17 0.17 -18.72
C MET D 277 47.69 0.25 -20.16
N LEU D 278 47.65 -0.89 -20.84
CA LEU D 278 47.93 -0.97 -22.27
C LEU D 278 46.58 -0.97 -22.98
N SER D 279 46.33 0.09 -23.75
CA SER D 279 45.09 0.24 -24.48
C SER D 279 45.28 1.29 -25.57
N TYR D 280 44.21 1.64 -26.27
CA TYR D 280 44.26 2.69 -27.27
C TYR D 280 44.25 4.08 -26.63
N PHE D 281 45.10 4.96 -27.14
CA PHE D 281 44.98 6.39 -26.82
C PHE D 281 45.46 7.27 -27.96
N LEU D 282 45.03 8.52 -27.96
CA LEU D 282 45.32 9.46 -29.04
C LEU D 282 46.77 9.92 -28.97
N GLN D 283 47.44 9.94 -30.12
CA GLN D 283 48.84 10.33 -30.20
C GLN D 283 49.08 11.38 -31.27
N ASP D 284 50.09 12.23 -31.06
CA ASP D 284 50.37 13.35 -31.95
C ASP D 284 51.40 12.97 -33.03
N GLU D 285 51.83 13.96 -33.82
CA GLU D 285 52.84 13.75 -34.87
C GLU D 285 54.21 13.34 -34.30
N GLU D 286 54.56 13.90 -33.14
CA GLU D 286 55.80 13.52 -32.44
C GLU D 286 55.74 12.10 -31.85
N GLY D 287 54.53 11.60 -31.58
CA GLY D 287 54.35 10.23 -31.10
C GLY D 287 53.87 10.13 -29.65
N GLN D 288 53.98 11.23 -28.90
CA GLN D 288 53.51 11.27 -27.51
C GLN D 288 51.99 11.37 -27.46
N ILE D 289 51.45 11.41 -26.25
CA ILE D 289 50.01 11.57 -26.02
C ILE D 289 49.52 12.91 -26.59
N LYS D 290 48.39 12.87 -27.29
CA LYS D 290 47.77 14.07 -27.85
C LYS D 290 46.58 14.46 -26.97
N PRO D 291 46.42 15.78 -26.70
CA PRO D 291 45.24 16.20 -25.95
C PRO D 291 43.95 15.87 -26.69
N SER D 292 42.92 15.52 -25.94
CA SER D 292 41.63 15.17 -26.50
C SER D 292 40.68 16.35 -26.41
N HIS D 293 39.55 16.25 -27.10
CA HIS D 293 38.49 17.26 -27.01
C HIS D 293 37.11 16.62 -27.08
N SER D 294 36.19 17.20 -26.31
CA SER D 294 34.77 16.95 -26.48
C SER D 294 33.99 18.07 -25.84
N ILE D 295 32.85 18.41 -26.42
CA ILE D 295 31.91 19.32 -25.78
C ILE D 295 31.43 18.71 -24.44
N ALA D 296 31.36 17.39 -24.39
CA ALA D 296 31.00 16.64 -23.17
C ALA D 296 32.27 16.37 -22.35
N PRO D 297 32.42 17.05 -21.20
CA PRO D 297 33.67 16.92 -20.42
C PRO D 297 33.97 15.50 -19.97
N GLY D 298 32.91 14.75 -19.68
CA GLY D 298 33.04 13.35 -19.29
C GLY D 298 33.65 12.45 -20.34
N LEU D 299 33.62 12.86 -21.61
CA LEU D 299 34.22 12.09 -22.70
C LEU D 299 35.62 12.56 -23.08
N ASP D 300 36.07 13.64 -22.46
CA ASP D 300 37.32 14.32 -22.84
C ASP D 300 38.52 13.68 -22.13
N TYR D 301 38.91 12.52 -22.63
CA TYR D 301 40.04 11.76 -22.10
C TYR D 301 40.67 11.01 -23.28
N PRO D 302 42.01 11.11 -23.43
CA PRO D 302 42.64 10.54 -24.63
C PRO D 302 42.63 9.02 -24.72
N GLY D 303 42.39 8.35 -23.60
CA GLY D 303 42.45 6.89 -23.55
C GLY D 303 41.10 6.22 -23.43
N VAL D 304 41.13 4.89 -23.39
CA VAL D 304 39.93 4.10 -23.25
C VAL D 304 40.31 2.81 -22.52
N GLY D 305 39.35 2.24 -21.80
CA GLY D 305 39.60 1.03 -21.02
C GLY D 305 39.99 -0.16 -21.90
N PRO D 306 40.86 -1.03 -21.37
CA PRO D 306 41.35 -2.17 -22.17
C PRO D 306 40.27 -3.19 -22.55
N GLU D 307 39.22 -3.32 -21.75
CA GLU D 307 38.16 -4.29 -22.09
C GLU D 307 37.43 -3.90 -23.38
N HIS D 308 37.23 -2.61 -23.63
CA HIS D 308 36.65 -2.14 -24.89
C HIS D 308 37.59 -2.37 -26.08
N ALA D 309 38.88 -2.13 -25.87
CA ALA D 309 39.87 -2.45 -26.89
C ALA D 309 39.76 -3.93 -27.26
N TYR D 310 39.63 -4.77 -26.24
CA TYR D 310 39.43 -6.21 -26.44
C TYR D 310 38.14 -6.52 -27.22
N LEU D 311 37.02 -5.94 -26.81
CA LEU D 311 35.74 -6.17 -27.50
C LEU D 311 35.77 -5.72 -28.95
N LYS D 312 36.45 -4.60 -29.22
CA LYS D 312 36.66 -4.11 -30.58
C LYS D 312 37.49 -5.12 -31.37
N LYS D 313 38.58 -5.60 -30.77
CA LYS D 313 39.50 -6.53 -31.42
C LYS D 313 38.80 -7.82 -31.87
N ILE D 314 38.05 -8.45 -30.96
CA ILE D 314 37.33 -9.70 -31.29
C ILE D 314 36.03 -9.42 -32.05
N GLN D 315 35.73 -8.15 -32.30
CA GLN D 315 34.57 -7.72 -33.07
C GLN D 315 33.23 -8.07 -32.42
N ARG D 316 33.21 -8.15 -31.09
CA ARG D 316 32.00 -8.39 -30.34
C ARG D 316 31.20 -7.09 -30.22
N ALA D 317 31.88 -5.96 -30.12
CA ALA D 317 31.22 -4.66 -30.07
C ALA D 317 31.73 -3.78 -31.22
N GLU D 318 30.84 -2.93 -31.73
CA GLU D 318 31.18 -1.95 -32.76
C GLU D 318 31.34 -0.61 -32.06
N TYR D 319 32.30 0.19 -32.51
CA TYR D 319 32.51 1.52 -31.93
C TYR D 319 32.43 2.59 -33.00
N VAL D 320 31.60 3.60 -32.74
CA VAL D 320 31.33 4.67 -33.69
C VAL D 320 31.65 6.00 -33.02
N THR D 321 31.48 7.09 -33.75
CA THR D 321 31.64 8.43 -33.18
C THR D 321 30.47 9.35 -33.54
N VAL D 322 30.22 10.30 -32.65
CA VAL D 322 29.19 11.31 -32.84
C VAL D 322 29.82 12.68 -32.57
N THR D 323 29.56 13.66 -33.43
CA THR D 323 30.16 14.99 -33.30
C THR D 323 29.55 15.79 -32.15
N ASP D 324 30.23 16.87 -31.76
CA ASP D 324 29.68 17.84 -30.80
C ASP D 324 28.29 18.33 -31.25
N GLU D 325 28.17 18.71 -32.52
CA GLU D 325 26.91 19.24 -33.06
C GLU D 325 25.76 18.22 -33.01
N GLU D 326 26.06 16.96 -33.29
CA GLU D 326 25.05 15.90 -33.21
C GLU D 326 24.61 15.62 -31.77
N ALA D 327 25.57 15.63 -30.85
CA ALA D 327 25.28 15.44 -29.42
C ALA D 327 24.42 16.58 -28.90
N LEU D 328 24.78 17.82 -29.24
CA LEU D 328 23.99 18.99 -28.85
C LEU D 328 22.57 18.93 -29.38
N LYS D 329 22.41 18.52 -30.64
CA LYS D 329 21.07 18.35 -31.22
C LYS D 329 20.25 17.31 -30.45
N ALA D 330 20.88 16.20 -30.09
CA ALA D 330 20.21 15.14 -29.33
C ALA D 330 19.82 15.58 -27.92
N PHE D 331 20.70 16.37 -27.29
CA PHE D 331 20.42 16.97 -25.99
C PHE D 331 19.12 17.78 -26.04
N HIS D 332 18.99 18.65 -27.03
CA HIS D 332 17.79 19.46 -27.19
C HIS D 332 16.60 18.58 -27.57
N GLU D 333 16.81 17.63 -28.47
CA GLU D 333 15.74 16.75 -28.92
C GLU D 333 15.14 15.94 -27.77
N LEU D 334 15.98 15.32 -26.95
CA LEU D 334 15.47 14.48 -25.85
C LEU D 334 14.73 15.33 -24.82
N SER D 335 15.27 16.49 -24.50
CA SER D 335 14.61 17.41 -23.55
C SER D 335 13.19 17.76 -24.01
N ARG D 336 13.06 18.21 -25.27
CA ARG D 336 11.78 18.69 -25.80
C ARG D 336 10.78 17.57 -26.10
N THR D 337 11.29 16.39 -26.44
CA THR D 337 10.44 15.29 -26.90
C THR D 337 10.02 14.33 -25.77
N GLU D 338 10.91 14.07 -24.82
CA GLU D 338 10.60 13.17 -23.69
C GLU D 338 10.62 13.83 -22.31
N GLY D 339 10.99 15.10 -22.25
CA GLY D 339 11.06 15.81 -20.97
C GLY D 339 12.17 15.25 -20.07
N ILE D 340 13.26 14.80 -20.71
CA ILE D 340 14.42 14.30 -19.99
C ILE D 340 15.62 15.06 -20.49
N ILE D 341 16.27 15.80 -19.59
CA ILE D 341 17.47 16.55 -19.92
C ILE D 341 18.67 15.61 -19.68
N PRO D 342 19.31 15.14 -20.77
CA PRO D 342 20.41 14.20 -20.62
C PRO D 342 21.75 14.90 -20.40
N ALA D 343 22.69 14.20 -19.78
CA ALA D 343 24.09 14.62 -19.77
C ALA D 343 24.59 14.69 -21.22
N LEU D 344 25.50 15.62 -21.50
CA LEU D 344 26.06 15.76 -22.83
C LEU D 344 26.79 14.50 -23.26
N GLU D 345 27.33 13.76 -22.31
CA GLU D 345 28.00 12.49 -22.58
C GLU D 345 26.97 11.51 -23.13
N SER D 346 25.88 11.36 -22.39
CA SER D 346 24.77 10.48 -22.76
C SER D 346 24.14 10.91 -24.08
N ALA D 347 24.10 12.21 -24.34
CA ALA D 347 23.54 12.75 -25.57
C ALA D 347 24.23 12.22 -26.83
N HIS D 348 25.52 11.86 -26.71
CA HIS D 348 26.23 11.20 -27.79
C HIS D 348 25.57 9.87 -28.14
N ALA D 349 25.25 9.08 -27.12
CA ALA D 349 24.58 7.79 -27.32
C ALA D 349 23.18 7.96 -27.89
N VAL D 350 22.44 8.93 -27.37
CA VAL D 350 21.10 9.24 -27.88
C VAL D 350 21.18 9.64 -29.36
N ALA D 351 22.15 10.51 -29.71
CA ALA D 351 22.34 10.94 -31.10
C ALA D 351 22.53 9.75 -32.04
N TYR D 352 23.45 8.85 -31.69
CA TYR D 352 23.68 7.69 -32.55
C TYR D 352 22.46 6.77 -32.63
N ALA D 353 21.81 6.56 -31.49
CA ALA D 353 20.61 5.71 -31.42
C ALA D 353 19.49 6.23 -32.34
N MET D 354 19.36 7.55 -32.42
CA MET D 354 18.38 8.16 -33.31
C MET D 354 18.68 7.91 -34.78
N LYS D 355 19.95 7.96 -35.16
CA LYS D 355 20.37 7.65 -36.52
C LYS D 355 20.16 6.17 -36.82
N LEU D 356 20.59 5.33 -35.88
CA LEU D 356 20.44 3.89 -36.04
C LEU D 356 18.95 3.49 -36.12
N ALA D 357 18.11 4.14 -35.32
CA ALA D 357 16.68 3.85 -35.28
C ALA D 357 16.00 4.06 -36.64
N LYS D 358 16.36 5.12 -37.35
CA LYS D 358 15.79 5.43 -38.68
C LYS D 358 16.09 4.34 -39.71
N GLU D 359 17.23 3.66 -39.56
CA GLU D 359 17.62 2.59 -40.47
C GLU D 359 16.96 1.26 -40.15
N MET D 360 16.42 1.10 -38.93
CA MET D 360 15.91 -0.18 -38.44
C MET D 360 14.39 -0.27 -38.52
N SER D 361 13.87 -1.49 -38.32
CA SER D 361 12.43 -1.76 -38.41
C SER D 361 11.69 -1.42 -37.12
N ARG D 362 10.40 -1.14 -37.26
CA ARG D 362 9.56 -0.68 -36.15
C ARG D 362 9.51 -1.61 -34.93
N ASP D 363 9.52 -2.92 -35.16
CA ASP D 363 9.46 -3.90 -34.06
C ASP D 363 10.81 -4.17 -33.40
N GLU D 364 11.90 -3.67 -33.99
CA GLU D 364 13.23 -3.87 -33.41
C GLU D 364 13.47 -2.95 -32.22
N ILE D 365 14.44 -3.33 -31.39
CA ILE D 365 14.62 -2.73 -30.07
C ILE D 365 16.04 -2.22 -29.88
N ILE D 366 16.15 -0.95 -29.55
CA ILE D 366 17.40 -0.35 -29.13
C ILE D 366 17.29 0.06 -27.68
N ILE D 367 18.26 -0.33 -26.86
CA ILE D 367 18.41 0.20 -25.51
C ILE D 367 19.59 1.16 -25.50
N VAL D 368 19.34 2.39 -25.07
CA VAL D 368 20.36 3.40 -24.91
C VAL D 368 20.63 3.57 -23.41
N ASN D 369 21.90 3.51 -23.02
CA ASN D 369 22.25 3.81 -21.64
C ASN D 369 22.27 5.32 -21.45
N LEU D 370 21.30 5.85 -20.73
CA LEU D 370 21.28 7.26 -20.41
C LEU D 370 22.09 7.46 -19.13
N SER D 371 23.40 7.63 -19.32
CA SER D 371 24.38 7.54 -18.23
C SER D 371 24.25 8.63 -17.15
N GLY D 372 23.71 9.79 -17.51
CA GLY D 372 23.50 10.86 -16.54
C GLY D 372 22.50 11.92 -16.94
N ARG D 373 22.22 12.83 -16.01
CA ARG D 373 21.34 13.96 -16.28
C ARG D 373 22.16 15.20 -16.64
N GLY D 374 21.52 16.14 -17.33
CA GLY D 374 22.23 17.28 -17.95
C GLY D 374 22.27 18.58 -17.17
N ASP D 375 21.89 18.55 -15.89
CA ASP D 375 21.94 19.75 -15.03
C ASP D 375 23.33 20.38 -15.04
N LYS D 376 24.37 19.56 -14.94
CA LYS D 376 25.75 20.03 -14.96
C LYS D 376 26.15 20.76 -16.25
N ASP D 377 25.45 20.46 -17.36
CA ASP D 377 25.82 20.94 -18.70
C ASP D 377 25.01 22.13 -19.21
N LEU D 378 24.14 22.68 -18.37
CA LEU D 378 23.24 23.76 -18.80
C LEU D 378 23.98 24.98 -19.36
N ASP D 379 25.04 25.40 -18.69
CA ASP D 379 25.82 26.57 -19.13
C ASP D 379 26.56 26.30 -20.44
N ILE D 380 27.11 25.09 -20.58
CA ILE D 380 27.76 24.67 -21.82
C ILE D 380 26.77 24.73 -22.99
N VAL D 381 25.57 24.21 -22.77
CA VAL D 381 24.55 24.17 -23.82
C VAL D 381 24.06 25.58 -24.16
N LEU D 382 23.83 26.41 -23.14
CA LEU D 382 23.41 27.80 -23.31
C LEU D 382 24.39 28.56 -24.19
N LYS D 383 25.68 28.46 -23.87
CA LYS D 383 26.74 29.13 -24.62
C LYS D 383 26.79 28.63 -26.07
N ALA D 384 26.66 27.33 -26.26
CA ALA D 384 26.60 26.76 -27.60
C ALA D 384 25.38 27.26 -28.37
N SER D 385 24.23 27.38 -27.69
CA SER D 385 23.02 27.93 -28.28
C SER D 385 23.08 29.45 -28.32
#